data_7LO6
#
_entry.id   7LO6
#
_cell.length_a   1.00
_cell.length_b   1.00
_cell.length_c   1.00
_cell.angle_alpha   90.00
_cell.angle_beta   90.00
_cell.angle_gamma   90.00
#
_symmetry.space_group_name_H-M   'P 1'
#
loop_
_entity.id
_entity.type
_entity.pdbx_description
1 polymer 'Envelope glycoprotein BG505 SOSIP.664 gp120'
2 polymer 'HIV-1 Envelope Glycoprotein BG505 SOSIP.664 gp41'
3 polymer '17b Fab Light Chain'
4 polymer '17b Fab Heavy Chain'
5 branched 2-acetamido-2-deoxy-beta-D-glucopyranose-(1-4)-2-acetamido-2-deoxy-beta-D-glucopyranose
6 branched alpha-D-mannopyranose-(1-6)-alpha-D-mannopyranose-(1-3)-beta-D-mannopyranose-(1-4)-2-acetamido-2-deoxy-beta-D-glucopyranose-(1-4)-2-acetamido-2-deoxy-beta-D-glucopyranose
7 branched alpha-D-mannopyranose-(1-2)-alpha-D-mannopyranose-(1-3)-[alpha-D-mannopyranose-(1-6)]beta-D-mannopyranose-(1-4)-2-acetamido-2-deoxy-beta-D-glucopyranose-(1-4)-2-acetamido-2-deoxy-beta-D-glucopyranose
8 branched alpha-D-mannopyranose-(1-2)-alpha-D-mannopyranose-(1-3)-[alpha-D-mannopyranose-(1-3)-alpha-D-mannopyranose-(1-6)]beta-D-mannopyranose-(1-4)-2-acetamido-2-deoxy-beta-D-glucopyranose-(1-4)-2-acetamido-2-deoxy-beta-D-glucopyranose
9 non-polymer 2-acetamido-2-deoxy-beta-D-glucopyranose
10 non-polymer "~{N}'-[(1~{R},2~{R})-2-(carbamimidamidomethyl)-5-(methylaminomethyl)-2,3-dihydro-1~{H}-inden-1-yl]-~{N}-(4-chloranyl-3-fluoranyl-phenyl)ethanediamide"
#
loop_
_entity_poly.entity_id
_entity_poly.type
_entity_poly.pdbx_seq_one_letter_code
_entity_poly.pdbx_strand_id
1 'polypeptide(L)'
;NLWVTVYYGVPVWKDAETTLFCASDAKAYETEKHNVWATHACVPTDPNPQEIHLENVTEEFNMWKNNMVEQMHTDIISLW
DQSLKPCVKLTPLCVTLQCTNVTNNITDDMRGELKNCSFNMTTELRDKKQKVYSLFYRLDVVQINENQGNRSNNSNKEYR
LINCNTSAITQACPKVSFEPIPIHYCAPAGFAILKCKDKKFNGTGPCPSVSTVQCTHGIKPVVSTQLLLNGSLAEEEVMI
RSENITNNAKNILVQFNTPVQINCTRPNNNTRKSIRIGPGQAFYATGDIIGDIRQAHCNVSKATWNETLGKVVKQLRKHF
GNNTIIRFANSSGGDLEVTTHSFNCGGEFFYCNTSGLFNSTWISNTSVQGSNSTGSNDSITLPCRIKQIINMWQRIGQAM
YAPPIQGVIRCVSNITGLILTRDGGSTNSTTETFRPGGGDMRDNWRSELYKYKVVKIEPLGVAPTRCKRRVVGRRRRRR
;
A,C,E
2 'polypeptide(L)'
;AVGIGAVFLGFLGAAGSTMGAASMTLTVQARNLLSGIVQQQSNLLRAPEAQQHLLKLTVWGIKQLQARVLAVERYLRDQQ
LLGIWGCSGKLICCTNVPWNSSWSNRNLSEIWDNMTWLQWDKEISNYTQIIYGLLEESQNQQEKNEQDLLALD
;
B,D,F
3 'polypeptide(L)'
;DIVMTQSPATLSVSPGERATLSCRASESVSSDLAWYQQKPGQAPRLLIYGASTRATGVPARFSGSGSGAEFTLTISSLQS
EDFAVYYCQQYNNWPPRYTFGQGTRLEIKRTVAAPSVFIFPPSDEQLKSGTASVVCLLNNFYPREAKVQWKVDNALQSGN
SQESVTEQDSKDSTYSLSSTLTLSKADYEKHKVYACEVTHQGLSSPVTKSFNRG
;
G,I,K
4 'polypeptide(L)'
;EVQLVESGAEVKKPGSSVKVSCKASGDTFIRYSFTWVRQAPGQGLEWMGRIITILDVAHYAPHLQGRVTITADKSTSTVY
LELRNLRSDDTAVYFCAGVYEGEADEGEYDNNGFLKHWGQGTLVTVSSASTKGPSVFPLAPSSKSTSGGTAALGCLVKDY
FPEPVTVSWNSGALTSGVHTFPAVLQSSGLYSLSSVVTVPSSSLGTQTYICNVNHKPSNTKVDKRVEPKSCDKHHHHHH
;
H,J,L
#
loop_
_chem_comp.id
_chem_comp.type
_chem_comp.name
_chem_comp.formula
5VG non-polymer ~{N}'-[(1~{R},2~{R})-2-(carbamimidamidomethyl)-5-(methylaminomethyl)-2,3-dihydro-1~{H}-inden-1-yl]-~{N}-(4-chloranyl-3-fluoranyl-phenyl)ethanediamide 'C21 H24 Cl F N6 O2'
BMA D-saccharide, beta linking beta-D-mannopyranose 'C6 H12 O6'
MAN D-saccharide, alpha linking alpha-D-mannopyranose 'C6 H12 O6'
NAG D-saccharide, beta linking 2-acetamido-2-deoxy-beta-D-glucopyranose 'C8 H15 N O6'
#
# COMPACT_ATOMS: atom_id res chain seq x y z
N ASN A 1 -27.78 -39.04 49.20
CA ASN A 1 -28.73 -38.31 48.37
C ASN A 1 -28.14 -36.96 47.96
N LEU A 2 -26.83 -36.81 48.12
CA LEU A 2 -26.12 -35.61 47.72
C LEU A 2 -25.51 -35.86 46.34
N TRP A 3 -26.08 -35.24 45.33
CA TRP A 3 -25.66 -35.45 43.96
C TRP A 3 -24.63 -34.40 43.58
N VAL A 4 -24.19 -34.44 42.32
CA VAL A 4 -23.26 -33.47 41.78
C VAL A 4 -23.99 -32.58 40.79
N THR A 5 -23.63 -31.31 40.78
CA THR A 5 -24.21 -30.33 39.88
C THR A 5 -23.15 -29.29 39.55
N VAL A 6 -23.26 -28.68 38.38
CA VAL A 6 -22.21 -27.79 37.88
C VAL A 6 -22.80 -26.54 37.26
N TYR A 7 -21.98 -25.50 37.18
CA TYR A 7 -22.43 -24.17 36.85
C TYR A 7 -21.44 -23.52 35.89
N TYR A 8 -21.96 -22.64 35.05
CA TYR A 8 -21.15 -21.91 34.08
C TYR A 8 -21.35 -20.42 34.30
N GLY A 9 -20.39 -19.77 34.95
CA GLY A 9 -20.50 -18.35 35.20
C GLY A 9 -19.96 -17.97 36.56
N VAL A 10 -19.62 -19.00 37.34
CA VAL A 10 -19.12 -18.90 38.71
C VAL A 10 -18.04 -17.82 38.83
N PRO A 11 -18.00 -17.10 39.94
CA PRO A 11 -16.89 -16.16 40.20
C PRO A 11 -15.65 -16.77 40.85
N VAL A 12 -14.80 -17.40 40.05
CA VAL A 12 -13.52 -17.92 40.52
C VAL A 12 -12.40 -17.26 39.73
N TRP A 13 -11.19 -17.39 40.25
CA TRP A 13 -9.99 -17.00 39.52
C TRP A 13 -8.79 -17.71 40.13
N LYS A 14 -7.65 -17.53 39.49
CA LYS A 14 -6.48 -18.30 39.88
C LYS A 14 -5.21 -17.60 39.40
N ASP A 15 -4.17 -17.64 40.21
CA ASP A 15 -2.92 -16.97 39.86
C ASP A 15 -2.26 -17.66 38.69
N ALA A 16 -1.87 -16.88 37.69
CA ALA A 16 -1.12 -17.40 36.54
C ALA A 16 -0.62 -16.23 35.73
N GLU A 17 0.31 -16.53 34.81
CA GLU A 17 0.94 -15.53 33.96
C GLU A 17 0.65 -15.84 32.50
N THR A 18 1.21 -15.02 31.63
CA THR A 18 0.99 -15.13 30.20
C THR A 18 2.04 -14.30 29.49
N THR A 19 1.85 -14.10 28.20
CA THR A 19 2.64 -13.15 27.42
C THR A 19 1.72 -11.97 27.15
N LEU A 20 1.75 -10.99 28.04
CA LEU A 20 0.89 -9.82 27.89
C LEU A 20 1.34 -8.98 26.71
N PHE A 21 0.39 -8.26 26.13
CA PHE A 21 0.67 -7.41 24.98
C PHE A 21 0.47 -5.95 25.35
N CYS A 22 1.31 -5.10 24.78
CA CYS A 22 1.25 -3.68 25.04
C CYS A 22 0.30 -2.99 24.08
N ALA A 23 -0.49 -2.07 24.59
CA ALA A 23 -1.38 -1.24 23.80
C ALA A 23 -1.06 0.22 24.06
N SER A 24 -1.22 1.04 23.04
CA SER A 24 -0.85 2.44 23.12
C SER A 24 -1.64 3.22 22.09
N ASP A 25 -1.44 4.53 22.08
CA ASP A 25 -1.97 5.41 21.05
C ASP A 25 -0.76 6.06 20.40
N ALA A 26 -0.29 5.46 19.32
CA ALA A 26 0.91 5.92 18.65
C ALA A 26 0.53 6.67 17.37
N LYS A 27 1.47 7.46 16.88
CA LYS A 27 1.31 8.17 15.61
C LYS A 27 2.24 7.55 14.59
N ALA A 28 1.70 7.23 13.42
CA ALA A 28 2.43 6.45 12.42
C ALA A 28 3.19 7.30 11.42
N TYR A 29 2.80 8.55 11.25
CA TYR A 29 3.45 9.45 10.29
C TYR A 29 4.70 10.11 10.84
N GLU A 30 5.04 9.86 12.10
CA GLU A 30 6.16 10.55 12.71
C GLU A 30 7.41 9.69 12.58
N THR A 31 8.49 10.10 13.25
CA THR A 31 9.74 9.36 13.19
C THR A 31 10.40 9.18 14.55
N GLU A 32 9.98 9.92 15.58
CA GLU A 32 10.59 9.79 16.90
C GLU A 32 10.58 8.33 17.33
N LYS A 33 11.75 7.84 17.74
CA LYS A 33 11.96 6.41 17.90
C LYS A 33 10.91 5.75 18.79
N HIS A 34 10.39 6.46 19.79
CA HIS A 34 9.38 5.87 20.65
C HIS A 34 8.01 5.77 19.98
N ASN A 35 7.93 6.02 18.69
CA ASN A 35 6.69 5.81 17.95
C ASN A 35 6.83 4.77 16.85
N VAL A 36 7.95 4.76 16.13
CA VAL A 36 8.23 3.65 15.23
C VAL A 36 8.09 2.33 15.98
N TRP A 37 8.83 2.20 17.08
CA TRP A 37 8.78 0.96 17.85
C TRP A 37 7.37 0.64 18.31
N ALA A 38 6.54 1.67 18.52
CA ALA A 38 5.21 1.41 19.05
C ALA A 38 4.28 0.91 17.97
N THR A 39 3.94 1.76 17.01
CA THR A 39 2.91 1.41 16.03
C THR A 39 3.16 0.05 15.41
N HIS A 40 4.42 -0.26 15.15
CA HIS A 40 4.78 -1.61 14.71
C HIS A 40 4.47 -2.65 15.76
N ALA A 41 5.16 -2.60 16.89
CA ALA A 41 5.04 -3.66 17.90
C ALA A 41 4.09 -3.22 19.03
N CYS A 42 2.87 -2.88 18.64
CA CYS A 42 1.84 -2.49 19.58
C CYS A 42 0.50 -2.43 18.85
N VAL A 43 -0.53 -2.01 19.56
CA VAL A 43 -1.91 -2.06 19.08
C VAL A 43 -2.57 -0.71 19.37
N PRO A 44 -3.46 -0.22 18.53
CA PRO A 44 -4.17 1.02 18.85
C PRO A 44 -4.82 0.95 20.21
N THR A 45 -4.89 2.10 20.87
CA THR A 45 -5.34 2.15 22.25
C THR A 45 -6.83 1.83 22.36
N ASP A 46 -7.30 1.85 23.57
CA ASP A 46 -8.62 1.57 24.11
C ASP A 46 -9.50 2.81 24.03
N PRO A 47 -10.75 2.65 23.63
CA PRO A 47 -11.66 3.80 23.57
C PRO A 47 -12.20 4.16 24.95
N ASN A 48 -12.41 3.15 25.79
CA ASN A 48 -12.94 3.34 27.12
C ASN A 48 -12.63 2.13 28.00
N PRO A 49 -11.52 2.14 28.74
CA PRO A 49 -11.22 0.99 29.61
C PRO A 49 -12.34 0.72 30.59
N GLN A 50 -13.00 -0.43 30.43
CA GLN A 50 -14.18 -0.77 31.21
C GLN A 50 -13.76 -1.36 32.55
N GLU A 51 -14.03 -0.61 33.62
CA GLU A 51 -13.65 -1.01 34.98
C GLU A 51 -14.87 -1.47 35.74
N ILE A 52 -14.65 -2.39 36.67
CA ILE A 52 -15.71 -2.85 37.58
C ILE A 52 -15.15 -2.90 38.98
N HIS A 53 -15.94 -2.45 39.95
CA HIS A 53 -15.56 -2.56 41.35
C HIS A 53 -16.33 -3.69 42.01
N LEU A 54 -15.74 -4.27 43.05
CA LEU A 54 -16.31 -5.40 43.74
C LEU A 54 -16.58 -5.02 45.19
N GLU A 55 -17.00 -6.02 45.98
CA GLU A 55 -17.23 -5.82 47.40
C GLU A 55 -16.68 -7.00 48.16
N ASN A 56 -16.25 -6.77 49.40
CA ASN A 56 -15.99 -7.84 50.36
C ASN A 56 -14.99 -8.85 49.79
N VAL A 57 -13.86 -8.33 49.32
CA VAL A 57 -12.84 -9.13 48.66
C VAL A 57 -11.46 -8.66 49.11
N THR A 58 -10.57 -9.61 49.34
CA THR A 58 -9.20 -9.32 49.80
C THR A 58 -8.24 -10.39 49.26
N GLU A 59 -7.48 -10.06 48.22
CA GLU A 59 -6.43 -10.93 47.72
C GLU A 59 -5.10 -10.18 47.73
N GLU A 60 -4.04 -10.87 48.14
CA GLU A 60 -2.79 -10.23 48.51
C GLU A 60 -1.84 -10.14 47.31
N PHE A 61 -1.22 -8.97 47.16
CA PHE A 61 -0.33 -8.72 46.04
C PHE A 61 1.12 -8.85 46.51
N ASN A 62 2.05 -8.62 45.58
CA ASN A 62 3.47 -8.55 45.92
C ASN A 62 4.17 -7.79 44.82
N MET A 63 4.63 -6.58 45.11
CA MET A 63 5.22 -5.72 44.09
C MET A 63 6.58 -6.20 43.65
N TRP A 64 7.18 -7.16 44.34
CA TRP A 64 8.55 -7.57 44.02
C TRP A 64 8.60 -8.85 43.21
N LYS A 65 7.97 -9.91 43.70
CA LYS A 65 7.93 -11.16 42.94
C LYS A 65 6.81 -11.03 41.91
N ASN A 66 7.16 -10.43 40.78
CA ASN A 66 6.23 -10.24 39.66
C ASN A 66 6.88 -10.72 38.38
N ASN A 67 6.09 -10.70 37.31
CA ASN A 67 6.59 -10.97 35.98
C ASN A 67 6.25 -9.89 34.99
N MET A 68 5.18 -9.13 35.21
CA MET A 68 4.94 -7.94 34.41
C MET A 68 6.21 -7.12 34.29
N VAL A 69 6.97 -7.05 35.38
CA VAL A 69 8.13 -6.17 35.45
C VAL A 69 9.23 -6.66 34.54
N GLU A 70 9.65 -7.91 34.69
CA GLU A 70 10.69 -8.43 33.82
C GLU A 70 10.25 -8.41 32.36
N GLN A 71 8.98 -8.70 32.13
CA GLN A 71 8.46 -8.61 30.77
C GLN A 71 8.68 -7.24 30.18
N MET A 72 8.28 -6.19 30.92
CA MET A 72 8.47 -4.84 30.41
C MET A 72 9.95 -4.50 30.27
N HIS A 73 10.78 -5.02 31.17
CA HIS A 73 12.21 -4.81 31.07
C HIS A 73 12.73 -5.31 29.72
N THR A 74 12.34 -6.53 29.35
CA THR A 74 12.79 -7.04 28.07
C THR A 74 12.20 -6.26 26.91
N ASP A 75 10.90 -5.94 27.00
CA ASP A 75 10.25 -5.20 25.92
C ASP A 75 10.84 -3.81 25.75
N ILE A 76 11.55 -3.31 26.75
CA ILE A 76 12.18 -2.01 26.60
C ILE A 76 13.63 -2.11 26.16
N ILE A 77 14.34 -3.15 26.58
CA ILE A 77 15.63 -3.40 25.93
C ILE A 77 15.44 -3.54 24.44
N SER A 78 14.35 -4.20 24.04
CA SER A 78 14.06 -4.38 22.63
C SER A 78 13.49 -3.13 21.98
N LEU A 79 13.31 -2.05 22.73
CA LEU A 79 13.08 -0.77 22.11
C LEU A 79 14.37 0.01 21.96
N TRP A 80 15.18 0.00 23.02
CA TRP A 80 16.42 0.74 22.99
C TRP A 80 17.34 0.22 21.90
N ASP A 81 17.55 -1.10 21.84
CA ASP A 81 18.47 -1.64 20.85
C ASP A 81 18.10 -1.22 19.44
N GLN A 82 16.82 -1.17 19.14
CA GLN A 82 16.41 -0.76 17.81
C GLN A 82 16.50 0.74 17.61
N SER A 83 16.34 1.53 18.68
CA SER A 83 16.19 2.97 18.51
C SER A 83 17.53 3.71 18.54
N LEU A 84 18.25 3.64 19.65
CA LEU A 84 19.44 4.47 19.86
C LEU A 84 20.69 3.66 19.56
N LYS A 85 21.00 3.56 18.28
CA LYS A 85 22.11 2.72 17.87
C LYS A 85 23.43 3.39 18.19
N PRO A 86 24.34 2.71 18.88
CA PRO A 86 25.67 3.26 19.09
C PRO A 86 26.48 3.19 17.81
N CYS A 87 27.75 3.59 17.91
CA CYS A 87 28.71 3.33 16.85
C CYS A 87 30.07 2.90 17.37
N VAL A 88 30.14 2.50 18.65
CA VAL A 88 31.21 1.63 19.15
C VAL A 88 30.74 1.05 20.49
N LYS A 89 30.91 -0.27 20.63
CA LYS A 89 30.31 -1.03 21.73
C LYS A 89 31.22 -2.20 22.08
N LEU A 90 31.48 -2.36 23.38
CA LEU A 90 32.42 -3.37 23.86
C LEU A 90 31.80 -4.16 25.00
N THR A 91 32.05 -5.48 25.00
CA THR A 91 31.64 -6.35 26.09
C THR A 91 32.25 -7.74 25.98
N PRO A 92 32.73 -8.32 27.08
CA PRO A 92 33.16 -9.72 27.04
C PRO A 92 31.99 -10.66 26.75
N LEU A 93 32.25 -11.69 25.94
CA LEU A 93 31.24 -12.65 25.52
C LEU A 93 31.66 -14.08 25.85
N CYS A 94 32.11 -14.31 27.06
CA CYS A 94 32.52 -15.64 27.50
C CYS A 94 32.72 -15.69 29.01
N ASN A 163 37.87 -10.57 30.53
CA ASN A 163 37.91 -11.94 31.02
C ASN A 163 37.75 -12.94 29.88
N CYS A 164 37.09 -12.52 28.80
CA CYS A 164 36.92 -13.33 27.61
C CYS A 164 36.73 -12.42 26.41
N ASN A 165 36.62 -13.04 25.23
CA ASN A 165 36.63 -12.29 23.97
C ASN A 165 35.51 -11.26 23.93
N THR A 166 35.77 -10.18 23.22
CA THR A 166 34.82 -9.11 22.99
C THR A 166 34.60 -8.96 21.49
N SER A 167 33.86 -7.93 21.10
CA SER A 167 33.70 -7.62 19.68
C SER A 167 33.28 -6.16 19.55
N ALA A 168 34.18 -5.33 19.03
CA ALA A 168 33.76 -4.02 18.56
C ALA A 168 32.68 -4.19 17.50
N ILE A 169 31.78 -3.20 17.43
CA ILE A 169 30.69 -3.20 16.46
C ILE A 169 30.61 -1.79 15.90
N THR A 170 31.21 -1.59 14.72
CA THR A 170 31.22 -0.26 14.05
C THR A 170 30.04 -0.16 13.07
N GLN A 171 29.12 0.76 13.34
CA GLN A 171 27.92 0.97 12.47
C GLN A 171 27.60 2.46 12.39
N ALA A 172 26.49 2.80 11.74
CA ALA A 172 26.06 4.22 11.60
C ALA A 172 25.37 4.67 12.89
N CYS A 173 25.58 5.92 13.29
CA CYS A 173 24.97 6.46 14.49
C CYS A 173 24.53 7.89 14.24
N PRO A 174 23.49 8.09 13.44
CA PRO A 174 22.94 9.43 13.30
C PRO A 174 22.22 9.85 14.56
N LYS A 175 22.27 11.16 14.84
CA LYS A 175 21.60 11.69 16.00
C LYS A 175 20.11 11.76 15.72
N VAL A 176 19.29 11.34 16.69
CA VAL A 176 17.87 11.15 16.46
C VAL A 176 17.11 11.46 17.74
N SER A 177 15.90 12.01 17.58
CA SER A 177 15.06 12.37 18.70
C SER A 177 14.77 11.16 19.58
N PHE A 178 14.41 11.41 20.84
CA PHE A 178 14.22 10.33 21.79
C PHE A 178 13.41 10.87 22.97
N GLU A 179 12.20 10.35 23.16
CA GLU A 179 11.38 10.77 24.30
C GLU A 179 10.27 9.75 24.57
N PRO A 180 10.08 9.36 25.82
CA PRO A 180 9.09 8.32 26.11
C PRO A 180 7.67 8.83 25.92
N ILE A 181 6.74 7.88 25.89
CA ILE A 181 5.30 8.15 25.80
C ILE A 181 4.58 7.12 26.65
N PRO A 182 3.27 7.27 26.91
CA PRO A 182 2.55 6.23 27.65
C PRO A 182 2.30 4.99 26.80
N ILE A 183 2.63 3.84 27.36
CA ILE A 183 2.43 2.54 26.72
C ILE A 183 1.98 1.57 27.80
N HIS A 184 0.74 1.09 27.71
CA HIS A 184 0.13 0.37 28.81
C HIS A 184 -0.15 -1.07 28.42
N TYR A 185 0.17 -1.97 29.34
CA TYR A 185 0.02 -3.39 29.11
C TYR A 185 -1.42 -3.82 29.33
N CYS A 186 -1.84 -4.84 28.59
CA CYS A 186 -3.21 -5.34 28.70
C CYS A 186 -3.18 -6.86 28.90
N ALA A 187 -4.37 -7.42 29.17
CA ALA A 187 -4.50 -8.82 29.56
C ALA A 187 -5.17 -9.62 28.46
N PRO A 188 -4.53 -10.68 27.96
CA PRO A 188 -5.09 -11.39 26.80
C PRO A 188 -6.45 -11.94 27.12
N ALA A 189 -7.20 -12.23 26.07
CA ALA A 189 -8.58 -12.64 26.24
C ALA A 189 -8.66 -13.93 27.05
N GLY A 190 -9.34 -13.87 28.19
CA GLY A 190 -9.47 -15.00 29.09
C GLY A 190 -8.89 -14.75 30.47
N PHE A 191 -8.13 -13.70 30.65
CA PHE A 191 -7.53 -13.37 31.93
C PHE A 191 -8.08 -12.04 32.41
N ALA A 192 -7.49 -11.51 33.48
CA ALA A 192 -7.94 -10.23 34.02
C ALA A 192 -6.78 -9.54 34.73
N ILE A 193 -6.92 -8.23 34.91
CA ILE A 193 -5.96 -7.42 35.63
C ILE A 193 -6.61 -6.92 36.91
N LEU A 194 -6.02 -7.27 38.04
CA LEU A 194 -6.51 -6.88 39.35
C LEU A 194 -5.75 -5.67 39.86
N LYS A 195 -6.47 -4.76 40.52
CA LYS A 195 -5.98 -3.48 40.98
C LYS A 195 -5.82 -3.50 42.49
N CYS A 196 -5.15 -2.47 43.02
CA CYS A 196 -5.09 -2.19 44.46
C CYS A 196 -5.56 -0.76 44.66
N LYS A 197 -6.87 -0.59 44.79
CA LYS A 197 -7.37 0.76 44.94
C LYS A 197 -7.14 1.33 46.33
N ASP A 198 -6.50 0.58 47.23
CA ASP A 198 -6.17 1.13 48.53
C ASP A 198 -5.20 2.29 48.39
N LYS A 199 -5.35 3.28 49.26
CA LYS A 199 -4.47 4.43 49.27
C LYS A 199 -3.41 4.34 50.36
N LYS A 200 -3.13 3.13 50.84
CA LYS A 200 -2.16 2.93 51.91
C LYS A 200 -1.34 1.68 51.65
N PHE A 201 -1.14 1.32 50.38
CA PHE A 201 -0.55 0.03 50.08
C PHE A 201 0.93 0.04 50.45
N ASN A 202 1.21 -0.37 51.67
CA ASN A 202 2.50 -0.92 52.02
C ASN A 202 2.88 -2.00 51.02
N GLY A 203 4.18 -2.20 50.86
CA GLY A 203 4.75 -3.08 49.85
C GLY A 203 3.97 -4.35 49.51
N THR A 204 3.48 -5.05 50.53
CA THR A 204 2.68 -6.25 50.33
C THR A 204 1.52 -6.20 51.31
N GLY A 205 0.62 -7.18 51.21
CA GLY A 205 -0.51 -7.24 52.11
C GLY A 205 -1.84 -7.09 51.40
N PRO A 206 -2.91 -7.58 52.03
CA PRO A 206 -4.22 -7.61 51.36
C PRO A 206 -4.75 -6.20 51.10
N CYS A 207 -4.89 -5.87 49.84
CA CYS A 207 -5.47 -4.60 49.41
C CYS A 207 -6.98 -4.65 49.63
N PRO A 208 -7.50 -3.95 50.64
CA PRO A 208 -8.87 -4.20 51.09
C PRO A 208 -9.94 -3.76 50.11
N SER A 209 -9.58 -3.18 48.97
CA SER A 209 -10.58 -2.92 47.93
C SER A 209 -9.91 -3.13 46.59
N VAL A 210 -10.35 -4.15 45.86
CA VAL A 210 -9.77 -4.48 44.56
C VAL A 210 -10.86 -4.34 43.50
N SER A 211 -10.43 -3.92 42.32
CA SER A 211 -11.35 -3.74 41.21
C SER A 211 -10.65 -4.25 39.95
N THR A 212 -11.46 -4.62 38.97
CA THR A 212 -10.98 -5.21 37.73
C THR A 212 -10.96 -4.18 36.62
N VAL A 213 -9.91 -4.24 35.80
CA VAL A 213 -9.75 -3.36 34.66
C VAL A 213 -9.03 -4.12 33.56
N GLN A 214 -9.45 -3.89 32.33
CA GLN A 214 -8.78 -4.48 31.18
C GLN A 214 -7.35 -3.96 31.04
N CYS A 215 -7.19 -2.68 30.73
CA CYS A 215 -5.89 -2.13 30.41
C CYS A 215 -5.53 -1.12 31.48
N THR A 216 -4.23 -0.98 31.71
CA THR A 216 -3.75 -0.17 32.82
C THR A 216 -3.60 1.29 32.40
N HIS A 217 -3.23 2.13 33.36
CA HIS A 217 -3.01 3.54 33.08
C HIS A 217 -1.75 3.72 32.24
N GLY A 218 -1.72 4.81 31.48
CA GLY A 218 -0.58 5.12 30.65
C GLY A 218 0.70 5.09 31.44
N ILE A 219 1.80 4.70 30.80
CA ILE A 219 3.08 4.53 31.50
C ILE A 219 4.19 4.97 30.56
N LYS A 220 4.98 5.93 31.00
CA LYS A 220 6.11 6.39 30.22
C LYS A 220 7.37 5.68 30.68
N PRO A 221 8.09 5.04 29.81
CA PRO A 221 9.33 4.31 30.14
C PRO A 221 10.56 5.20 30.28
N VAL A 222 10.74 5.76 31.48
CA VAL A 222 11.80 6.70 31.79
C VAL A 222 12.94 5.99 32.50
N VAL A 223 14.16 6.47 32.27
CA VAL A 223 15.37 5.92 32.86
C VAL A 223 16.17 7.05 33.50
N SER A 224 16.78 6.77 34.65
CA SER A 224 17.67 7.71 35.32
C SER A 224 18.40 6.97 36.43
N THR A 225 19.10 7.71 37.30
CA THR A 225 19.53 7.19 38.58
C THR A 225 19.19 8.18 39.67
N GLN A 226 18.86 7.63 40.85
CA GLN A 226 18.62 8.41 42.05
C GLN A 226 17.47 9.39 41.92
N LEU A 227 16.73 9.34 40.83
CA LEU A 227 15.62 10.27 40.62
C LEU A 227 14.63 9.66 39.66
N LEU A 228 13.37 9.53 40.08
CA LEU A 228 12.32 8.99 39.23
C LEU A 228 11.58 10.15 38.57
N LEU A 229 12.27 10.75 37.59
CA LEU A 229 11.75 11.91 36.81
C LEU A 229 10.59 11.42 35.93
N ASN A 230 9.51 12.21 35.85
CA ASN A 230 8.29 11.90 35.06
C ASN A 230 7.58 10.65 35.58
N GLY A 231 7.67 10.38 36.89
CA GLY A 231 6.97 9.23 37.47
C GLY A 231 5.63 9.65 38.06
N SER A 232 4.75 8.67 38.32
CA SER A 232 3.45 8.96 38.89
C SER A 232 3.51 8.97 40.41
N LEU A 233 2.52 9.62 41.01
CA LEU A 233 2.57 10.07 42.38
C LEU A 233 1.44 9.45 43.20
N ALA A 234 1.63 9.47 44.51
CA ALA A 234 0.64 8.96 45.45
C ALA A 234 -0.52 9.95 45.54
N GLU A 235 -1.43 9.72 46.47
CA GLU A 235 -2.67 10.47 46.55
C GLU A 235 -2.78 11.38 47.77
N GLU A 236 -2.35 10.93 48.95
CA GLU A 236 -2.46 11.77 50.14
C GLU A 236 -1.11 12.13 50.75
N GLU A 237 -0.31 11.16 51.15
CA GLU A 237 0.94 11.46 51.85
C GLU A 237 2.05 10.59 51.31
N VAL A 238 3.27 11.13 51.34
CA VAL A 238 4.45 10.39 50.91
C VAL A 238 4.53 9.08 51.67
N MET A 239 4.75 7.99 50.95
CA MET A 239 4.94 6.68 51.55
C MET A 239 6.19 6.04 50.98
N ILE A 240 6.98 5.44 51.85
CA ILE A 240 8.16 4.72 51.40
C ILE A 240 7.78 3.27 51.16
N ARG A 241 8.62 2.56 50.42
CA ARG A 241 8.44 1.14 50.18
C ARG A 241 9.81 0.48 50.09
N SER A 242 9.94 -0.69 50.70
CA SER A 242 11.22 -1.39 50.73
C SER A 242 11.00 -2.89 50.77
N GLU A 243 11.87 -3.62 50.09
CA GLU A 243 11.75 -5.07 50.07
C GLU A 243 11.84 -5.64 51.48
N ASN A 244 12.98 -5.46 52.13
CA ASN A 244 13.17 -5.84 53.54
C ASN A 244 13.91 -4.68 54.20
N ILE A 245 13.14 -3.74 54.75
CA ILE A 245 13.70 -2.53 55.33
C ILE A 245 14.79 -2.83 56.34
N THR A 246 14.86 -4.06 56.82
CA THR A 246 15.90 -4.51 57.75
C THR A 246 16.96 -5.34 57.03
N ASN A 247 17.32 -4.95 55.82
CA ASN A 247 18.37 -5.67 55.10
C ASN A 247 19.03 -4.72 54.11
N ASN A 248 20.33 -4.54 54.24
CA ASN A 248 21.06 -3.63 53.37
C ASN A 248 21.22 -4.15 51.95
N ALA A 249 20.92 -5.41 51.71
CA ALA A 249 21.05 -5.98 50.37
C ALA A 249 19.98 -5.52 49.43
N LYS A 250 19.16 -4.55 49.82
CA LYS A 250 18.02 -4.13 49.02
C LYS A 250 17.98 -2.61 48.93
N ASN A 251 17.40 -2.13 47.84
CA ASN A 251 17.37 -0.71 47.54
C ASN A 251 16.03 -0.13 47.94
N ILE A 252 16.07 1.01 48.61
CA ILE A 252 14.84 1.63 49.11
C ILE A 252 14.07 2.23 47.94
N LEU A 253 12.81 2.56 48.21
CA LEU A 253 11.97 3.17 47.19
C LEU A 253 11.01 4.14 47.88
N VAL A 254 11.10 5.40 47.52
CA VAL A 254 10.26 6.44 48.09
C VAL A 254 9.33 6.93 46.99
N GLN A 255 8.33 7.71 47.37
CA GLN A 255 7.52 8.43 46.41
C GLN A 255 7.20 9.81 46.95
N PHE A 256 6.63 10.66 46.10
CA PHE A 256 6.17 11.98 46.49
C PHE A 256 4.70 12.13 46.13
N ASN A 257 4.03 13.03 46.86
CA ASN A 257 2.70 13.49 46.49
C ASN A 257 2.73 14.72 45.62
N THR A 258 3.80 15.47 45.69
CA THR A 258 3.98 16.67 44.92
C THR A 258 5.18 16.52 43.98
N PRO A 259 5.08 17.04 42.77
CA PRO A 259 6.18 16.95 41.82
C PRO A 259 7.18 18.08 42.05
N VAL A 260 8.40 17.73 42.47
CA VAL A 260 9.47 18.71 42.57
C VAL A 260 9.96 18.99 41.15
N GLN A 261 9.69 20.18 40.65
CA GLN A 261 10.06 20.49 39.27
C GLN A 261 11.56 20.69 39.15
N ILE A 262 12.13 20.20 38.04
CA ILE A 262 13.55 20.34 37.76
C ILE A 262 13.72 20.70 36.30
N ASN A 263 14.79 21.43 36.00
CA ASN A 263 14.98 22.00 34.68
C ASN A 263 16.47 21.96 34.32
N CYS A 264 16.81 21.20 33.28
CA CYS A 264 18.19 21.10 32.83
C CYS A 264 18.31 21.76 31.46
N THR A 265 19.47 22.34 31.17
CA THR A 265 19.68 22.98 29.87
C THR A 265 21.16 23.20 29.62
N ARG A 266 21.51 23.23 28.33
CA ARG A 266 22.90 23.50 27.96
C ARG A 266 23.01 24.93 27.46
N PRO A 267 23.98 25.70 27.96
CA PRO A 267 24.12 27.10 27.55
C PRO A 267 24.63 27.21 26.12
N ASN A 268 23.87 27.90 25.28
CA ASN A 268 24.24 28.09 23.88
C ASN A 268 25.64 28.69 23.75
N ASP A 292 32.94 24.88 27.56
CA ASP A 292 33.01 24.65 26.12
C ASP A 292 31.64 24.30 25.55
N ILE A 293 31.58 23.22 24.76
CA ILE A 293 30.32 22.78 24.18
C ILE A 293 29.65 21.71 25.02
N ARG A 294 30.43 20.74 25.51
CA ARG A 294 29.91 19.69 26.36
C ARG A 294 29.92 20.16 27.80
N GLN A 295 28.94 21.00 28.13
CA GLN A 295 28.81 21.51 29.49
C GLN A 295 27.44 22.16 29.62
N ALA A 296 26.72 21.82 30.67
CA ALA A 296 25.35 22.28 30.85
C ALA A 296 25.07 22.54 32.33
N HIS A 297 23.99 23.25 32.59
CA HIS A 297 23.59 23.56 33.95
C HIS A 297 22.15 23.15 34.16
N CYS A 298 21.88 22.63 35.35
CA CYS A 298 20.55 22.25 35.77
C CYS A 298 20.16 23.06 36.99
N ASN A 299 18.87 23.13 37.27
CA ASN A 299 18.42 23.85 38.44
C ASN A 299 17.19 23.19 39.03
N VAL A 300 17.11 23.27 40.36
CA VAL A 300 15.96 22.88 41.15
C VAL A 300 15.92 23.81 42.36
N SER A 301 14.72 24.07 42.86
CA SER A 301 14.55 25.02 43.95
C SER A 301 15.37 24.62 45.17
N LYS A 302 15.85 25.63 45.90
CA LYS A 302 16.49 25.42 47.18
C LYS A 302 15.48 25.28 48.31
N ALA A 303 14.29 25.84 48.14
CA ALA A 303 13.28 25.84 49.18
C ALA A 303 12.44 24.57 49.19
N THR A 304 11.84 24.23 48.03
CA THR A 304 10.95 23.06 47.98
C THR A 304 11.70 21.78 48.28
N TRP A 305 12.88 21.60 47.65
CA TRP A 305 13.67 20.41 47.92
C TRP A 305 13.91 20.22 49.41
N ASN A 306 14.41 21.26 50.08
CA ASN A 306 14.61 21.23 51.52
C ASN A 306 13.30 21.20 52.29
N GLU A 307 12.17 21.40 51.61
CA GLU A 307 10.85 21.30 52.22
C GLU A 307 10.23 19.93 52.00
N THR A 308 10.26 19.43 50.75
CA THR A 308 9.73 18.09 50.50
C THR A 308 10.55 17.03 51.20
N LEU A 309 11.86 17.21 51.31
CA LEU A 309 12.67 16.26 52.07
C LEU A 309 12.26 16.21 53.54
N GLY A 310 11.40 17.13 53.98
CA GLY A 310 10.92 17.06 55.34
C GLY A 310 9.99 15.89 55.58
N LYS A 311 8.87 15.86 54.86
CA LYS A 311 7.95 14.73 55.00
C LYS A 311 8.68 13.41 54.81
N VAL A 312 9.69 13.39 53.94
CA VAL A 312 10.51 12.20 53.76
C VAL A 312 11.13 11.78 55.07
N VAL A 313 11.89 12.68 55.71
CA VAL A 313 12.57 12.30 56.94
C VAL A 313 11.56 11.98 58.02
N LYS A 314 10.38 12.60 57.96
CA LYS A 314 9.32 12.29 58.91
C LYS A 314 8.93 10.83 58.81
N GLN A 315 8.42 10.41 57.64
CA GLN A 315 8.06 9.01 57.45
C GLN A 315 9.23 8.09 57.71
N LEU A 316 10.44 8.56 57.41
CA LEU A 316 11.64 7.75 57.63
C LEU A 316 11.79 7.42 59.11
N ARG A 317 11.92 8.44 59.95
CA ARG A 317 12.01 8.21 61.38
C ARG A 317 10.83 7.41 61.88
N LYS A 318 9.65 7.59 61.28
CA LYS A 318 8.53 6.72 61.61
C LYS A 318 8.88 5.27 61.35
N HIS A 319 9.59 5.00 60.26
CA HIS A 319 10.04 3.64 59.96
C HIS A 319 11.39 3.32 60.57
N PHE A 320 12.25 4.32 60.76
CA PHE A 320 13.62 4.10 61.22
C PHE A 320 13.78 4.31 62.71
N GLY A 321 12.73 4.09 63.50
CA GLY A 321 12.83 4.37 64.91
C GLY A 321 12.57 5.84 65.18
N ASN A 322 11.71 6.13 66.15
CA ASN A 322 11.03 7.42 66.23
C ASN A 322 11.89 8.56 66.77
N ASN A 323 13.15 8.31 67.15
CA ASN A 323 13.99 9.38 67.65
C ASN A 323 15.46 9.03 67.37
N THR A 324 16.01 9.63 66.33
CA THR A 324 17.43 9.54 66.05
C THR A 324 17.88 10.81 65.35
N ILE A 325 19.20 10.99 65.31
CA ILE A 325 19.83 12.01 64.48
C ILE A 325 20.29 11.31 63.20
N ILE A 326 20.04 11.95 62.06
CA ILE A 326 20.28 11.31 60.76
C ILE A 326 21.06 12.28 59.87
N ARG A 327 22.10 11.76 59.21
CA ARG A 327 22.98 12.52 58.34
C ARG A 327 22.66 12.23 56.88
N PHE A 328 23.17 13.07 56.00
CA PHE A 328 22.96 12.96 54.56
C PHE A 328 24.31 12.91 53.87
N ALA A 329 24.61 11.78 53.24
CA ALA A 329 25.94 11.53 52.71
C ALA A 329 25.92 11.22 51.22
N ASN A 330 27.06 11.53 50.58
CA ASN A 330 27.39 11.19 49.21
C ASN A 330 27.71 9.71 49.09
N SER A 331 27.55 9.19 47.88
CA SER A 331 27.91 7.81 47.60
C SER A 331 29.36 7.55 47.92
N SER A 332 29.65 6.33 48.34
CA SER A 332 31.02 5.91 48.65
C SER A 332 31.94 6.07 47.45
N GLY A 333 31.65 5.30 46.40
CA GLY A 333 32.49 5.34 45.22
C GLY A 333 32.08 4.32 44.18
N GLY A 334 33.06 3.70 43.51
CA GLY A 334 32.77 2.69 42.52
C GLY A 334 32.54 3.25 41.14
N ASP A 335 31.59 2.67 40.42
CA ASP A 335 31.30 3.11 39.07
C ASP A 335 30.85 4.56 39.06
N LEU A 336 31.13 5.24 37.96
CA LEU A 336 30.72 6.62 37.81
C LEU A 336 29.24 6.73 37.47
N GLU A 337 28.76 5.88 36.56
CA GLU A 337 27.44 6.06 35.96
C GLU A 337 26.37 6.35 37.01
N VAL A 338 26.41 5.66 38.13
CA VAL A 338 25.36 5.78 39.13
C VAL A 338 25.71 6.75 40.24
N THR A 339 26.99 7.07 40.43
CA THR A 339 27.40 7.99 41.47
C THR A 339 27.12 9.46 41.11
N THR A 340 26.31 9.67 40.07
CA THR A 340 25.77 10.99 39.74
C THR A 340 24.26 10.85 39.62
N HIS A 341 23.60 11.89 39.11
CA HIS A 341 22.22 11.74 38.66
C HIS A 341 22.24 11.73 37.14
N SER A 342 22.41 10.52 36.60
CA SER A 342 22.63 10.34 35.17
C SER A 342 21.36 9.85 34.49
N PHE A 343 21.16 10.29 33.27
CA PHE A 343 20.01 9.94 32.45
C PHE A 343 20.19 10.59 31.08
N ASN A 344 19.39 10.15 30.12
CA ASN A 344 19.41 10.72 28.79
C ASN A 344 18.14 11.54 28.55
N CYS A 345 18.27 12.51 27.67
CA CYS A 345 17.14 13.32 27.23
C CYS A 345 17.57 14.06 25.98
N GLY A 346 16.62 14.30 25.10
CA GLY A 346 16.93 14.92 23.82
C GLY A 346 17.95 14.13 23.03
N GLY A 347 18.20 12.90 23.43
CA GLY A 347 19.16 12.05 22.76
C GLY A 347 20.55 12.09 23.35
N GLU A 348 20.77 12.85 24.41
CA GLU A 348 22.11 13.02 24.96
C GLU A 348 22.15 12.58 26.41
N PHE A 349 23.30 12.02 26.80
CA PHE A 349 23.47 11.36 28.09
C PHE A 349 24.07 12.34 29.07
N PHE A 350 23.23 13.01 29.84
CA PHE A 350 23.75 13.93 30.83
C PHE A 350 24.32 13.16 32.01
N TYR A 351 25.19 13.83 32.76
CA TYR A 351 25.77 13.29 33.98
C TYR A 351 25.94 14.48 34.91
N CYS A 352 25.12 14.54 35.96
CA CYS A 352 25.05 15.73 36.79
C CYS A 352 25.55 15.38 38.19
N ASN A 353 26.47 16.21 38.69
CA ASN A 353 27.23 15.92 39.91
C ASN A 353 26.48 16.53 41.10
N THR A 354 25.54 15.76 41.64
CA THR A 354 24.74 16.21 42.78
C THR A 354 25.39 15.85 44.11
N SER A 355 26.68 16.16 44.21
CA SER A 355 27.41 15.93 45.44
C SER A 355 26.75 16.63 46.62
N GLY A 356 26.07 17.74 46.36
CA GLY A 356 25.56 18.58 47.43
C GLY A 356 24.08 18.50 47.73
N LEU A 357 23.28 17.92 46.84
CA LEU A 357 21.84 17.91 47.12
C LEU A 357 21.49 16.96 48.25
N PHE A 358 22.34 15.99 48.54
CA PHE A 358 22.25 15.21 49.75
C PHE A 358 23.34 15.56 50.74
N ASN A 359 23.85 16.78 50.68
CA ASN A 359 24.76 17.28 51.69
C ASN A 359 24.01 17.92 52.85
N SER A 360 22.71 18.14 52.68
CA SER A 360 21.87 18.73 53.71
C SER A 360 21.66 17.80 54.89
N THR A 361 22.32 18.09 56.01
CA THR A 361 22.22 17.27 57.21
C THR A 361 21.09 17.78 58.09
N TRP A 362 20.12 16.92 58.36
CA TRP A 362 18.91 17.28 59.11
C TRP A 362 19.02 16.82 60.55
N ILE A 363 18.23 17.46 61.41
CA ILE A 363 18.13 17.13 62.82
C ILE A 363 16.65 17.03 63.20
N SER A 364 16.40 16.77 64.47
CA SER A 364 15.03 16.77 64.97
C SER A 364 14.45 18.17 64.93
N ASN A 377 12.62 33.20 46.55
CA ASN A 377 12.43 33.01 45.12
C ASN A 377 13.77 32.69 44.44
N ASP A 378 14.37 31.57 44.82
CA ASP A 378 15.68 31.19 44.32
C ASP A 378 15.81 29.67 44.31
N SER A 379 16.89 29.18 43.71
CA SER A 379 17.06 27.77 43.42
C SER A 379 18.51 27.36 43.67
N ILE A 380 18.88 26.19 43.17
CA ILE A 380 20.23 25.66 43.28
C ILE A 380 20.76 25.40 41.88
N THR A 381 22.08 25.50 41.74
CA THR A 381 22.76 25.26 40.48
C THR A 381 23.31 23.84 40.45
N LEU A 382 23.40 23.29 39.25
CA LEU A 382 23.81 21.91 39.08
C LEU A 382 24.73 21.76 37.88
N PRO A 383 26.00 21.42 38.10
CA PRO A 383 26.99 21.35 37.01
C PRO A 383 26.82 20.12 36.12
N CYS A 384 25.74 20.12 35.33
CA CYS A 384 25.36 18.94 34.56
C CYS A 384 26.31 18.81 33.38
N ARG A 385 27.28 17.90 33.48
CA ARG A 385 28.19 17.61 32.39
C ARG A 385 27.50 16.69 31.38
N ILE A 386 28.18 16.44 30.26
CA ILE A 386 27.75 15.47 29.27
C ILE A 386 28.93 14.53 29.01
N LYS A 387 28.76 13.26 29.32
CA LYS A 387 29.82 12.29 29.09
C LYS A 387 29.64 11.63 27.72
N GLN A 388 30.58 10.76 27.39
CA GLN A 388 30.53 10.06 26.11
C GLN A 388 30.96 8.60 26.17
N ILE A 389 31.28 8.06 27.34
CA ILE A 389 31.61 6.64 27.49
C ILE A 389 30.71 6.11 28.62
N ILE A 390 29.54 5.61 28.25
CA ILE A 390 28.54 5.17 29.21
C ILE A 390 28.61 3.65 29.34
N ASN A 391 28.72 3.17 30.57
CA ASN A 391 28.65 1.75 30.83
C ASN A 391 27.22 1.28 30.69
N MET A 392 27.03 0.19 29.97
CA MET A 392 25.69 -0.19 29.55
C MET A 392 24.84 -0.63 30.74
N TRP A 393 23.63 -0.12 30.80
CA TRP A 393 22.63 -0.59 31.75
C TRP A 393 21.94 -1.85 31.29
N GLN A 394 22.16 -2.26 30.05
CA GLN A 394 21.48 -3.41 29.48
C GLN A 394 22.32 -4.67 29.57
N ARG A 395 23.63 -4.54 29.64
CA ARG A 395 24.53 -5.67 29.74
C ARG A 395 25.71 -5.22 30.58
N ILE A 396 26.80 -5.97 30.52
CA ILE A 396 28.06 -5.54 31.11
C ILE A 396 28.96 -5.13 29.94
N GLY A 397 29.00 -3.83 29.67
CA GLY A 397 29.76 -3.34 28.54
C GLY A 397 29.72 -1.82 28.48
N GLN A 398 30.49 -1.28 27.53
CA GLN A 398 30.62 0.15 27.34
C GLN A 398 30.15 0.53 25.94
N ALA A 399 29.55 1.70 25.81
CA ALA A 399 28.99 2.10 24.53
C ALA A 399 29.19 3.59 24.32
N MET A 400 29.99 3.97 23.32
CA MET A 400 30.20 5.37 23.02
C MET A 400 29.30 5.82 21.89
N TYR A 401 29.03 7.13 21.85
CA TYR A 401 28.04 7.68 20.93
C TYR A 401 28.61 8.86 20.17
N ALA A 402 27.76 9.62 19.51
CA ALA A 402 28.38 10.68 18.72
C ALA A 402 28.39 12.00 19.48
N PRO A 403 29.46 12.78 19.34
CA PRO A 403 29.62 14.01 20.13
C PRO A 403 28.46 14.97 19.93
N PRO A 404 28.28 15.92 20.83
CA PRO A 404 26.99 16.61 20.95
C PRO A 404 26.59 17.37 19.69
N ILE A 405 25.28 17.50 19.53
CA ILE A 405 24.66 18.30 18.47
C ILE A 405 24.91 19.76 18.79
N GLN A 406 24.63 20.64 17.83
CA GLN A 406 24.85 22.06 17.98
C GLN A 406 23.51 22.77 18.19
N GLY A 407 23.38 23.46 19.30
CA GLY A 407 22.17 24.16 19.62
C GLY A 407 21.98 24.19 21.13
N VAL A 408 20.78 24.59 21.53
CA VAL A 408 20.39 24.58 22.93
C VAL A 408 19.51 23.36 23.18
N ILE A 409 19.84 22.59 24.19
CA ILE A 409 19.04 21.44 24.59
C ILE A 409 18.48 21.72 25.97
N ARG A 410 17.19 21.48 26.14
CA ARG A 410 16.45 21.80 27.36
C ARG A 410 15.52 20.65 27.69
N CYS A 411 15.42 20.33 28.98
CA CYS A 411 14.66 19.16 29.41
C CYS A 411 14.04 19.48 30.77
N VAL A 412 12.73 19.37 30.87
CA VAL A 412 12.00 19.70 32.08
C VAL A 412 11.32 18.44 32.60
N SER A 413 11.26 18.31 33.93
CA SER A 413 10.72 17.06 34.45
C SER A 413 10.27 17.21 35.90
N ASN A 414 9.17 16.50 36.24
CA ASN A 414 8.71 16.38 37.62
C ASN A 414 9.47 15.25 38.29
N ILE A 415 10.37 15.59 39.20
CA ILE A 415 10.88 14.57 40.09
C ILE A 415 9.75 14.12 41.00
N THR A 416 9.45 12.82 40.96
CA THR A 416 8.39 12.21 41.76
C THR A 416 8.89 10.94 42.42
N GLY A 417 10.07 11.00 43.02
CA GLY A 417 10.58 9.85 43.73
C GLY A 417 12.08 9.76 43.65
N LEU A 418 12.66 8.73 44.26
CA LEU A 418 14.11 8.57 44.28
C LEU A 418 14.44 7.25 44.93
N ILE A 419 15.73 6.92 44.95
CA ILE A 419 16.22 5.70 45.58
C ILE A 419 17.55 5.97 46.26
N LEU A 420 17.58 5.88 47.58
CA LEU A 420 18.76 6.09 48.40
C LEU A 420 19.21 4.76 48.99
N THR A 421 20.19 4.82 49.88
CA THR A 421 20.66 3.62 50.57
C THR A 421 21.08 4.00 51.99
N ARG A 422 21.42 2.98 52.77
CA ARG A 422 21.56 3.09 54.21
C ARG A 422 22.99 2.78 54.66
N ASP A 423 23.26 3.07 55.94
CA ASP A 423 24.57 2.87 56.54
C ASP A 423 24.47 1.86 57.68
N GLY A 424 25.25 0.79 57.59
CA GLY A 424 25.26 -0.21 58.64
C GLY A 424 26.07 0.25 59.84
N GLY A 425 25.51 0.02 61.03
CA GLY A 425 26.20 0.38 62.25
C GLY A 425 25.26 0.72 63.39
N SER A 426 25.64 0.39 64.61
CA SER A 426 24.80 0.69 65.77
C SER A 426 25.14 2.05 66.36
N THR A 430 23.02 5.13 66.40
CA THR A 430 21.97 6.11 66.61
C THR A 430 21.99 7.19 65.54
N THR A 431 22.89 7.04 64.57
CA THR A 431 22.97 8.00 63.47
C THR A 431 23.56 7.29 62.27
N GLU A 432 22.80 7.24 61.17
CA GLU A 432 23.28 6.74 59.90
C GLU A 432 22.91 7.75 58.82
N THR A 433 23.46 7.54 57.63
CA THR A 433 23.23 8.46 56.53
C THR A 433 22.47 7.77 55.41
N PHE A 434 22.05 8.58 54.44
CA PHE A 434 21.29 8.11 53.28
C PHE A 434 22.07 8.44 52.01
N ARG A 435 22.99 7.55 51.67
CA ARG A 435 23.70 7.67 50.41
C ARG A 435 22.79 7.24 49.28
N PRO A 436 23.10 7.64 48.05
CA PRO A 436 22.17 7.37 46.94
C PRO A 436 22.10 5.90 46.55
N GLY A 437 21.28 5.59 45.54
CA GLY A 437 21.14 4.22 45.06
C GLY A 437 20.56 4.16 43.67
N GLY A 438 20.90 3.09 42.98
CA GLY A 438 20.40 2.86 41.64
C GLY A 438 21.29 1.89 40.88
N GLY A 439 20.88 1.59 39.66
CA GLY A 439 21.69 0.79 38.76
C GLY A 439 20.97 -0.36 38.10
N ASP A 440 20.07 -1.03 38.83
CA ASP A 440 19.26 -2.11 38.26
C ASP A 440 17.94 -1.49 37.81
N MET A 441 17.86 -1.16 36.54
CA MET A 441 16.71 -0.41 36.07
C MET A 441 15.40 -1.13 36.28
N ARG A 442 15.40 -2.43 36.56
CA ARG A 442 14.14 -3.13 36.77
C ARG A 442 13.38 -2.52 37.93
N ASP A 443 14.07 -2.22 39.03
CA ASP A 443 13.39 -1.80 40.24
C ASP A 443 13.08 -0.32 40.26
N ASN A 444 12.97 0.31 39.09
CA ASN A 444 12.21 1.53 38.98
C ASN A 444 11.04 1.35 38.03
N TRP A 445 10.82 0.14 37.54
CA TRP A 445 9.57 -0.15 36.87
C TRP A 445 8.49 -0.53 37.85
N ARG A 446 8.87 -0.85 39.08
CA ARG A 446 7.89 -1.26 40.07
C ARG A 446 7.09 -0.07 40.58
N SER A 447 7.72 1.10 40.64
CA SER A 447 7.02 2.27 41.16
C SER A 447 5.78 2.60 40.34
N GLU A 448 5.74 2.20 39.09
CA GLU A 448 4.59 2.46 38.25
C GLU A 448 3.72 1.24 38.04
N LEU A 449 4.24 0.05 38.32
CA LEU A 449 3.52 -1.18 38.02
C LEU A 449 3.58 -2.13 39.22
N TYR A 450 3.24 -1.62 40.39
CA TYR A 450 3.12 -2.46 41.58
C TYR A 450 1.68 -2.71 41.98
N LYS A 451 0.82 -1.70 41.87
CA LYS A 451 -0.58 -1.86 42.21
C LYS A 451 -1.29 -2.88 41.35
N TYR A 452 -0.69 -3.36 40.27
CA TYR A 452 -1.39 -4.19 39.30
C TYR A 452 -1.03 -5.67 39.47
N LYS A 453 -1.87 -6.52 38.88
CA LYS A 453 -1.68 -7.96 38.93
C LYS A 453 -2.51 -8.59 37.83
N VAL A 454 -2.21 -9.84 37.48
CA VAL A 454 -2.94 -10.56 36.43
C VAL A 454 -3.39 -11.92 36.93
N VAL A 455 -4.64 -12.27 36.62
CA VAL A 455 -5.30 -13.44 37.18
C VAL A 455 -5.99 -14.17 36.06
N LYS A 456 -6.39 -15.41 36.34
CA LYS A 456 -6.94 -16.32 35.35
C LYS A 456 -8.40 -16.59 35.69
N ILE A 457 -9.26 -16.44 34.69
CA ILE A 457 -10.68 -16.73 34.82
C ILE A 457 -10.90 -18.21 34.61
N GLU A 458 -11.87 -18.79 35.32
CA GLU A 458 -12.19 -20.21 35.21
C GLU A 458 -13.70 -20.40 35.35
N PRO A 459 -14.47 -19.81 34.48
CA PRO A 459 -15.91 -19.79 34.73
C PRO A 459 -16.49 -21.18 34.60
N LEU A 460 -16.16 -22.04 35.55
CA LEU A 460 -16.62 -23.43 35.50
C LEU A 460 -16.61 -23.99 36.91
N GLY A 461 -17.79 -24.10 37.53
CA GLY A 461 -17.84 -24.55 38.90
C GLY A 461 -18.60 -25.83 39.11
N VAL A 462 -18.33 -26.50 40.23
CA VAL A 462 -18.97 -27.76 40.58
C VAL A 462 -19.29 -27.75 42.07
N ALA A 463 -20.39 -28.39 42.45
CA ALA A 463 -20.81 -28.45 43.84
C ALA A 463 -21.71 -29.66 44.03
N PRO A 464 -21.95 -30.08 45.27
CA PRO A 464 -22.98 -31.07 45.54
C PRO A 464 -24.31 -30.44 45.91
N THR A 465 -25.36 -31.18 45.59
CA THR A 465 -26.73 -30.77 45.82
C THR A 465 -27.64 -31.95 45.52
N ARG A 466 -28.69 -32.09 46.31
CA ARG A 466 -29.68 -33.12 46.05
C ARG A 466 -30.49 -32.71 44.82
N CYS A 467 -30.03 -33.11 43.64
CA CYS A 467 -30.81 -33.03 42.43
C CYS A 467 -31.08 -34.44 41.95
N LYS A 468 -31.93 -34.59 40.95
CA LYS A 468 -32.25 -35.94 40.51
C LYS A 468 -32.81 -35.97 39.09
N ARG A 469 -32.15 -36.71 38.22
CA ARG A 469 -32.63 -36.89 36.87
C ARG A 469 -33.74 -37.93 36.86
N GLY B 3 -16.50 -6.98 20.99
CA GLY B 3 -15.95 -8.30 21.22
C GLY B 3 -16.56 -9.00 22.42
N ILE B 4 -17.20 -10.15 22.18
CA ILE B 4 -17.94 -10.84 23.24
C ILE B 4 -17.05 -11.22 24.42
N GLY B 5 -15.73 -11.15 24.26
CA GLY B 5 -14.81 -11.48 25.33
C GLY B 5 -14.91 -10.57 26.53
N ALA B 6 -15.81 -9.59 26.47
CA ALA B 6 -16.08 -8.74 27.61
C ALA B 6 -17.02 -9.41 28.60
N VAL B 7 -17.89 -10.31 28.13
CA VAL B 7 -18.87 -10.92 29.03
C VAL B 7 -18.16 -11.67 30.15
N PHE B 8 -16.97 -12.19 29.88
CA PHE B 8 -16.23 -12.89 30.92
C PHE B 8 -16.08 -12.03 32.17
N LEU B 9 -15.82 -10.74 31.99
CA LEU B 9 -15.66 -9.86 33.13
C LEU B 9 -16.85 -9.96 34.07
N GLY B 10 -18.06 -9.99 33.52
CA GLY B 10 -19.24 -10.10 34.35
C GLY B 10 -19.19 -11.27 35.31
N PHE B 11 -18.67 -12.41 34.86
CA PHE B 11 -18.66 -13.60 35.71
C PHE B 11 -17.84 -13.40 36.97
N LEU B 12 -17.01 -12.37 37.04
CA LEU B 12 -16.27 -12.07 38.24
C LEU B 12 -16.80 -10.84 38.96
N GLY B 13 -17.76 -10.15 38.37
CA GLY B 13 -18.29 -8.96 38.99
C GLY B 13 -19.28 -9.21 40.10
N ALA B 14 -19.30 -10.43 40.65
CA ALA B 14 -20.17 -10.74 41.76
C ALA B 14 -19.45 -11.61 42.78
N ALA B 15 -18.18 -11.31 43.05
CA ALA B 15 -17.51 -12.03 44.12
C ALA B 15 -18.06 -11.60 45.47
N GLY B 16 -17.66 -12.32 46.51
CA GLY B 16 -18.16 -11.99 47.83
C GLY B 16 -19.60 -12.40 48.06
N SER B 17 -20.50 -11.99 47.17
CA SER B 17 -21.88 -12.44 47.24
C SER B 17 -21.95 -13.95 47.30
N THR B 18 -22.46 -14.48 48.42
CA THR B 18 -22.27 -15.88 48.74
C THR B 18 -23.02 -16.78 47.76
N MET B 19 -22.79 -18.08 47.93
CA MET B 19 -23.11 -19.07 46.90
C MET B 19 -24.53 -18.93 46.38
N GLY B 20 -25.49 -18.87 47.29
CA GLY B 20 -26.88 -18.72 46.88
C GLY B 20 -27.10 -17.47 46.07
N ALA B 21 -26.72 -16.32 46.64
CA ALA B 21 -26.89 -15.07 45.94
C ALA B 21 -26.10 -15.05 44.65
N ALA B 22 -24.91 -15.66 44.65
CA ALA B 22 -24.12 -15.72 43.43
C ALA B 22 -24.87 -16.46 42.33
N SER B 23 -25.50 -17.57 42.68
CA SER B 23 -26.23 -18.34 41.67
C SER B 23 -27.44 -17.56 41.17
N MET B 24 -28.16 -16.90 42.07
CA MET B 24 -29.30 -16.10 41.62
C MET B 24 -28.84 -15.02 40.66
N THR B 25 -27.84 -14.25 41.05
CA THR B 25 -27.42 -13.16 40.18
C THR B 25 -26.81 -13.66 38.89
N LEU B 26 -26.24 -14.87 38.90
CA LEU B 26 -25.72 -15.45 37.66
C LEU B 26 -26.85 -15.81 36.70
N THR B 27 -27.87 -16.50 37.20
CA THR B 27 -28.96 -16.88 36.32
C THR B 27 -29.78 -15.68 35.86
N VAL B 28 -29.78 -14.58 36.62
CA VAL B 28 -30.48 -13.39 36.14
C VAL B 28 -29.58 -12.50 35.28
N GLN B 29 -28.26 -12.59 35.45
CA GLN B 29 -27.36 -11.97 34.50
C GLN B 29 -27.44 -12.66 33.17
N ALA B 30 -27.73 -13.96 33.18
CA ALA B 30 -28.03 -14.65 31.93
C ALA B 30 -28.93 -13.82 31.03
N ARG B 31 -29.86 -13.06 31.61
CA ARG B 31 -30.61 -12.05 30.88
C ARG B 31 -29.97 -10.67 30.97
N ASN B 32 -29.19 -10.40 32.02
CA ASN B 32 -28.56 -9.08 32.16
C ASN B 32 -27.14 -9.06 31.60
N LEU B 33 -26.34 -10.06 31.91
CA LEU B 33 -25.07 -10.32 31.23
C LEU B 33 -25.29 -11.01 29.89
N LEU B 34 -26.53 -10.95 29.40
CA LEU B 34 -27.00 -11.71 28.25
C LEU B 34 -26.08 -11.59 27.03
N SER B 35 -25.33 -10.50 26.92
CA SER B 35 -24.45 -10.30 25.77
C SER B 35 -23.39 -11.41 25.66
N ALA B 47 -11.04 11.09 6.72
CA ALA B 47 -9.77 10.68 7.30
C ALA B 47 -8.67 10.63 6.25
N PRO B 48 -7.65 11.46 6.44
CA PRO B 48 -6.48 11.46 5.53
C PRO B 48 -5.58 10.25 5.77
N GLU B 49 -6.06 9.09 5.33
CA GLU B 49 -5.28 7.85 5.39
C GLU B 49 -4.25 7.89 4.28
N ALA B 50 -3.05 8.37 4.62
CA ALA B 50 -2.05 8.71 3.62
C ALA B 50 -1.37 7.44 3.13
N GLN B 51 -0.26 7.63 2.40
CA GLN B 51 0.43 6.50 1.78
C GLN B 51 0.84 5.46 2.81
N GLN B 52 1.53 5.89 3.88
CA GLN B 52 1.85 4.95 4.95
C GLN B 52 0.59 4.35 5.53
N HIS B 53 -0.48 5.12 5.60
CA HIS B 53 -1.70 4.63 6.22
C HIS B 53 -2.47 3.78 5.23
N LEU B 54 -1.77 2.83 4.60
CA LEU B 54 -2.42 1.79 3.84
C LEU B 54 -1.73 0.46 4.05
N LEU B 55 -0.62 0.42 4.76
CA LEU B 55 -0.05 -0.86 5.10
C LEU B 55 0.33 -0.96 6.56
N LYS B 56 0.63 0.13 7.24
CA LYS B 56 0.71 0.07 8.69
C LYS B 56 -0.66 0.14 9.32
N LEU B 57 -1.72 0.28 8.54
CA LEU B 57 -3.04 0.39 9.12
C LEU B 57 -3.71 -0.98 9.27
N THR B 58 -3.78 -1.74 8.18
CA THR B 58 -4.37 -3.07 8.27
C THR B 58 -3.72 -3.90 9.35
N VAL B 59 -2.41 -3.77 9.51
CA VAL B 59 -1.67 -4.55 10.48
C VAL B 59 -2.14 -4.20 11.89
N TRP B 60 -3.06 -3.25 11.99
CA TRP B 60 -3.79 -3.05 13.23
C TRP B 60 -5.08 -3.86 13.25
N GLY B 61 -5.94 -3.65 12.25
CA GLY B 61 -7.15 -4.43 12.15
C GLY B 61 -6.90 -5.91 12.40
N ILE B 62 -5.88 -6.45 11.73
CA ILE B 62 -5.48 -7.83 11.98
C ILE B 62 -5.34 -8.08 13.46
N LYS B 63 -4.69 -7.16 14.16
CA LYS B 63 -4.47 -7.40 15.58
C LYS B 63 -5.78 -7.31 16.36
N GLN B 64 -6.77 -6.61 15.84
CA GLN B 64 -8.05 -6.59 16.53
C GLN B 64 -8.96 -7.73 16.16
N LEU B 65 -8.99 -8.13 14.89
CA LEU B 65 -9.77 -9.30 14.53
C LEU B 65 -9.23 -10.56 15.14
N GLN B 66 -7.97 -10.58 15.56
CA GLN B 66 -7.55 -11.75 16.28
C GLN B 66 -8.11 -11.80 17.67
N ALA B 67 -8.92 -10.84 18.08
CA ALA B 67 -9.50 -10.91 19.40
C ALA B 67 -10.88 -11.54 19.36
N ARG B 68 -11.81 -10.91 18.67
CA ARG B 68 -13.17 -11.41 18.64
C ARG B 68 -13.20 -12.88 18.25
N VAL B 69 -12.43 -13.23 17.22
CA VAL B 69 -12.35 -14.62 16.83
C VAL B 69 -11.86 -15.49 17.95
N LEU B 70 -10.83 -15.07 18.66
CA LEU B 70 -10.39 -15.87 19.80
C LEU B 70 -11.44 -15.93 20.88
N ALA B 71 -12.23 -14.88 21.03
CA ALA B 71 -13.30 -14.91 22.01
C ALA B 71 -14.30 -16.01 21.68
N VAL B 72 -14.88 -15.97 20.48
CA VAL B 72 -15.87 -17.00 20.17
C VAL B 72 -15.24 -18.37 20.10
N GLU B 73 -13.97 -18.46 19.78
CA GLU B 73 -13.35 -19.76 19.81
C GLU B 73 -13.27 -20.30 21.23
N ARG B 74 -12.87 -19.47 22.18
CA ARG B 74 -12.89 -19.86 23.58
C ARG B 74 -14.27 -20.32 24.00
N TYR B 75 -15.25 -19.45 23.80
CA TYR B 75 -16.62 -19.77 24.16
C TYR B 75 -17.02 -21.13 23.63
N LEU B 76 -16.98 -21.28 22.31
CA LEU B 76 -17.40 -22.54 21.71
C LEU B 76 -16.65 -23.71 22.29
N ARG B 77 -15.37 -23.51 22.63
CA ARG B 77 -14.64 -24.61 23.24
C ARG B 77 -15.24 -24.97 24.58
N ASP B 78 -15.80 -24.01 25.33
CA ASP B 78 -16.44 -24.37 26.58
C ASP B 78 -17.65 -25.24 26.36
N GLN B 79 -18.67 -24.70 25.68
CA GLN B 79 -19.91 -25.43 25.50
C GLN B 79 -19.69 -26.85 25.04
N GLN B 80 -18.65 -27.09 24.26
CA GLN B 80 -18.38 -28.47 23.89
C GLN B 80 -18.04 -29.30 25.10
N LEU B 81 -17.18 -28.77 25.96
CA LEU B 81 -16.78 -29.51 27.15
C LEU B 81 -17.98 -29.94 27.96
N LEU B 82 -18.99 -29.08 28.07
CA LEU B 82 -20.18 -29.45 28.81
C LEU B 82 -20.89 -30.62 28.16
N GLY B 83 -20.79 -30.74 26.83
CA GLY B 83 -21.43 -31.86 26.16
C GLY B 83 -21.02 -33.19 26.74
N ILE B 84 -19.76 -33.32 27.14
CA ILE B 84 -19.31 -34.53 27.81
C ILE B 84 -20.05 -34.72 29.11
N TRP B 85 -20.46 -33.63 29.74
CA TRP B 85 -21.09 -33.69 31.05
C TRP B 85 -22.60 -33.59 30.93
N GLY B 86 -23.16 -34.15 29.87
CA GLY B 86 -24.58 -34.39 29.81
C GLY B 86 -25.41 -33.15 29.54
N CYS B 87 -24.94 -32.00 30.00
CA CYS B 87 -25.67 -30.76 29.86
C CYS B 87 -24.89 -29.81 28.97
N SER B 88 -25.60 -29.04 28.16
CA SER B 88 -24.97 -28.05 27.31
C SER B 88 -25.98 -26.99 26.95
N GLY B 89 -25.51 -25.75 26.88
CA GLY B 89 -26.39 -24.63 26.71
C GLY B 89 -27.16 -24.25 27.94
N LYS B 90 -27.06 -25.02 29.02
CA LYS B 90 -27.69 -24.64 30.27
C LYS B 90 -26.72 -23.83 31.10
N LEU B 91 -27.20 -23.33 32.23
CA LEU B 91 -26.35 -22.64 33.18
C LEU B 91 -26.26 -23.36 34.51
N ILE B 92 -27.38 -23.78 35.07
CA ILE B 92 -27.39 -24.55 36.30
C ILE B 92 -27.63 -25.99 35.89
N CYS B 93 -26.60 -26.82 36.05
CA CYS B 93 -26.62 -28.17 35.53
C CYS B 93 -26.44 -29.19 36.64
N CYS B 94 -27.34 -30.18 36.69
CA CYS B 94 -27.23 -31.30 37.61
C CYS B 94 -27.34 -32.58 36.81
N THR B 95 -26.85 -33.68 37.38
CA THR B 95 -26.68 -34.92 36.62
C THR B 95 -26.91 -36.11 37.55
N ASN B 96 -26.47 -37.29 37.12
CA ASN B 96 -26.81 -38.56 37.76
C ASN B 96 -25.68 -39.16 38.59
N VAL B 97 -24.91 -38.35 39.30
CA VAL B 97 -23.92 -38.94 40.21
C VAL B 97 -24.17 -38.45 41.63
N PRO B 98 -24.08 -39.30 42.64
CA PRO B 98 -24.15 -38.83 44.03
C PRO B 98 -22.77 -38.51 44.60
N TRP B 99 -22.71 -37.45 45.39
CA TRP B 99 -21.43 -36.95 45.90
C TRP B 99 -20.83 -37.95 46.88
N ASN B 100 -19.53 -38.17 46.76
CA ASN B 100 -18.84 -38.99 47.74
C ASN B 100 -18.60 -38.19 49.01
N SER B 101 -18.25 -38.91 50.08
CA SER B 101 -17.94 -38.29 51.36
C SER B 101 -16.45 -38.06 51.56
N SER B 102 -15.60 -38.63 50.71
CA SER B 102 -14.17 -38.42 50.82
C SER B 102 -13.74 -37.07 50.35
N TRP B 103 -14.68 -36.15 50.13
CA TRP B 103 -14.40 -34.84 49.56
C TRP B 103 -14.86 -33.77 50.54
N SER B 104 -13.95 -33.38 51.44
CA SER B 104 -14.12 -32.22 52.31
C SER B 104 -15.52 -32.21 52.95
N ASN B 105 -15.75 -33.22 53.78
CA ASN B 105 -17.04 -33.39 54.43
C ASN B 105 -17.45 -32.12 55.18
N ARG B 106 -18.64 -31.62 54.87
CA ARG B 106 -19.16 -30.41 55.47
C ARG B 106 -20.67 -30.40 55.37
N ASN B 107 -21.30 -29.63 56.24
CA ASN B 107 -22.75 -29.52 56.22
C ASN B 107 -23.21 -28.80 54.96
N LEU B 108 -24.34 -29.28 54.41
CA LEU B 108 -24.90 -28.65 53.24
C LEU B 108 -25.18 -27.17 53.48
N SER B 109 -25.70 -26.83 54.65
CA SER B 109 -25.92 -25.42 54.94
C SER B 109 -24.63 -24.69 55.29
N GLU B 110 -23.62 -25.40 55.77
CA GLU B 110 -22.36 -24.76 56.15
C GLU B 110 -21.62 -24.18 54.95
N ILE B 111 -22.09 -24.43 53.74
CA ILE B 111 -21.47 -23.93 52.53
C ILE B 111 -22.41 -23.00 51.77
N TRP B 112 -23.65 -23.42 51.57
CA TRP B 112 -24.58 -22.69 50.73
C TRP B 112 -25.10 -21.44 51.37
N ASP B 113 -24.63 -21.06 52.55
CA ASP B 113 -25.09 -19.82 53.18
C ASP B 113 -23.96 -19.00 53.79
N ASN B 114 -22.76 -19.55 53.93
CA ASN B 114 -21.69 -18.84 54.61
C ASN B 114 -20.35 -19.05 53.92
N MET B 115 -20.34 -19.24 52.60
CA MET B 115 -19.10 -19.44 51.89
C MET B 115 -19.14 -18.75 50.54
N THR B 116 -17.97 -18.29 50.11
CA THR B 116 -17.76 -17.78 48.77
C THR B 116 -17.10 -18.85 47.91
N TRP B 117 -17.11 -18.62 46.61
CA TRP B 117 -16.68 -19.67 45.69
C TRP B 117 -15.20 -19.95 45.80
N LEU B 118 -14.37 -18.90 45.84
CA LEU B 118 -12.94 -19.10 45.96
C LEU B 118 -12.61 -19.99 47.15
N GLN B 119 -13.43 -19.91 48.20
CA GLN B 119 -13.32 -20.85 49.30
C GLN B 119 -13.42 -22.28 48.77
N TRP B 120 -14.41 -22.55 47.91
CA TRP B 120 -14.53 -23.87 47.29
C TRP B 120 -13.28 -24.23 46.52
N ASP B 121 -12.82 -23.30 45.68
CA ASP B 121 -11.59 -23.52 44.93
C ASP B 121 -10.49 -24.06 45.82
N LYS B 122 -10.13 -23.28 46.84
CA LYS B 122 -9.10 -23.74 47.75
C LYS B 122 -9.52 -25.00 48.50
N GLU B 123 -10.82 -25.28 48.57
CA GLU B 123 -11.30 -26.42 49.33
C GLU B 123 -10.96 -27.73 48.63
N ILE B 124 -11.32 -27.85 47.36
CA ILE B 124 -11.14 -29.13 46.68
C ILE B 124 -10.36 -28.97 45.38
N SER B 125 -9.47 -27.99 45.32
CA SER B 125 -8.65 -27.82 44.13
C SER B 125 -7.93 -29.10 43.72
N ASN B 126 -7.75 -30.03 44.66
CA ASN B 126 -7.07 -31.28 44.37
C ASN B 126 -8.02 -32.39 43.92
N TYR B 127 -9.33 -32.14 43.95
CA TYR B 127 -10.30 -33.13 43.49
C TYR B 127 -10.88 -32.80 42.13
N THR B 128 -10.59 -31.62 41.59
CA THR B 128 -11.22 -31.18 40.34
C THR B 128 -11.05 -32.23 39.25
N GLN B 129 -9.85 -32.79 39.12
CA GLN B 129 -9.61 -33.73 38.04
C GLN B 129 -10.41 -35.01 38.22
N ILE B 130 -10.48 -35.53 39.44
CA ILE B 130 -11.10 -36.83 39.61
C ILE B 130 -12.61 -36.73 39.45
N ILE B 131 -13.23 -35.66 39.97
CA ILE B 131 -14.66 -35.50 39.76
C ILE B 131 -14.92 -35.18 38.30
N TYR B 132 -14.05 -34.39 37.67
CA TYR B 132 -14.12 -34.19 36.23
C TYR B 132 -14.23 -35.53 35.52
N GLY B 133 -13.26 -36.41 35.75
CA GLY B 133 -13.24 -37.68 35.05
C GLY B 133 -14.43 -38.55 35.38
N LEU B 134 -14.81 -38.59 36.65
CA LEU B 134 -15.97 -39.37 37.04
C LEU B 134 -17.20 -38.92 36.28
N LEU B 135 -17.45 -37.61 36.29
CA LEU B 135 -18.45 -37.03 35.40
C LEU B 135 -18.28 -37.54 33.98
N GLU B 136 -17.03 -37.53 33.50
CA GLU B 136 -16.77 -37.85 32.10
C GLU B 136 -17.13 -39.28 31.78
N GLU B 137 -17.06 -40.18 32.77
CA GLU B 137 -17.35 -41.59 32.53
C GLU B 137 -18.82 -41.90 32.78
N SER B 138 -19.34 -41.48 33.94
CA SER B 138 -20.72 -41.79 34.32
C SER B 138 -21.71 -41.55 33.20
N GLN B 139 -21.39 -40.64 32.27
CA GLN B 139 -22.25 -40.48 31.12
C GLN B 139 -22.26 -41.71 30.24
N ASN B 140 -21.11 -42.39 30.11
CA ASN B 140 -21.02 -43.55 29.24
C ASN B 140 -21.95 -44.66 29.70
N GLN B 141 -22.16 -44.78 31.00
CA GLN B 141 -23.15 -45.73 31.50
C GLN B 141 -24.51 -45.48 30.86
N GLN B 142 -24.89 -44.22 30.72
CA GLN B 142 -26.15 -43.88 30.08
C GLN B 142 -26.14 -44.15 28.58
N GLU B 143 -25.00 -44.57 28.03
CA GLU B 143 -24.95 -45.00 26.64
C GLU B 143 -25.26 -46.49 26.50
N LYS B 144 -24.68 -47.32 27.37
CA LYS B 144 -24.90 -48.76 27.33
C LYS B 144 -26.26 -49.16 27.88
N ASN B 145 -26.84 -48.35 28.76
CA ASN B 145 -28.14 -48.67 29.33
C ASN B 145 -29.25 -48.36 28.34
N ASN C 1 -54.66 -25.87 30.10
CA ASN C 1 -54.96 -26.86 29.06
C ASN C 1 -54.12 -26.62 27.81
N LEU C 2 -53.48 -25.46 27.72
CA LEU C 2 -52.67 -25.10 26.57
C LEU C 2 -51.32 -24.57 27.03
N TRP C 3 -50.30 -24.78 26.20
CA TRP C 3 -48.92 -24.55 26.61
C TRP C 3 -48.17 -23.79 25.52
N VAL C 4 -47.23 -22.97 25.96
CA VAL C 4 -46.43 -22.16 25.07
C VAL C 4 -45.41 -23.02 24.36
N THR C 5 -45.24 -22.77 23.06
CA THR C 5 -44.28 -23.53 22.25
C THR C 5 -43.53 -22.52 21.39
N VAL C 6 -42.25 -22.34 21.66
CA VAL C 6 -41.46 -21.35 20.94
C VAL C 6 -41.23 -21.82 19.51
N TYR C 7 -40.75 -20.91 18.67
CA TYR C 7 -40.40 -21.25 17.30
C TYR C 7 -39.26 -20.35 16.89
N TYR C 8 -38.21 -20.92 16.33
CA TYR C 8 -37.04 -20.15 15.94
C TYR C 8 -36.88 -20.20 14.44
N GLY C 9 -37.25 -19.12 13.76
CA GLY C 9 -37.21 -19.10 12.33
C GLY C 9 -38.51 -18.56 11.80
N VAL C 10 -39.28 -18.03 12.72
CA VAL C 10 -40.59 -17.49 12.35
C VAL C 10 -40.38 -16.24 11.51
N PRO C 11 -41.11 -16.06 10.43
CA PRO C 11 -40.95 -14.85 9.61
C PRO C 11 -41.66 -13.64 10.16
N VAL C 12 -41.03 -12.92 11.09
CA VAL C 12 -41.54 -11.65 11.56
C VAL C 12 -40.53 -10.57 11.22
N TRP C 13 -40.99 -9.33 11.13
CA TRP C 13 -40.08 -8.21 11.05
C TRP C 13 -40.66 -7.05 11.84
N LYS C 14 -39.87 -6.00 11.96
CA LYS C 14 -40.28 -4.88 12.80
C LYS C 14 -39.51 -3.64 12.35
N ASP C 15 -40.22 -2.53 12.24
CA ASP C 15 -39.59 -1.33 11.73
C ASP C 15 -38.51 -0.84 12.68
N ALA C 16 -37.42 -0.33 12.12
CA ALA C 16 -36.29 0.14 12.91
C ALA C 16 -35.40 0.98 12.02
N GLU C 17 -34.23 1.35 12.55
CA GLU C 17 -33.28 2.15 11.81
C GLU C 17 -31.88 1.90 12.35
N THR C 18 -30.89 2.14 11.51
CA THR C 18 -29.52 1.73 11.81
C THR C 18 -28.56 2.59 10.99
N THR C 19 -27.31 2.13 10.90
CA THR C 19 -26.28 2.79 10.12
C THR C 19 -25.88 1.86 8.99
N LEU C 20 -26.51 2.04 7.84
CA LEU C 20 -26.15 1.28 6.65
C LEU C 20 -24.68 1.49 6.32
N PHE C 21 -24.14 0.58 5.49
CA PHE C 21 -22.74 0.68 5.01
C PHE C 21 -22.74 0.66 3.48
N CYS C 22 -22.32 1.77 2.86
CA CYS C 22 -22.28 1.92 1.38
C CYS C 22 -21.24 1.00 0.76
N ALA C 23 -21.51 0.48 -0.44
CA ALA C 23 -20.58 -0.43 -1.15
C ALA C 23 -20.71 -0.23 -2.66
N SER C 24 -19.58 -0.01 -3.35
CA SER C 24 -19.51 0.18 -4.78
C SER C 24 -18.18 -0.33 -5.30
N ASP C 25 -18.07 -0.41 -6.61
CA ASP C 25 -16.90 -0.98 -7.28
C ASP C 25 -16.03 0.15 -7.77
N ALA C 26 -15.05 0.54 -6.96
CA ALA C 26 -14.24 1.71 -7.21
C ALA C 26 -12.85 1.29 -7.62
N LYS C 27 -12.47 1.59 -8.86
CA LYS C 27 -11.11 1.33 -9.30
C LYS C 27 -10.14 2.08 -8.40
N ALA C 28 -9.06 1.42 -8.03
CA ALA C 28 -8.16 1.99 -7.04
C ALA C 28 -7.03 2.81 -7.65
N TYR C 29 -6.54 2.39 -8.81
CA TYR C 29 -5.38 3.06 -9.39
C TYR C 29 -5.71 4.47 -9.84
N GLU C 30 -6.93 4.69 -10.30
CA GLU C 30 -7.28 5.94 -10.94
C GLU C 30 -7.31 7.07 -9.92
N THR C 31 -7.24 8.30 -10.42
CA THR C 31 -7.09 9.48 -9.58
C THR C 31 -8.24 10.46 -9.69
N GLU C 32 -9.37 10.04 -10.24
CA GLU C 32 -10.61 10.80 -10.13
C GLU C 32 -10.89 11.08 -8.67
N LYS C 33 -11.76 12.03 -8.39
CA LYS C 33 -11.98 12.40 -7.00
C LYS C 33 -13.17 11.71 -6.35
N HIS C 34 -13.86 10.84 -7.06
CA HIS C 34 -14.78 9.96 -6.37
C HIS C 34 -14.10 8.64 -6.02
N ASN C 35 -13.45 8.02 -6.99
CA ASN C 35 -12.88 6.70 -6.78
C ASN C 35 -11.88 6.69 -5.65
N VAL C 36 -11.22 7.81 -5.38
CA VAL C 36 -10.42 7.88 -4.16
C VAL C 36 -11.30 7.66 -2.95
N TRP C 37 -12.28 8.53 -2.76
CA TRP C 37 -13.18 8.38 -1.63
C TRP C 37 -13.85 7.03 -1.63
N ALA C 38 -14.45 6.65 -2.76
CA ALA C 38 -15.17 5.39 -2.82
C ALA C 38 -14.26 4.22 -2.50
N THR C 39 -12.99 4.30 -2.81
CA THR C 39 -12.11 3.19 -2.48
C THR C 39 -11.66 3.23 -1.04
N HIS C 40 -11.81 4.36 -0.35
CA HIS C 40 -11.37 4.40 1.03
C HIS C 40 -12.51 4.41 2.02
N ALA C 41 -13.76 4.43 1.60
CA ALA C 41 -14.84 4.33 2.54
C ALA C 41 -15.99 3.50 2.00
N CYS C 42 -15.68 2.38 1.36
CA CYS C 42 -16.71 1.48 0.88
C CYS C 42 -16.17 0.06 0.95
N VAL C 43 -16.81 -0.86 0.23
CA VAL C 43 -16.42 -2.25 0.25
C VAL C 43 -16.85 -2.88 -1.07
N PRO C 44 -16.03 -3.71 -1.69
CA PRO C 44 -16.34 -4.20 -3.04
C PRO C 44 -17.74 -4.73 -3.16
N THR C 45 -18.36 -4.44 -4.29
CA THR C 45 -19.76 -4.78 -4.48
C THR C 45 -19.93 -6.28 -4.57
N ASP C 46 -21.17 -6.68 -4.79
CA ASP C 46 -21.28 -8.12 -4.78
C ASP C 46 -21.44 -8.67 -6.19
N PRO C 47 -20.90 -9.85 -6.48
CA PRO C 47 -21.08 -10.41 -7.82
C PRO C 47 -22.53 -10.56 -8.20
N ASN C 48 -23.35 -11.09 -7.31
CA ASN C 48 -24.75 -11.33 -7.65
C ASN C 48 -25.63 -11.02 -6.45
N PRO C 49 -26.54 -10.09 -6.58
CA PRO C 49 -27.45 -9.81 -5.47
C PRO C 49 -28.37 -10.98 -5.23
N GLN C 50 -29.26 -10.87 -4.24
CA GLN C 50 -30.14 -11.98 -3.87
C GLN C 50 -31.50 -11.38 -3.54
N GLU C 51 -32.37 -11.27 -4.53
CA GLU C 51 -33.68 -10.70 -4.32
C GLU C 51 -34.69 -11.81 -4.09
N ILE C 52 -35.53 -11.64 -3.09
CA ILE C 52 -36.55 -12.62 -2.74
C ILE C 52 -37.90 -11.94 -2.86
N HIS C 53 -38.72 -12.40 -3.79
CA HIS C 53 -40.06 -11.86 -3.86
C HIS C 53 -40.85 -12.34 -2.65
N LEU C 54 -41.92 -11.63 -2.35
CA LEU C 54 -42.84 -12.03 -1.31
C LEU C 54 -44.21 -12.26 -1.92
N GLU C 55 -45.12 -12.78 -1.10
CA GLU C 55 -46.45 -13.09 -1.58
C GLU C 55 -47.50 -12.66 -0.57
N ASN C 56 -48.62 -12.16 -1.07
CA ASN C 56 -49.80 -11.93 -0.26
C ASN C 56 -49.51 -11.05 0.94
N VAL C 57 -48.63 -10.08 0.75
CA VAL C 57 -48.16 -9.23 1.85
C VAL C 57 -48.18 -7.79 1.39
N THR C 58 -48.62 -6.89 2.27
CA THR C 58 -48.69 -5.47 1.95
C THR C 58 -48.28 -4.66 3.17
N GLU C 59 -47.20 -3.88 3.04
CA GLU C 59 -46.78 -2.93 4.05
C GLU C 59 -46.65 -1.57 3.42
N GLU C 60 -46.93 -0.52 4.17
CA GLU C 60 -46.96 0.83 3.61
C GLU C 60 -45.69 1.59 3.97
N PHE C 61 -45.18 2.33 2.99
CA PHE C 61 -43.98 3.13 3.15
C PHE C 61 -44.37 4.55 3.53
N ASN C 62 -43.38 5.43 3.60
CA ASN C 62 -43.65 6.86 3.69
C ASN C 62 -42.41 7.56 3.16
N MET C 63 -42.46 8.00 1.91
CA MET C 63 -41.28 8.58 1.29
C MET C 63 -40.78 9.79 2.05
N TRP C 64 -41.66 10.49 2.74
CA TRP C 64 -41.30 11.78 3.28
C TRP C 64 -40.67 11.69 4.66
N LYS C 65 -40.72 10.55 5.30
CA LYS C 65 -40.00 10.36 6.54
C LYS C 65 -39.22 9.06 6.44
N ASN C 66 -38.06 9.13 5.82
CA ASN C 66 -37.09 8.07 5.89
C ASN C 66 -35.89 8.53 6.68
N ASN C 67 -35.11 7.57 7.11
CA ASN C 67 -33.82 7.90 7.68
C ASN C 67 -32.68 7.69 6.71
N MET C 68 -32.87 6.82 5.71
CA MET C 68 -31.83 6.58 4.74
C MET C 68 -31.33 7.88 4.14
N VAL C 69 -32.24 8.79 3.81
CA VAL C 69 -31.86 10.01 3.13
C VAL C 69 -30.89 10.80 4.00
N GLU C 70 -31.07 10.77 5.30
CA GLU C 70 -30.15 11.49 6.17
C GLU C 70 -28.76 10.93 6.07
N GLN C 71 -28.63 9.62 6.10
CA GLN C 71 -27.29 9.05 6.02
C GLN C 71 -26.66 9.34 4.68
N MET C 72 -27.43 9.25 3.60
CA MET C 72 -26.86 9.59 2.30
C MET C 72 -26.37 11.02 2.31
N HIS C 73 -27.15 11.91 2.91
CA HIS C 73 -26.78 13.31 2.99
C HIS C 73 -25.45 13.47 3.68
N THR C 74 -25.31 12.91 4.87
CA THR C 74 -24.05 13.09 5.59
C THR C 74 -22.90 12.49 4.82
N ASP C 75 -23.11 11.33 4.22
CA ASP C 75 -22.05 10.70 3.44
C ASP C 75 -21.54 11.65 2.38
N ILE C 76 -22.42 12.17 1.54
CA ILE C 76 -21.85 12.93 0.45
C ILE C 76 -21.37 14.30 0.90
N ILE C 77 -21.91 14.84 1.98
CA ILE C 77 -21.29 16.03 2.57
C ILE C 77 -19.83 15.74 2.81
N SER C 78 -19.54 14.60 3.43
CA SER C 78 -18.15 14.23 3.65
C SER C 78 -17.40 14.13 2.33
N LEU C 79 -18.03 13.53 1.32
CA LEU C 79 -17.38 13.39 0.03
C LEU C 79 -16.89 14.73 -0.49
N TRP C 80 -17.78 15.70 -0.58
CA TRP C 80 -17.37 17.00 -1.11
C TRP C 80 -16.34 17.63 -0.21
N ASP C 81 -16.67 17.85 1.06
CA ASP C 81 -15.74 18.56 1.94
C ASP C 81 -14.37 17.93 1.97
N GLN C 82 -14.26 16.69 1.55
CA GLN C 82 -12.94 16.09 1.45
C GLN C 82 -12.34 16.24 0.07
N SER C 83 -13.15 16.43 -0.97
CA SER C 83 -12.65 16.43 -2.33
C SER C 83 -12.41 17.82 -2.89
N LEU C 84 -13.46 18.65 -2.98
CA LEU C 84 -13.39 19.93 -3.68
C LEU C 84 -12.92 21.01 -2.73
N LYS C 85 -11.68 21.23 -2.67
CA LYS C 85 -11.46 22.26 -1.68
C LYS C 85 -11.54 23.64 -2.30
N PRO C 86 -11.94 24.65 -1.54
CA PRO C 86 -11.95 26.01 -2.05
C PRO C 86 -10.65 26.72 -1.72
N CYS C 87 -10.46 27.87 -2.37
CA CYS C 87 -9.27 28.66 -2.12
C CYS C 87 -9.46 29.52 -0.88
N VAL C 88 -10.62 30.10 -0.71
CA VAL C 88 -11.01 30.74 0.54
C VAL C 88 -12.43 30.30 0.83
N LYS C 89 -12.72 30.09 2.11
CA LYS C 89 -13.99 29.51 2.53
C LYS C 89 -14.54 30.29 3.70
N LEU C 90 -15.79 30.68 3.61
CA LEU C 90 -16.38 31.62 4.52
C LEU C 90 -17.63 31.01 5.14
N THR C 91 -17.75 31.11 6.47
CA THR C 91 -18.90 30.54 7.17
C THR C 91 -19.31 31.39 8.36
N PRO C 92 -20.45 32.06 8.29
CA PRO C 92 -20.96 32.71 9.50
C PRO C 92 -21.16 31.74 10.65
N LEU C 93 -20.39 31.92 11.72
CA LEU C 93 -20.55 31.11 12.92
C LEU C 93 -21.34 31.94 13.93
N CYS C 94 -22.66 31.87 13.80
CA CYS C 94 -23.55 32.71 14.57
C CYS C 94 -23.81 32.14 15.95
N ASN C 163 -25.78 39.95 11.30
CA ASN C 163 -26.13 39.96 12.71
C ASN C 163 -25.30 38.93 13.48
N CYS C 164 -24.29 38.38 12.81
CA CYS C 164 -23.40 37.40 13.42
C CYS C 164 -21.97 37.73 13.00
N ASN C 165 -21.02 36.97 13.55
CA ASN C 165 -19.61 37.15 13.26
C ASN C 165 -19.15 36.02 12.34
N THR C 166 -18.47 36.39 11.26
CA THR C 166 -18.08 35.46 10.23
C THR C 166 -16.69 34.89 10.53
N SER C 167 -16.12 34.20 9.56
CA SER C 167 -14.78 33.65 9.68
C SER C 167 -14.25 33.38 8.29
N ALA C 168 -13.10 32.71 8.22
CA ALA C 168 -12.47 32.45 6.94
C ALA C 168 -11.37 31.42 7.10
N ILE C 169 -11.24 30.55 6.11
CA ILE C 169 -10.14 29.60 6.08
C ILE C 169 -9.62 29.52 4.65
N THR C 170 -8.29 29.53 4.51
CA THR C 170 -7.66 29.49 3.16
C THR C 170 -6.64 28.35 3.10
N GLN C 171 -6.49 27.74 1.92
CA GLN C 171 -5.54 26.61 1.71
C GLN C 171 -5.39 26.37 0.20
N ALA C 172 -4.34 25.65 -0.19
CA ALA C 172 -4.09 25.34 -1.63
C ALA C 172 -5.35 24.73 -2.25
N CYS C 173 -5.79 25.26 -3.40
CA CYS C 173 -6.98 24.76 -4.07
C CYS C 173 -6.64 24.27 -5.47
N PRO C 174 -5.91 23.17 -5.60
CA PRO C 174 -5.56 22.68 -6.92
C PRO C 174 -6.79 22.31 -7.70
N LYS C 175 -6.62 22.12 -9.00
CA LYS C 175 -7.73 21.68 -9.82
C LYS C 175 -7.74 20.16 -9.86
N VAL C 176 -8.91 19.61 -10.15
CA VAL C 176 -9.15 18.18 -10.03
C VAL C 176 -10.10 17.74 -11.13
N SER C 177 -10.26 16.44 -11.25
CA SER C 177 -11.39 15.92 -12.00
C SER C 177 -12.56 15.76 -11.04
N PHE C 178 -13.74 15.51 -11.60
CA PHE C 178 -14.91 15.29 -10.76
C PHE C 178 -16.01 14.66 -11.61
N GLU C 179 -16.38 13.45 -11.29
CA GLU C 179 -17.35 12.76 -12.13
C GLU C 179 -18.08 11.73 -11.28
N PRO C 180 -19.34 11.96 -10.94
CA PRO C 180 -19.99 11.11 -9.94
C PRO C 180 -20.28 9.72 -10.49
N ILE C 181 -19.95 8.71 -9.69
CA ILE C 181 -20.10 7.31 -10.05
C ILE C 181 -21.18 6.70 -9.19
N PRO C 182 -21.76 5.56 -9.54
CA PRO C 182 -22.86 5.01 -8.76
C PRO C 182 -22.38 4.36 -7.49
N ILE C 183 -23.27 4.34 -6.51
CA ILE C 183 -22.99 3.85 -5.16
C ILE C 183 -24.25 3.18 -4.65
N HIS C 184 -24.12 2.12 -3.86
CA HIS C 184 -25.34 1.60 -3.28
C HIS C 184 -25.14 1.07 -1.87
N TYR C 185 -26.19 1.25 -1.06
CA TYR C 185 -26.14 1.06 0.39
C TYR C 185 -26.58 -0.34 0.78
N CYS C 186 -25.70 -1.09 1.41
CA CYS C 186 -26.09 -2.37 1.96
C CYS C 186 -26.32 -2.23 3.46
N ALA C 187 -27.21 -3.06 3.99
CA ALA C 187 -27.73 -3.15 5.35
C ALA C 187 -27.07 -4.27 6.11
N PRO C 188 -26.62 -4.02 7.33
CA PRO C 188 -25.74 -4.96 8.02
C PRO C 188 -26.47 -6.23 8.37
N ALA C 189 -25.72 -7.23 8.81
CA ALA C 189 -26.30 -8.54 9.08
C ALA C 189 -27.26 -8.44 10.25
N GLY C 190 -28.50 -8.87 10.02
CA GLY C 190 -29.55 -8.75 11.01
C GLY C 190 -30.75 -7.96 10.55
N PHE C 191 -30.60 -7.11 9.54
CA PHE C 191 -31.69 -6.32 9.03
C PHE C 191 -31.92 -6.63 7.57
N ALA C 192 -32.85 -5.92 6.95
CA ALA C 192 -33.19 -6.19 5.57
C ALA C 192 -33.85 -4.95 4.97
N ILE C 193 -33.64 -4.75 3.69
CA ILE C 193 -34.19 -3.61 2.98
C ILE C 193 -35.38 -4.07 2.16
N LEU C 194 -36.55 -3.51 2.41
CA LEU C 194 -37.71 -3.82 1.61
C LEU C 194 -37.73 -2.95 0.37
N LYS C 195 -38.63 -3.24 -0.56
CA LYS C 195 -38.73 -2.51 -1.81
C LYS C 195 -40.20 -2.26 -2.07
N CYS C 196 -40.51 -1.66 -3.22
CA CYS C 196 -41.90 -1.52 -3.67
C CYS C 196 -41.92 -1.81 -5.16
N LYS C 197 -42.12 -3.07 -5.52
CA LYS C 197 -42.06 -3.46 -6.91
C LYS C 197 -43.22 -2.92 -7.73
N ASP C 198 -44.14 -2.19 -7.12
CA ASP C 198 -45.27 -1.63 -7.84
C ASP C 198 -44.78 -0.66 -8.90
N LYS C 199 -45.68 -0.34 -9.85
CA LYS C 199 -45.37 0.59 -10.93
C LYS C 199 -46.32 1.76 -10.97
N LYS C 200 -47.12 1.98 -9.93
CA LYS C 200 -47.99 3.14 -9.84
C LYS C 200 -47.90 3.78 -8.46
N PHE C 201 -46.88 3.44 -7.69
CA PHE C 201 -46.85 3.81 -6.29
C PHE C 201 -46.92 5.32 -6.14
N ASN C 202 -47.87 5.77 -5.34
CA ASN C 202 -47.97 7.17 -4.96
C ASN C 202 -46.93 7.43 -3.89
N GLY C 203 -47.05 8.55 -3.18
CA GLY C 203 -46.08 8.82 -2.13
C GLY C 203 -46.11 7.82 -1.00
N THR C 204 -47.31 7.50 -0.51
CA THR C 204 -47.47 6.80 0.75
C THR C 204 -48.49 5.69 0.55
N GLY C 205 -48.98 5.10 1.63
CA GLY C 205 -50.02 4.11 1.56
C GLY C 205 -49.46 2.75 1.21
N PRO C 206 -50.34 1.75 1.08
CA PRO C 206 -49.88 0.38 0.87
C PRO C 206 -49.32 0.16 -0.52
N CYS C 207 -48.30 -0.67 -0.61
CA CYS C 207 -47.68 -1.09 -1.87
C CYS C 207 -47.84 -2.59 -2.01
N PRO C 208 -48.83 -3.05 -2.74
CA PRO C 208 -49.21 -4.46 -2.68
C PRO C 208 -48.24 -5.39 -3.40
N SER C 209 -47.06 -4.89 -3.75
CA SER C 209 -46.02 -5.76 -4.32
C SER C 209 -44.70 -5.38 -3.70
N VAL C 210 -44.24 -6.17 -2.73
CA VAL C 210 -42.99 -5.93 -2.04
C VAL C 210 -42.01 -7.03 -2.39
N SER C 211 -40.77 -6.85 -1.95
CA SER C 211 -39.71 -7.82 -2.20
C SER C 211 -38.51 -7.42 -1.37
N THR C 212 -37.79 -8.39 -0.84
CA THR C 212 -36.66 -8.08 0.01
C THR C 212 -35.35 -8.25 -0.73
N VAL C 213 -34.35 -7.53 -0.28
CA VAL C 213 -33.06 -7.45 -0.94
C VAL C 213 -32.05 -6.95 0.08
N GLN C 214 -30.82 -7.44 0.00
CA GLN C 214 -29.85 -6.98 0.97
C GLN C 214 -29.40 -5.56 0.68
N CYS C 215 -29.19 -5.21 -0.58
CA CYS C 215 -28.91 -3.80 -0.86
C CYS C 215 -29.33 -3.37 -2.25
N THR C 216 -29.48 -2.05 -2.37
CA THR C 216 -30.18 -1.38 -3.45
C THR C 216 -29.33 -1.23 -4.70
N HIS C 217 -29.96 -0.74 -5.76
CA HIS C 217 -29.29 -0.51 -7.02
C HIS C 217 -28.33 0.67 -6.89
N GLY C 218 -27.43 0.80 -7.86
CA GLY C 218 -26.50 1.91 -7.85
C GLY C 218 -27.24 3.23 -7.97
N ILE C 219 -26.78 4.23 -7.23
CA ILE C 219 -27.34 5.57 -7.27
C ILE C 219 -26.20 6.55 -7.49
N LYS C 220 -26.50 7.64 -8.17
CA LYS C 220 -25.47 8.62 -8.49
C LYS C 220 -25.66 9.86 -7.64
N PRO C 221 -24.71 10.22 -6.84
CA PRO C 221 -24.85 11.43 -6.03
C PRO C 221 -24.66 12.69 -6.87
N VAL C 222 -25.72 13.11 -7.52
CA VAL C 222 -25.69 14.30 -8.38
C VAL C 222 -26.34 15.45 -7.63
N VAL C 223 -25.96 16.67 -7.98
CA VAL C 223 -26.47 17.86 -7.31
C VAL C 223 -26.82 18.92 -8.34
N SER C 224 -27.94 19.59 -8.16
CA SER C 224 -28.40 20.57 -9.13
C SER C 224 -29.60 21.29 -8.54
N THR C 225 -30.22 22.15 -9.35
CA THR C 225 -31.49 22.76 -8.97
C THR C 225 -32.39 22.85 -10.19
N GLN C 226 -33.69 22.82 -9.92
CA GLN C 226 -34.75 23.05 -10.89
C GLN C 226 -34.88 21.91 -11.88
N LEU C 227 -33.94 20.98 -11.90
CA LEU C 227 -33.94 19.93 -12.91
C LEU C 227 -33.04 18.81 -12.43
N LEU C 228 -33.60 17.63 -12.26
CA LEU C 228 -32.74 16.51 -11.91
C LEU C 228 -32.00 16.06 -13.16
N LEU C 229 -30.95 15.28 -12.98
CA LEU C 229 -30.20 14.79 -14.11
C LEU C 229 -29.64 13.41 -13.80
N ASN C 230 -29.23 12.72 -14.86
CA ASN C 230 -28.58 11.42 -14.74
C ASN C 230 -29.32 10.51 -13.77
N GLY C 231 -30.63 10.68 -13.67
CA GLY C 231 -31.43 9.98 -12.68
C GLY C 231 -32.08 8.74 -13.24
N SER C 232 -33.06 8.24 -12.49
CA SER C 232 -33.83 7.08 -12.90
C SER C 232 -35.28 7.46 -13.11
N LEU C 233 -35.93 6.74 -14.01
CA LEU C 233 -37.19 7.16 -14.59
C LEU C 233 -38.25 6.08 -14.44
N ALA C 234 -39.51 6.50 -14.49
CA ALA C 234 -40.64 5.62 -14.20
C ALA C 234 -40.87 4.68 -15.37
N GLU C 235 -41.96 3.94 -15.32
CA GLU C 235 -42.24 2.94 -16.34
C GLU C 235 -43.48 3.23 -17.16
N GLU C 236 -44.63 3.45 -16.52
CA GLU C 236 -45.86 3.60 -17.30
C GLU C 236 -46.00 5.03 -17.82
N GLU C 237 -46.08 6.01 -16.91
CA GLU C 237 -46.31 7.40 -17.28
C GLU C 237 -45.67 8.29 -16.25
N VAL C 238 -45.34 9.51 -16.67
CA VAL C 238 -44.89 10.55 -15.76
C VAL C 238 -45.85 10.65 -14.60
N MET C 239 -45.37 10.43 -13.38
CA MET C 239 -46.24 10.45 -12.22
C MET C 239 -45.70 11.44 -11.20
N ILE C 240 -46.56 12.31 -10.74
CA ILE C 240 -46.13 13.37 -9.83
C ILE C 240 -46.31 12.86 -8.41
N ARG C 241 -45.45 13.32 -7.52
CA ARG C 241 -45.53 12.98 -6.12
C ARG C 241 -45.46 14.25 -5.33
N SER C 242 -45.98 14.21 -4.11
CA SER C 242 -45.99 15.43 -3.32
C SER C 242 -46.11 15.09 -1.85
N GLU C 243 -45.68 16.03 -1.02
CA GLU C 243 -45.93 15.92 0.40
C GLU C 243 -47.40 16.13 0.70
N ASN C 244 -47.93 17.29 0.33
CA ASN C 244 -49.34 17.63 0.48
C ASN C 244 -49.70 18.44 -0.76
N ILE C 245 -50.23 17.75 -1.77
CA ILE C 245 -50.43 18.35 -3.07
C ILE C 245 -51.38 19.54 -3.03
N THR C 246 -51.98 19.82 -1.89
CA THR C 246 -52.87 20.96 -1.77
C THR C 246 -52.32 22.01 -0.81
N ASN C 247 -51.01 22.17 -0.79
CA ASN C 247 -50.37 23.20 0.01
C ASN C 247 -49.35 23.93 -0.85
N ASN C 248 -49.37 25.26 -0.79
CA ASN C 248 -48.43 26.05 -1.56
C ASN C 248 -46.99 25.71 -1.20
N ALA C 249 -46.70 25.62 0.08
CA ALA C 249 -45.33 25.70 0.55
C ALA C 249 -44.61 24.38 0.52
N LYS C 250 -45.04 23.43 -0.31
CA LYS C 250 -44.40 22.13 -0.37
C LYS C 250 -44.03 21.83 -1.82
N ASN C 251 -42.76 21.53 -2.03
CA ASN C 251 -42.28 21.22 -3.37
C ASN C 251 -42.96 19.97 -3.89
N ILE C 252 -43.08 19.88 -5.21
CA ILE C 252 -43.58 18.68 -5.84
C ILE C 252 -42.45 18.03 -6.60
N LEU C 253 -42.69 16.85 -7.14
CA LEU C 253 -41.63 16.09 -7.80
C LEU C 253 -42.21 15.35 -8.98
N VAL C 254 -41.90 15.82 -10.17
CA VAL C 254 -42.28 15.15 -11.40
C VAL C 254 -41.28 14.01 -11.61
N GLN C 255 -41.55 13.11 -12.53
CA GLN C 255 -40.56 12.12 -12.93
C GLN C 255 -40.84 11.71 -14.37
N PHE C 256 -39.89 11.97 -15.26
CA PHE C 256 -40.11 11.72 -16.68
C PHE C 256 -40.06 10.24 -16.99
N ASN C 257 -40.60 9.89 -18.16
CA ASN C 257 -40.52 8.54 -18.68
C ASN C 257 -39.45 8.38 -19.75
N THR C 258 -38.75 9.45 -20.10
CA THR C 258 -37.85 9.43 -21.22
C THR C 258 -36.73 10.44 -20.97
N PRO C 259 -35.54 10.12 -21.34
CA PRO C 259 -34.46 11.11 -21.22
C PRO C 259 -34.50 12.16 -22.32
N VAL C 260 -34.94 13.36 -21.98
CA VAL C 260 -34.77 14.50 -22.88
C VAL C 260 -33.35 15.01 -22.74
N GLN C 261 -32.57 14.92 -23.81
CA GLN C 261 -31.15 15.19 -23.73
C GLN C 261 -30.90 16.64 -23.35
N ILE C 262 -29.63 16.93 -23.12
CA ILE C 262 -29.15 18.28 -22.94
C ILE C 262 -27.63 18.24 -23.01
N ASN C 263 -27.01 19.28 -23.55
CA ASN C 263 -25.56 19.36 -23.40
C ASN C 263 -25.13 20.81 -23.35
N CYS C 264 -25.01 21.32 -22.14
CA CYS C 264 -24.29 22.56 -21.93
C CYS C 264 -22.85 22.35 -22.33
N THR C 265 -22.24 23.38 -22.90
CA THR C 265 -20.84 23.27 -23.26
C THR C 265 -20.22 24.64 -23.39
N ARG C 266 -18.92 24.69 -23.10
CA ARG C 266 -18.15 25.91 -23.21
C ARG C 266 -17.33 25.84 -24.49
N PRO C 267 -17.54 26.77 -25.46
CA PRO C 267 -16.76 26.76 -26.70
C PRO C 267 -15.28 27.00 -26.37
N ASN C 268 -14.39 26.66 -27.32
CA ASN C 268 -12.93 26.83 -27.11
C ASN C 268 -12.48 28.14 -27.77
N ASN C 269 -13.23 29.21 -27.57
CA ASN C 269 -12.90 30.54 -28.16
C ASN C 269 -13.19 31.64 -27.14
N ASP C 292 -16.37 35.56 -23.99
CA ASP C 292 -15.05 35.70 -23.42
C ASP C 292 -14.56 34.39 -22.83
N ILE C 293 -13.98 34.44 -21.63
CA ILE C 293 -13.37 33.25 -21.06
C ILE C 293 -14.36 32.41 -20.29
N ARG C 294 -15.46 32.99 -19.84
CA ARG C 294 -16.43 32.27 -19.04
C ARG C 294 -17.81 32.47 -19.68
N GLN C 295 -18.12 31.62 -20.65
CA GLN C 295 -19.44 31.66 -21.26
C GLN C 295 -19.67 30.37 -22.02
N ALA C 296 -20.89 29.87 -21.94
CA ALA C 296 -21.21 28.57 -22.47
C ALA C 296 -22.68 28.54 -22.79
N HIS C 297 -23.07 27.65 -23.70
CA HIS C 297 -24.46 27.58 -24.10
C HIS C 297 -25.03 26.20 -23.78
N CYS C 298 -26.31 26.20 -23.45
CA CYS C 298 -26.99 25.03 -22.91
C CYS C 298 -28.05 24.62 -23.95
N ASN C 299 -27.74 23.60 -24.74
CA ASN C 299 -28.54 23.21 -25.89
C ASN C 299 -29.43 22.02 -25.55
N VAL C 300 -30.72 22.15 -25.90
CA VAL C 300 -31.71 21.10 -25.77
C VAL C 300 -32.63 21.18 -26.97
N SER C 301 -33.16 20.04 -27.38
CA SER C 301 -34.10 20.01 -28.49
C SER C 301 -35.35 20.82 -28.18
N LYS C 302 -35.94 21.40 -29.22
CA LYS C 302 -37.09 22.27 -29.06
C LYS C 302 -38.41 21.52 -29.16
N ALA C 303 -38.46 20.45 -29.95
CA ALA C 303 -39.71 19.76 -30.16
C ALA C 303 -39.98 18.74 -29.08
N THR C 304 -39.02 17.87 -28.80
CA THR C 304 -39.24 16.81 -27.83
C THR C 304 -39.53 17.38 -26.45
N TRP C 305 -38.94 18.51 -26.11
CA TRP C 305 -39.26 19.13 -24.83
C TRP C 305 -40.71 19.59 -24.80
N ASN C 306 -41.14 20.31 -25.84
CA ASN C 306 -42.50 20.80 -25.87
C ASN C 306 -43.50 19.66 -25.88
N GLU C 307 -43.10 18.51 -26.44
CA GLU C 307 -43.95 17.33 -26.36
C GLU C 307 -44.00 16.80 -24.93
N THR C 308 -42.84 16.45 -24.39
CA THR C 308 -42.75 15.87 -23.06
C THR C 308 -43.30 16.78 -21.97
N LEU C 309 -43.45 18.06 -22.27
CA LEU C 309 -44.13 18.93 -21.33
C LEU C 309 -45.64 18.79 -21.44
N GLY C 310 -46.12 17.90 -22.29
CA GLY C 310 -47.54 17.69 -22.44
C GLY C 310 -48.12 16.68 -21.47
N LYS C 311 -47.41 15.59 -21.24
CA LYS C 311 -47.93 14.58 -20.34
C LYS C 311 -48.10 15.14 -18.93
N VAL C 312 -47.12 15.90 -18.46
CA VAL C 312 -47.22 16.54 -17.14
C VAL C 312 -48.42 17.46 -17.09
N VAL C 313 -48.61 18.29 -18.12
CA VAL C 313 -49.69 19.25 -18.06
C VAL C 313 -51.02 18.53 -18.16
N LYS C 314 -51.03 17.32 -18.71
CA LYS C 314 -52.26 16.53 -18.66
C LYS C 314 -52.52 16.01 -17.26
N GLN C 315 -51.54 15.31 -16.69
CA GLN C 315 -51.79 14.64 -15.42
C GLN C 315 -51.97 15.63 -14.28
N LEU C 316 -51.54 16.87 -14.46
CA LEU C 316 -51.77 17.85 -13.40
C LEU C 316 -53.24 18.07 -13.16
N ARG C 317 -54.03 18.23 -14.23
CA ARG C 317 -55.46 18.43 -14.06
C ARG C 317 -56.07 17.30 -13.24
N LYS C 318 -55.60 16.08 -13.46
CA LYS C 318 -56.10 14.92 -12.74
C LYS C 318 -56.08 15.15 -11.23
N HIS C 319 -55.13 15.93 -10.74
CA HIS C 319 -55.10 16.28 -9.33
C HIS C 319 -55.58 17.70 -9.08
N PHE C 320 -55.88 18.46 -10.13
CA PHE C 320 -56.20 19.89 -10.02
C PHE C 320 -57.43 20.25 -10.86
N GLY C 321 -58.46 19.43 -10.81
CA GLY C 321 -59.66 19.78 -11.54
C GLY C 321 -59.49 19.53 -13.03
N ASN C 322 -60.60 19.28 -13.73
CA ASN C 322 -60.52 18.69 -15.05
C ASN C 322 -60.58 19.72 -16.18
N ASN C 323 -61.20 20.88 -15.96
CA ASN C 323 -61.29 21.92 -16.98
C ASN C 323 -60.76 23.22 -16.40
N THR C 324 -59.45 23.42 -16.52
CA THR C 324 -58.79 24.60 -15.99
C THR C 324 -57.55 24.85 -16.81
N ILE C 325 -57.13 26.11 -16.86
CA ILE C 325 -55.94 26.50 -17.62
C ILE C 325 -54.76 26.64 -16.68
N ILE C 326 -53.59 26.26 -17.18
CA ILE C 326 -52.38 26.20 -16.38
C ILE C 326 -51.21 26.51 -17.29
N ARG C 327 -50.23 27.21 -16.74
CA ARG C 327 -49.09 27.67 -17.52
C ARG C 327 -47.82 27.53 -16.70
N PHE C 328 -46.71 27.47 -17.40
CA PHE C 328 -45.40 27.42 -16.79
C PHE C 328 -44.81 28.81 -16.80
N ALA C 329 -44.14 29.16 -15.72
CA ALA C 329 -43.85 30.54 -15.39
C ALA C 329 -42.37 30.73 -15.15
N ASN C 330 -42.05 31.90 -14.62
CA ASN C 330 -40.69 32.36 -14.40
C ASN C 330 -40.43 32.38 -12.90
N SER C 331 -39.16 32.21 -12.54
CA SER C 331 -38.81 32.22 -11.13
C SER C 331 -39.27 33.51 -10.47
N SER C 332 -39.52 33.43 -9.16
CA SER C 332 -40.05 34.58 -8.45
C SER C 332 -38.95 35.58 -8.12
N GLY C 333 -37.96 35.14 -7.35
CA GLY C 333 -36.88 36.03 -6.97
C GLY C 333 -35.97 35.34 -5.99
N GLY C 334 -35.15 36.13 -5.33
CA GLY C 334 -34.27 35.61 -4.31
C GLY C 334 -32.84 35.50 -4.79
N ASP C 335 -32.05 34.77 -4.00
CA ASP C 335 -30.67 34.51 -4.38
C ASP C 335 -30.63 33.83 -5.73
N LEU C 336 -29.50 33.94 -6.40
CA LEU C 336 -29.49 33.49 -7.79
C LEU C 336 -29.10 32.03 -7.94
N GLU C 337 -28.48 31.43 -6.93
CA GLU C 337 -28.20 30.01 -7.04
C GLU C 337 -29.45 29.22 -7.33
N VAL C 338 -30.61 29.70 -6.87
CA VAL C 338 -31.84 28.96 -7.01
C VAL C 338 -32.63 29.43 -8.23
N THR C 339 -32.57 30.72 -8.54
CA THR C 339 -33.46 31.22 -9.56
C THR C 339 -33.08 30.80 -10.96
N THR C 340 -32.11 29.92 -11.13
CA THR C 340 -31.71 29.45 -12.45
C THR C 340 -31.45 27.96 -12.38
N HIS C 341 -30.78 27.40 -13.40
CA HIS C 341 -30.42 25.99 -13.35
C HIS C 341 -28.91 25.90 -13.21
N SER C 342 -28.47 25.74 -11.97
CA SER C 342 -27.05 25.69 -11.68
C SER C 342 -26.61 24.26 -11.42
N PHE C 343 -25.34 23.99 -11.68
CA PHE C 343 -24.81 22.65 -11.42
C PHE C 343 -23.31 22.66 -11.65
N ASN C 344 -22.69 21.52 -11.39
CA ASN C 344 -21.25 21.38 -11.55
C ASN C 344 -20.96 20.43 -12.69
N CYS C 345 -19.86 20.68 -13.39
CA CYS C 345 -19.46 19.77 -14.45
C CYS C 345 -17.98 19.95 -14.76
N GLY C 346 -17.27 18.84 -14.90
CA GLY C 346 -15.86 18.89 -15.20
C GLY C 346 -15.05 19.50 -14.07
N GLY C 347 -15.71 20.00 -13.05
CA GLY C 347 -15.06 20.70 -11.98
C GLY C 347 -15.34 22.18 -11.93
N GLU C 348 -16.26 22.68 -12.74
CA GLU C 348 -16.61 24.10 -12.73
C GLU C 348 -18.10 24.25 -12.50
N PHE C 349 -18.52 25.49 -12.25
CA PHE C 349 -19.86 25.75 -11.75
C PHE C 349 -20.66 26.56 -12.77
N PHE C 350 -21.49 25.86 -13.54
CA PHE C 350 -22.32 26.47 -14.56
C PHE C 350 -23.60 27.01 -13.95
N TYR C 351 -24.09 28.11 -14.51
CA TYR C 351 -25.47 28.55 -14.34
C TYR C 351 -26.06 28.74 -15.73
N CYS C 352 -27.16 28.05 -16.02
CA CYS C 352 -27.93 28.30 -17.24
C CYS C 352 -29.22 29.02 -16.87
N ASN C 353 -29.50 30.10 -17.59
CA ASN C 353 -30.68 30.93 -17.34
C ASN C 353 -31.83 30.33 -18.13
N THR C 354 -32.59 29.44 -17.47
CA THR C 354 -33.69 28.78 -18.14
C THR C 354 -34.94 29.63 -18.18
N SER C 355 -34.80 30.87 -18.62
CA SER C 355 -35.95 31.73 -18.80
C SER C 355 -36.85 31.28 -19.93
N GLY C 356 -36.39 30.35 -20.75
CA GLY C 356 -37.10 30.00 -21.96
C GLY C 356 -37.45 28.54 -22.04
N LEU C 357 -37.83 27.95 -20.92
CA LEU C 357 -38.31 26.59 -20.93
C LEU C 357 -39.69 26.55 -20.30
N PHE C 358 -39.93 27.50 -19.41
CA PHE C 358 -41.19 27.57 -18.68
C PHE C 358 -41.89 28.86 -19.02
N ASN C 359 -41.95 29.19 -20.30
CA ASN C 359 -42.57 30.42 -20.77
C ASN C 359 -43.99 30.21 -21.26
N SER C 360 -44.35 29.00 -21.66
CA SER C 360 -45.57 28.77 -22.40
C SER C 360 -46.80 28.79 -21.50
N THR C 361 -47.95 28.61 -22.13
CA THR C 361 -49.24 28.51 -21.46
C THR C 361 -50.05 27.43 -22.18
N TRP C 362 -50.69 26.56 -21.41
CA TRP C 362 -51.46 25.47 -21.99
C TRP C 362 -52.93 25.61 -21.60
N ILE C 363 -53.78 24.96 -22.39
CA ILE C 363 -55.22 25.13 -22.26
C ILE C 363 -55.90 23.99 -23.02
N SER C 364 -57.05 23.57 -22.51
CA SER C 364 -57.83 22.50 -23.12
C SER C 364 -58.10 22.76 -24.60
N ASN C 377 -36.22 20.32 -37.13
CA ASN C 377 -35.80 19.83 -35.82
C ASN C 377 -34.78 20.77 -35.17
N ASP C 378 -35.18 22.02 -35.00
CA ASP C 378 -34.30 23.00 -34.36
C ASP C 378 -34.18 22.69 -32.87
N SER C 379 -33.29 23.43 -32.20
CA SER C 379 -32.99 23.22 -30.79
C SER C 379 -33.32 24.50 -30.00
N ILE C 380 -32.94 24.51 -28.74
CA ILE C 380 -33.05 25.70 -27.91
C ILE C 380 -31.67 26.00 -27.33
N THR C 381 -31.45 27.25 -26.98
CA THR C 381 -30.18 27.67 -26.42
C THR C 381 -30.41 28.44 -25.13
N LEU C 382 -29.37 28.45 -24.29
CA LEU C 382 -29.44 29.11 -23.00
C LEU C 382 -28.10 29.72 -22.62
N PRO C 383 -28.11 30.91 -22.05
CA PRO C 383 -26.85 31.61 -21.76
C PRO C 383 -26.16 31.19 -20.46
N CYS C 384 -25.34 30.15 -20.51
CA CYS C 384 -24.74 29.58 -19.31
C CYS C 384 -23.40 30.23 -19.01
N ARG C 385 -23.33 30.93 -17.87
CA ARG C 385 -22.10 31.50 -17.36
C ARG C 385 -21.43 30.53 -16.40
N ILE C 386 -20.18 30.83 -16.04
CA ILE C 386 -19.44 30.04 -15.06
C ILE C 386 -19.06 30.95 -13.92
N LYS C 387 -19.46 30.61 -12.71
CA LYS C 387 -19.25 31.55 -11.61
C LYS C 387 -18.03 31.16 -10.79
N GLN C 388 -17.71 31.99 -9.79
CA GLN C 388 -16.62 31.67 -8.88
C GLN C 388 -16.87 32.03 -7.43
N ILE C 389 -18.02 32.58 -7.08
CA ILE C 389 -18.36 32.87 -5.69
C ILE C 389 -19.77 32.38 -5.48
N ILE C 390 -19.90 31.23 -4.82
CA ILE C 390 -21.16 30.51 -4.74
C ILE C 390 -21.55 30.34 -3.29
N ASN C 391 -22.85 30.21 -3.06
CA ASN C 391 -23.38 29.91 -1.74
C ASN C 391 -23.42 28.41 -1.56
N MET C 392 -22.61 27.90 -0.63
CA MET C 392 -22.52 26.47 -0.40
C MET C 392 -23.90 25.89 -0.23
N TRP C 393 -24.08 24.66 -0.69
CA TRP C 393 -25.34 23.96 -0.44
C TRP C 393 -25.28 23.09 0.79
N GLN C 394 -24.11 22.95 1.40
CA GLN C 394 -23.95 22.07 2.54
C GLN C 394 -24.28 22.76 3.85
N ARG C 395 -24.21 24.08 3.88
CA ARG C 395 -24.22 24.84 5.11
C ARG C 395 -24.81 26.20 4.82
N ILE C 396 -24.55 27.15 5.69
CA ILE C 396 -24.75 28.56 5.42
C ILE C 396 -23.37 29.19 5.37
N GLY C 397 -22.88 29.45 4.16
CA GLY C 397 -21.55 29.96 3.98
C GLY C 397 -21.38 30.61 2.62
N GLN C 398 -20.15 30.59 2.12
CA GLN C 398 -19.79 31.13 0.82
C GLN C 398 -18.39 30.68 0.48
N ALA C 399 -18.14 30.42 -0.80
CA ALA C 399 -16.87 29.87 -1.23
C ALA C 399 -16.34 30.61 -2.45
N MET C 400 -15.03 30.55 -2.63
CA MET C 400 -14.35 31.00 -3.83
C MET C 400 -13.58 29.85 -4.46
N TYR C 401 -13.31 29.97 -5.75
CA TYR C 401 -12.47 29.01 -6.43
C TYR C 401 -11.63 29.74 -7.48
N ALA C 402 -10.69 29.02 -8.06
CA ALA C 402 -9.79 29.59 -9.04
C ALA C 402 -10.55 29.91 -10.33
N PRO C 403 -9.97 30.67 -11.25
CA PRO C 403 -10.61 30.92 -12.52
C PRO C 403 -10.65 29.65 -13.36
N PRO C 404 -11.44 29.63 -14.43
CA PRO C 404 -11.69 28.37 -15.14
C PRO C 404 -10.44 27.83 -15.82
N ILE C 405 -10.56 26.57 -16.23
CA ILE C 405 -9.44 25.88 -16.85
C ILE C 405 -9.31 26.31 -18.31
N GLN C 406 -8.11 26.12 -18.87
CA GLN C 406 -7.82 26.50 -20.24
C GLN C 406 -8.03 25.29 -21.14
N GLY C 407 -9.07 25.34 -21.96
CA GLY C 407 -9.35 24.25 -22.85
C GLY C 407 -10.85 24.15 -23.08
N VAL C 408 -11.25 23.07 -23.73
CA VAL C 408 -12.63 22.85 -24.09
C VAL C 408 -13.31 22.02 -23.00
N ILE C 409 -14.51 22.43 -22.63
CA ILE C 409 -15.26 21.79 -21.56
C ILE C 409 -16.61 21.39 -22.12
N ARG C 410 -16.91 20.10 -22.07
CA ARG C 410 -18.18 19.60 -22.55
C ARG C 410 -18.87 18.83 -21.46
N CYS C 411 -20.17 18.61 -21.63
CA CYS C 411 -20.94 17.98 -20.59
C CYS C 411 -22.26 17.50 -21.17
N VAL C 412 -22.54 16.21 -21.08
CA VAL C 412 -23.74 15.65 -21.67
C VAL C 412 -24.53 14.95 -20.58
N SER C 413 -25.85 15.22 -20.60
CA SER C 413 -26.86 14.69 -19.64
C SER C 413 -28.22 14.63 -20.34
N ASN C 414 -29.27 14.33 -19.56
CA ASN C 414 -30.67 14.23 -20.02
C ASN C 414 -31.57 14.36 -18.80
N ILE C 415 -32.17 15.55 -18.59
CA ILE C 415 -33.05 15.82 -17.42
C ILE C 415 -34.11 14.72 -17.30
N THR C 416 -34.27 14.15 -16.10
CA THR C 416 -35.28 13.09 -15.86
C THR C 416 -36.19 13.47 -14.69
N GLY C 417 -36.65 14.73 -14.62
CA GLY C 417 -37.51 15.10 -13.53
C GLY C 417 -37.24 16.51 -13.09
N LEU C 418 -38.10 17.08 -12.27
CA LEU C 418 -37.92 18.49 -11.95
C LEU C 418 -38.79 18.85 -10.76
N ILE C 419 -38.62 20.09 -10.31
CA ILE C 419 -39.23 20.58 -9.09
C ILE C 419 -40.00 21.85 -9.42
N LEU C 420 -41.27 21.89 -9.04
CA LEU C 420 -42.12 23.01 -9.37
C LEU C 420 -42.62 23.67 -8.09
N THR C 421 -43.53 24.62 -8.26
CA THR C 421 -44.17 25.27 -7.11
C THR C 421 -45.42 25.99 -7.57
N ARG C 422 -46.49 25.82 -6.81
CA ARG C 422 -47.78 26.40 -7.15
C ARG C 422 -47.73 27.91 -6.90
N ASP C 423 -48.89 28.54 -7.06
CA ASP C 423 -49.01 29.99 -6.87
C ASP C 423 -50.37 30.26 -6.26
N GLY C 424 -50.39 30.82 -5.07
CA GLY C 424 -51.64 31.04 -4.35
C GLY C 424 -52.63 31.89 -5.12
N GLY C 425 -53.77 31.31 -5.47
CA GLY C 425 -54.77 32.03 -6.22
C GLY C 425 -56.16 31.48 -5.94
N SER C 426 -57.09 31.84 -6.81
CA SER C 426 -58.47 31.42 -6.66
C SER C 426 -59.01 30.83 -7.95
N THR C 430 -59.49 28.13 -12.12
CA THR C 430 -59.50 29.13 -13.17
C THR C 430 -58.19 29.10 -13.94
N THR C 431 -57.10 29.42 -13.25
CA THR C 431 -55.79 29.50 -13.88
C THR C 431 -54.73 29.25 -12.83
N GLU C 432 -53.79 28.37 -13.14
CA GLU C 432 -52.69 28.06 -12.24
C GLU C 432 -51.37 28.04 -12.98
N THR C 433 -50.34 28.63 -12.38
CA THR C 433 -49.01 28.67 -12.98
C THR C 433 -48.04 27.93 -12.08
N PHE C 434 -46.92 27.50 -12.66
CA PHE C 434 -45.96 26.65 -11.94
C PHE C 434 -44.53 27.15 -12.10
N ARG C 435 -44.10 28.00 -11.19
CA ARG C 435 -42.74 28.50 -11.24
C ARG C 435 -41.80 27.49 -10.59
N PRO C 436 -40.59 27.33 -11.12
CA PRO C 436 -39.64 26.37 -10.55
C PRO C 436 -39.01 26.84 -9.26
N GLY C 437 -38.04 26.06 -8.78
CA GLY C 437 -37.37 26.37 -7.54
C GLY C 437 -36.68 25.12 -7.00
N GLY C 438 -36.18 25.25 -5.78
CA GLY C 438 -35.51 24.13 -5.16
C GLY C 438 -34.38 24.54 -4.25
N GLY C 439 -33.19 23.99 -4.48
CA GLY C 439 -32.03 24.40 -3.73
C GLY C 439 -31.83 23.71 -2.41
N ASP C 440 -32.67 22.75 -2.06
CA ASP C 440 -32.52 21.98 -0.84
C ASP C 440 -32.16 20.56 -1.24
N MET C 441 -30.87 20.27 -1.30
CA MET C 441 -30.43 19.00 -1.85
C MET C 441 -30.93 17.82 -1.05
N ARG C 442 -31.62 18.07 0.06
CA ARG C 442 -32.27 16.97 0.76
C ARG C 442 -33.14 16.19 -0.20
N ASP C 443 -34.12 16.85 -0.78
CA ASP C 443 -35.21 16.17 -1.45
C ASP C 443 -34.96 15.94 -2.92
N ASN C 444 -33.72 15.84 -3.33
CA ASN C 444 -33.46 15.27 -4.63
C ASN C 444 -32.67 13.99 -4.53
N TRP C 445 -32.43 13.50 -3.31
CA TRP C 445 -32.20 12.07 -3.17
C TRP C 445 -33.53 11.35 -3.04
N ARG C 446 -34.53 12.00 -2.45
CA ARG C 446 -35.81 11.34 -2.24
C ARG C 446 -36.33 10.74 -3.54
N SER C 447 -36.12 11.43 -4.65
CA SER C 447 -36.55 10.86 -5.91
C SER C 447 -35.84 9.56 -6.23
N GLU C 448 -34.85 9.16 -5.44
CA GLU C 448 -34.21 7.87 -5.62
C GLU C 448 -34.42 6.92 -4.46
N LEU C 449 -35.00 7.37 -3.37
CA LEU C 449 -35.12 6.52 -2.21
C LEU C 449 -36.52 6.58 -1.63
N TYR C 450 -37.54 6.57 -2.49
CA TYR C 450 -38.88 6.35 -2.00
C TYR C 450 -39.25 4.88 -1.97
N LYS C 451 -38.71 4.13 -2.89
CA LYS C 451 -39.09 2.74 -3.01
C LYS C 451 -38.34 1.85 -2.06
N TYR C 452 -37.77 2.39 -0.99
CA TYR C 452 -37.05 1.57 -0.04
C TYR C 452 -37.47 1.90 1.38
N LYS C 453 -37.16 0.99 2.28
CA LYS C 453 -37.49 1.12 3.69
C LYS C 453 -36.75 0.03 4.44
N VAL C 454 -36.05 0.34 5.50
CA VAL C 454 -35.19 -0.63 6.17
C VAL C 454 -35.88 -1.14 7.41
N VAL C 455 -35.85 -2.45 7.59
CA VAL C 455 -36.63 -3.10 8.63
C VAL C 455 -35.73 -4.14 9.28
N LYS C 456 -36.15 -4.63 10.44
CA LYS C 456 -35.31 -5.49 11.26
C LYS C 456 -35.92 -6.87 11.35
N ILE C 457 -35.09 -7.87 11.16
CA ILE C 457 -35.51 -9.26 11.30
C ILE C 457 -35.57 -9.60 12.77
N GLU C 458 -36.54 -10.42 13.15
CA GLU C 458 -36.80 -10.74 14.55
C GLU C 458 -37.31 -12.16 14.67
N PRO C 459 -36.45 -13.12 14.50
CA PRO C 459 -36.89 -14.50 14.42
C PRO C 459 -37.02 -15.17 15.78
N LEU C 460 -38.08 -14.85 16.52
CA LEU C 460 -38.39 -15.61 17.73
C LEU C 460 -39.83 -15.34 18.12
N GLY C 461 -40.69 -16.35 18.02
CA GLY C 461 -42.09 -16.19 18.34
C GLY C 461 -42.55 -17.27 19.30
N VAL C 462 -43.73 -17.06 19.87
CA VAL C 462 -44.34 -18.03 20.77
C VAL C 462 -45.82 -18.16 20.42
N ALA C 463 -46.38 -19.31 20.80
CA ALA C 463 -47.77 -19.61 20.46
C ALA C 463 -48.22 -20.77 21.33
N PRO C 464 -49.53 -20.92 21.54
CA PRO C 464 -50.03 -22.01 22.37
C PRO C 464 -50.33 -23.26 21.55
N THR C 465 -50.05 -24.41 22.17
CA THR C 465 -50.26 -25.69 21.51
C THR C 465 -50.20 -26.78 22.57
N ARG C 466 -50.80 -27.92 22.26
CA ARG C 466 -50.80 -29.06 23.17
C ARG C 466 -49.46 -29.78 23.10
N CYS C 467 -48.68 -29.67 24.17
CA CYS C 467 -47.47 -30.44 24.39
C CYS C 467 -47.24 -30.57 25.88
N LYS C 468 -46.10 -31.17 26.22
CA LYS C 468 -45.49 -31.09 27.54
C LYS C 468 -44.17 -31.82 27.47
N ARG C 469 -43.33 -31.58 28.47
CA ARG C 469 -42.03 -32.22 28.52
C ARG C 469 -42.15 -33.72 28.76
N GLY D 3 -21.15 -15.22 4.01
CA GLY D 3 -21.37 -15.11 5.44
C GLY D 3 -22.66 -15.75 5.88
N ILE D 4 -22.74 -16.14 7.15
CA ILE D 4 -23.94 -16.78 7.67
C ILE D 4 -25.14 -15.86 7.53
N GLY D 5 -24.91 -14.55 7.44
CA GLY D 5 -25.98 -13.59 7.49
C GLY D 5 -26.96 -13.67 6.34
N ALA D 6 -26.68 -14.49 5.34
CA ALA D 6 -27.67 -14.68 4.28
C ALA D 6 -28.86 -15.46 4.80
N VAL D 7 -28.62 -16.41 5.72
CA VAL D 7 -29.69 -17.29 6.15
C VAL D 7 -30.84 -16.50 6.75
N PHE D 8 -30.54 -15.41 7.45
CA PHE D 8 -31.60 -14.60 8.02
C PHE D 8 -32.58 -14.16 6.96
N LEU D 9 -32.09 -13.70 5.82
CA LEU D 9 -32.98 -13.30 4.75
C LEU D 9 -33.96 -14.42 4.42
N GLY D 10 -33.47 -15.65 4.35
CA GLY D 10 -34.33 -16.76 4.00
C GLY D 10 -35.54 -16.87 4.90
N PHE D 11 -35.40 -16.46 6.16
CA PHE D 11 -36.52 -16.55 7.07
C PHE D 11 -37.73 -15.81 6.54
N LEU D 12 -37.49 -14.66 5.90
CA LEU D 12 -38.64 -13.88 5.45
C LEU D 12 -39.31 -14.50 4.24
N GLY D 13 -38.74 -15.54 3.65
CA GLY D 13 -39.27 -16.05 2.40
C GLY D 13 -40.63 -16.68 2.51
N ALA D 14 -41.29 -16.56 3.66
CA ALA D 14 -42.53 -17.29 3.87
C ALA D 14 -43.63 -16.48 4.53
N ALA D 15 -43.43 -15.19 4.79
CA ALA D 15 -44.54 -14.40 5.27
C ALA D 15 -45.65 -14.39 4.23
N GLY D 16 -46.86 -14.06 4.68
CA GLY D 16 -48.03 -14.18 3.86
C GLY D 16 -48.74 -15.51 4.00
N SER D 17 -48.02 -16.57 4.31
CA SER D 17 -48.61 -17.89 4.42
C SER D 17 -49.33 -18.03 5.77
N THR D 18 -49.71 -19.25 6.11
CA THR D 18 -50.41 -19.53 7.35
C THR D 18 -49.48 -20.29 8.29
N MET D 19 -49.64 -20.02 9.59
CA MET D 19 -48.68 -20.47 10.59
C MET D 19 -48.37 -21.95 10.46
N GLY D 20 -49.35 -22.75 10.04
CA GLY D 20 -49.08 -24.16 9.82
C GLY D 20 -48.07 -24.40 8.73
N ALA D 21 -48.20 -23.68 7.62
CA ALA D 21 -47.30 -23.88 6.49
C ALA D 21 -45.86 -23.54 6.88
N ALA D 22 -45.68 -22.39 7.52
CA ALA D 22 -44.35 -22.01 7.98
C ALA D 22 -43.80 -23.04 8.95
N SER D 23 -44.63 -23.49 9.90
CA SER D 23 -44.16 -24.46 10.88
C SER D 23 -43.69 -25.74 10.20
N MET D 24 -44.40 -26.17 9.17
CA MET D 24 -43.98 -27.40 8.49
C MET D 24 -42.69 -27.18 7.73
N THR D 25 -42.60 -26.09 6.95
CA THR D 25 -41.44 -25.88 6.11
C THR D 25 -40.20 -25.46 6.89
N LEU D 26 -40.36 -25.14 8.17
CA LEU D 26 -39.26 -24.58 8.96
C LEU D 26 -38.01 -25.46 8.91
N THR D 27 -38.18 -26.76 9.16
CA THR D 27 -37.04 -27.65 9.31
C THR D 27 -36.23 -27.72 8.02
N VAL D 28 -36.86 -28.16 6.94
CA VAL D 28 -36.16 -28.32 5.68
C VAL D 28 -35.58 -27.00 5.22
N GLN D 29 -36.33 -25.90 5.40
CA GLN D 29 -35.83 -24.60 5.01
C GLN D 29 -34.51 -24.31 5.71
N ALA D 30 -34.48 -24.45 7.04
CA ALA D 30 -33.26 -24.15 7.77
C ALA D 30 -32.12 -25.04 7.32
N ARG D 31 -32.37 -26.35 7.20
CA ARG D 31 -31.29 -27.27 6.92
C ARG D 31 -30.69 -27.02 5.53
N ASN D 32 -31.54 -26.69 4.55
CA ASN D 32 -31.02 -26.39 3.22
C ASN D 32 -30.40 -25.00 3.13
N LEU D 33 -30.81 -24.07 3.98
CA LEU D 33 -30.26 -22.72 3.90
C LEU D 33 -28.90 -22.62 4.57
N LEU D 34 -28.72 -23.25 5.73
CA LEU D 34 -27.41 -23.22 6.37
C LEU D 34 -26.34 -23.75 5.44
N SER D 35 -26.62 -24.84 4.75
CA SER D 35 -25.67 -25.50 3.86
C SER D 35 -25.31 -24.68 2.63
N GLY D 36 -25.86 -23.49 2.47
CA GLY D 36 -25.57 -22.66 1.32
C GLY D 36 -24.10 -22.29 1.19
N LEU D 45 -9.83 -12.80 -7.26
CA LEU D 45 -8.76 -12.05 -6.62
C LEU D 45 -7.55 -11.95 -7.55
N ARG D 46 -7.82 -11.53 -8.78
CA ARG D 46 -6.81 -11.34 -9.82
C ARG D 46 -7.15 -10.02 -10.51
N ALA D 47 -6.56 -8.98 -10.06
CA ALA D 47 -6.94 -7.71 -10.65
C ALA D 47 -6.18 -7.49 -11.97
N PRO D 48 -6.86 -7.04 -13.00
CA PRO D 48 -6.17 -6.79 -14.27
C PRO D 48 -5.24 -5.60 -14.36
N GLU D 49 -4.87 -5.00 -13.22
CA GLU D 49 -3.84 -4.00 -13.13
C GLU D 49 -2.96 -4.24 -11.94
N ALA D 50 -2.14 -3.29 -11.52
CA ALA D 50 -1.18 -3.51 -10.45
C ALA D 50 -1.54 -3.15 -9.02
N GLN D 51 -2.13 -1.98 -8.81
CA GLN D 51 -2.47 -1.53 -7.46
C GLN D 51 -3.69 -2.27 -6.91
N GLN D 52 -4.64 -2.56 -7.78
CA GLN D 52 -5.85 -3.22 -7.32
C GLN D 52 -5.53 -4.53 -6.63
N HIS D 53 -4.83 -5.44 -7.31
CA HIS D 53 -4.60 -6.75 -6.70
C HIS D 53 -3.93 -6.65 -5.34
N LEU D 54 -3.29 -5.54 -5.04
CA LEU D 54 -2.83 -5.32 -3.68
C LEU D 54 -3.98 -4.90 -2.78
N LEU D 55 -4.79 -3.97 -3.25
CA LEU D 55 -5.85 -3.43 -2.42
C LEU D 55 -6.87 -4.49 -2.08
N LYS D 56 -7.38 -5.18 -3.11
CA LYS D 56 -8.42 -6.18 -3.04
C LYS D 56 -7.98 -7.35 -2.19
N LEU D 57 -6.78 -7.27 -1.71
CA LEU D 57 -6.25 -8.32 -0.87
C LEU D 57 -5.97 -7.85 0.54
N THR D 58 -5.43 -6.64 0.69
CA THR D 58 -5.14 -6.16 2.04
C THR D 58 -6.32 -5.41 2.65
N VAL D 59 -6.76 -4.34 2.01
CA VAL D 59 -7.70 -3.50 2.74
C VAL D 59 -9.13 -3.94 2.53
N TRP D 60 -9.53 -4.29 1.32
CA TRP D 60 -10.88 -4.79 1.18
C TRP D 60 -11.04 -6.18 1.73
N GLY D 61 -9.99 -6.74 2.31
CA GLY D 61 -10.11 -8.04 2.92
C GLY D 61 -10.78 -7.87 4.26
N ILE D 62 -10.18 -7.04 5.11
CA ILE D 62 -10.71 -6.84 6.44
C ILE D 62 -12.16 -6.41 6.39
N LYS D 63 -12.43 -5.28 5.73
CA LYS D 63 -13.77 -4.73 5.75
C LYS D 63 -14.80 -5.70 5.19
N GLN D 64 -14.38 -6.83 4.65
CA GLN D 64 -15.30 -7.93 4.38
C GLN D 64 -15.26 -9.00 5.45
N LEU D 65 -14.13 -9.16 6.11
CA LEU D 65 -14.00 -10.17 7.13
C LEU D 65 -14.52 -9.71 8.47
N GLN D 66 -14.97 -8.47 8.57
CA GLN D 66 -15.64 -8.01 9.77
C GLN D 66 -17.13 -8.16 9.68
N ALA D 67 -17.65 -8.63 8.56
CA ALA D 67 -19.08 -8.91 8.51
C ALA D 67 -19.38 -10.33 8.92
N ARG D 68 -18.63 -11.30 8.40
CA ARG D 68 -18.87 -12.67 8.78
C ARG D 68 -18.84 -12.84 10.29
N VAL D 69 -17.85 -12.24 10.95
CA VAL D 69 -17.80 -12.38 12.39
C VAL D 69 -18.95 -11.66 13.05
N LEU D 70 -19.29 -10.49 12.53
CA LEU D 70 -20.40 -9.74 13.09
C LEU D 70 -21.70 -10.51 12.98
N ALA D 71 -21.78 -11.44 12.05
CA ALA D 71 -22.99 -12.25 11.95
C ALA D 71 -22.90 -13.51 12.78
N VAL D 72 -21.70 -14.08 12.91
CA VAL D 72 -21.54 -15.20 13.83
C VAL D 72 -22.01 -14.81 15.21
N GLU D 73 -21.62 -13.64 15.68
CA GLU D 73 -22.01 -13.25 17.03
C GLU D 73 -23.51 -13.09 17.14
N ARG D 74 -24.14 -12.47 16.14
CA ARG D 74 -25.57 -12.30 16.20
C ARG D 74 -26.29 -13.65 16.26
N TYR D 75 -25.78 -14.63 15.53
CA TYR D 75 -26.40 -15.94 15.56
C TYR D 75 -26.20 -16.61 16.90
N LEU D 76 -25.03 -16.42 17.50
CA LEU D 76 -24.79 -17.03 18.79
C LEU D 76 -25.68 -16.45 19.86
N ARG D 77 -25.96 -15.14 19.81
CA ARG D 77 -26.85 -14.57 20.81
C ARG D 77 -28.14 -15.37 20.90
N ASP D 78 -28.79 -15.61 19.76
CA ASP D 78 -30.00 -16.41 19.79
C ASP D 78 -29.70 -17.83 20.26
N GLN D 79 -28.90 -18.56 19.49
CA GLN D 79 -28.76 -19.97 19.76
C GLN D 79 -28.23 -20.21 21.16
N GLN D 80 -27.91 -19.13 21.86
CA GLN D 80 -27.61 -19.17 23.27
C GLN D 80 -28.84 -18.89 24.12
N LEU D 81 -29.48 -17.74 23.89
CA LEU D 81 -30.69 -17.40 24.62
C LEU D 81 -31.68 -18.55 24.65
N LEU D 82 -31.86 -19.24 23.52
CA LEU D 82 -32.68 -20.44 23.54
C LEU D 82 -32.20 -21.47 24.53
N GLY D 83 -30.96 -21.37 25.01
CA GLY D 83 -30.51 -22.31 26.03
C GLY D 83 -31.20 -22.06 27.35
N ILE D 84 -31.30 -20.80 27.75
CA ILE D 84 -31.92 -20.44 29.01
C ILE D 84 -33.29 -21.07 29.16
N TRP D 85 -34.01 -21.23 28.06
CA TRP D 85 -35.37 -21.76 28.11
C TRP D 85 -35.40 -23.26 27.99
N GLY D 86 -34.35 -23.93 28.40
CA GLY D 86 -34.37 -25.38 28.50
C GLY D 86 -34.10 -26.09 27.20
N CYS D 87 -34.52 -25.50 26.09
CA CYS D 87 -34.41 -26.14 24.79
C CYS D 87 -33.63 -25.26 23.83
N SER D 88 -32.39 -25.64 23.57
CA SER D 88 -31.53 -24.94 22.64
C SER D 88 -31.19 -25.76 21.41
N GLY D 89 -31.39 -27.06 21.44
CA GLY D 89 -31.07 -27.83 20.27
C GLY D 89 -32.01 -27.55 19.12
N LYS D 90 -33.30 -27.71 19.37
CA LYS D 90 -34.27 -27.87 18.31
C LYS D 90 -34.67 -26.51 17.72
N LEU D 91 -35.50 -26.59 16.68
CA LEU D 91 -36.11 -25.41 16.08
C LEU D 91 -37.54 -25.21 16.54
N ILE D 92 -38.26 -26.30 16.82
CA ILE D 92 -39.61 -26.25 17.36
C ILE D 92 -39.56 -26.92 18.73
N CYS D 93 -39.73 -26.12 19.76
CA CYS D 93 -39.70 -26.58 21.13
C CYS D 93 -41.05 -26.31 21.78
N CYS D 94 -41.54 -27.27 22.56
CA CYS D 94 -42.69 -27.02 23.41
C CYS D 94 -42.40 -27.44 24.84
N THR D 95 -42.89 -26.63 25.77
CA THR D 95 -42.45 -26.65 27.16
C THR D 95 -43.62 -26.80 28.12
N ASN D 96 -43.39 -26.54 29.41
CA ASN D 96 -44.42 -26.83 30.40
C ASN D 96 -44.85 -25.60 31.19
N VAL D 97 -45.12 -24.51 30.49
CA VAL D 97 -45.78 -23.33 31.06
C VAL D 97 -47.20 -23.27 30.51
N PRO D 98 -48.21 -23.14 31.36
CA PRO D 98 -49.60 -23.20 30.87
C PRO D 98 -50.01 -21.87 30.28
N TRP D 99 -50.65 -21.92 29.13
CA TRP D 99 -51.03 -20.69 28.42
C TRP D 99 -52.15 -20.00 29.18
N ASN D 100 -51.83 -18.96 29.93
CA ASN D 100 -52.84 -18.13 30.54
C ASN D 100 -53.73 -17.54 29.46
N SER D 101 -55.04 -17.60 29.67
CA SER D 101 -55.98 -17.20 28.64
C SER D 101 -56.17 -15.70 28.57
N SER D 102 -55.75 -14.96 29.59
CA SER D 102 -55.86 -13.52 29.52
C SER D 102 -55.00 -12.94 28.40
N TRP D 103 -53.99 -13.67 27.93
CA TRP D 103 -53.15 -13.21 26.84
C TRP D 103 -53.88 -13.41 25.51
N SER D 104 -54.90 -12.59 25.30
CA SER D 104 -55.64 -12.56 24.04
C SER D 104 -56.26 -13.93 23.74
N ASN D 105 -57.18 -14.32 24.61
CA ASN D 105 -57.93 -15.55 24.40
C ASN D 105 -58.59 -15.57 23.02
N ARG D 106 -58.60 -16.75 22.41
CA ARG D 106 -59.20 -16.97 21.11
C ARG D 106 -59.16 -18.45 20.80
N ASN D 107 -60.06 -18.88 19.92
CA ASN D 107 -60.13 -20.29 19.58
C ASN D 107 -58.84 -20.74 18.93
N LEU D 108 -58.31 -21.87 19.40
CA LEU D 108 -57.11 -22.42 18.77
C LEU D 108 -57.31 -22.63 17.29
N SER D 109 -58.41 -23.25 16.90
CA SER D 109 -58.68 -23.39 15.47
C SER D 109 -58.83 -22.05 14.79
N GLU D 110 -59.15 -21.00 15.55
CA GLU D 110 -59.22 -19.66 14.98
C GLU D 110 -57.85 -19.01 14.83
N ILE D 111 -56.77 -19.79 14.93
CA ILE D 111 -55.44 -19.23 14.84
C ILE D 111 -54.66 -19.89 13.71
N TRP D 112 -54.44 -21.17 13.81
CA TRP D 112 -53.40 -21.74 12.97
C TRP D 112 -53.76 -21.85 11.54
N ASP D 113 -54.89 -21.33 11.10
CA ASP D 113 -55.26 -21.42 9.70
C ASP D 113 -55.91 -20.15 9.17
N ASN D 114 -55.98 -19.09 9.96
CA ASN D 114 -56.60 -17.86 9.53
C ASN D 114 -55.79 -16.63 9.92
N MET D 115 -54.52 -16.80 10.28
CA MET D 115 -53.68 -15.68 10.65
C MET D 115 -52.26 -15.95 10.19
N THR D 116 -51.59 -14.91 9.73
CA THR D 116 -50.16 -14.97 9.43
C THR D 116 -49.38 -14.33 10.56
N TRP D 117 -48.17 -14.86 10.78
CA TRP D 117 -47.44 -14.57 12.00
C TRP D 117 -47.45 -13.10 12.35
N LEU D 118 -47.31 -12.23 11.36
CA LEU D 118 -47.31 -10.80 11.62
C LEU D 118 -48.55 -10.39 12.41
N GLN D 119 -49.72 -10.86 11.99
CA GLN D 119 -50.93 -10.59 12.75
C GLN D 119 -50.74 -10.97 14.20
N TRP D 120 -50.22 -12.17 14.43
CA TRP D 120 -50.06 -12.68 15.77
C TRP D 120 -49.17 -11.78 16.59
N ASP D 121 -48.07 -11.32 16.00
CA ASP D 121 -47.17 -10.43 16.69
C ASP D 121 -47.88 -9.15 17.07
N LYS D 122 -48.54 -8.51 16.11
CA LYS D 122 -49.30 -7.31 16.42
C LYS D 122 -50.27 -7.57 17.55
N GLU D 123 -50.88 -8.75 17.57
CA GLU D 123 -51.85 -9.07 18.60
C GLU D 123 -51.21 -9.05 19.97
N ILE D 124 -50.25 -9.93 20.20
CA ILE D 124 -49.83 -10.24 21.56
C ILE D 124 -48.56 -9.50 21.95
N SER D 125 -48.14 -8.52 21.16
CA SER D 125 -46.84 -7.87 21.40
C SER D 125 -46.73 -7.26 22.79
N ASN D 126 -47.82 -7.18 23.53
CA ASN D 126 -47.76 -6.53 24.83
C ASN D 126 -47.17 -7.41 25.90
N TYR D 127 -47.40 -8.71 25.85
CA TYR D 127 -47.05 -9.60 26.95
C TYR D 127 -45.75 -10.35 26.72
N THR D 128 -44.95 -9.93 25.74
CA THR D 128 -43.75 -10.66 25.39
C THR D 128 -42.84 -10.85 26.60
N GLN D 129 -42.43 -9.73 27.21
CA GLN D 129 -41.54 -9.84 28.37
C GLN D 129 -42.14 -10.71 29.46
N ILE D 130 -43.47 -10.69 29.60
CA ILE D 130 -44.12 -11.56 30.58
C ILE D 130 -43.80 -13.01 30.29
N ILE D 131 -44.07 -13.45 29.07
CA ILE D 131 -43.79 -14.82 28.69
C ILE D 131 -42.33 -15.14 28.86
N TYR D 132 -41.46 -14.18 28.57
CA TYR D 132 -40.03 -14.45 28.61
C TYR D 132 -39.57 -14.72 30.03
N GLY D 133 -39.86 -13.78 30.94
CA GLY D 133 -39.53 -14.01 32.34
C GLY D 133 -40.17 -15.29 32.86
N LEU D 134 -41.40 -15.56 32.44
CA LEU D 134 -42.10 -16.75 32.90
C LEU D 134 -41.33 -18.00 32.49
N LEU D 135 -40.97 -18.09 31.22
CA LEU D 135 -40.24 -19.25 30.73
C LEU D 135 -38.92 -19.40 31.46
N GLU D 136 -38.20 -18.30 31.63
CA GLU D 136 -36.92 -18.38 32.32
C GLU D 136 -37.09 -18.96 33.70
N GLU D 137 -37.98 -18.37 34.51
CA GLU D 137 -38.11 -18.82 35.88
C GLU D 137 -38.65 -20.23 35.95
N SER D 138 -39.49 -20.63 34.99
CA SER D 138 -40.00 -21.99 35.00
C SER D 138 -38.87 -22.97 34.82
N GLN D 139 -38.04 -22.75 33.81
CA GLN D 139 -36.86 -23.60 33.65
C GLN D 139 -36.02 -23.60 34.91
N ASN D 140 -35.80 -22.42 35.49
CA ASN D 140 -34.96 -22.31 36.67
C ASN D 140 -35.50 -23.18 37.80
N GLN D 141 -36.71 -22.88 38.26
CA GLN D 141 -37.32 -23.66 39.34
C GLN D 141 -37.38 -25.14 39.00
N GLN D 142 -37.50 -25.48 37.72
CA GLN D 142 -37.53 -26.87 37.32
C GLN D 142 -36.25 -27.61 37.70
N GLU D 143 -35.24 -26.93 38.20
CA GLU D 143 -34.01 -27.57 38.66
C GLU D 143 -33.96 -27.67 40.18
N LYS D 144 -35.11 -27.93 40.80
CA LYS D 144 -35.15 -28.18 42.23
C LYS D 144 -35.29 -29.66 42.53
N ASN E 1 -28.10 -57.79 18.03
CA ASN E 1 -28.17 -57.07 16.77
C ASN E 1 -27.26 -55.85 16.79
N LEU E 2 -27.08 -55.22 15.64
CA LEU E 2 -26.14 -54.12 15.48
C LEU E 2 -26.84 -52.87 15.00
N TRP E 3 -26.49 -51.74 15.59
CA TRP E 3 -27.16 -50.48 15.31
C TRP E 3 -26.14 -49.42 14.90
N VAL E 4 -26.62 -48.43 14.19
CA VAL E 4 -25.77 -47.45 13.53
C VAL E 4 -25.57 -46.25 14.45
N THR E 5 -24.32 -45.80 14.57
CA THR E 5 -23.98 -44.70 15.46
C THR E 5 -23.13 -43.71 14.69
N VAL E 6 -23.42 -42.42 14.85
CA VAL E 6 -22.58 -41.42 14.23
C VAL E 6 -21.40 -41.10 15.13
N TYR E 7 -20.39 -40.50 14.55
CA TYR E 7 -19.26 -39.96 15.29
C TYR E 7 -19.04 -38.53 14.83
N TYR E 8 -18.07 -37.84 15.40
CA TYR E 8 -17.78 -36.50 14.90
C TYR E 8 -16.34 -36.15 15.23
N GLY E 9 -15.61 -35.70 14.24
CA GLY E 9 -14.23 -35.34 14.45
C GLY E 9 -13.32 -36.52 14.23
N VAL E 10 -13.44 -37.16 13.09
CA VAL E 10 -12.71 -38.39 12.82
C VAL E 10 -11.91 -38.19 11.55
N PRO E 11 -10.65 -38.60 11.49
CA PRO E 11 -9.79 -38.21 10.36
C PRO E 11 -10.14 -38.86 9.04
N VAL E 12 -10.77 -38.12 8.14
CA VAL E 12 -11.22 -38.65 6.86
C VAL E 12 -11.16 -37.55 5.82
N TRP E 13 -10.54 -37.82 4.68
CA TRP E 13 -10.48 -36.87 3.58
C TRP E 13 -11.03 -37.48 2.31
N LYS E 14 -11.35 -36.63 1.35
CA LYS E 14 -11.87 -37.05 0.08
C LYS E 14 -11.28 -36.18 -1.01
N ASP E 15 -11.01 -36.76 -2.16
CA ASP E 15 -10.37 -35.99 -3.21
C ASP E 15 -11.32 -34.91 -3.70
N ALA E 16 -10.76 -33.79 -4.12
CA ALA E 16 -11.57 -32.69 -4.60
C ALA E 16 -10.75 -31.87 -5.57
N GLU E 17 -11.29 -30.73 -5.97
CA GLU E 17 -10.62 -29.91 -6.96
C GLU E 17 -11.15 -28.49 -6.86
N THR E 18 -10.24 -27.53 -6.96
CA THR E 18 -10.61 -26.15 -6.81
C THR E 18 -9.59 -25.31 -7.54
N THR E 19 -9.61 -24.03 -7.26
CA THR E 19 -8.77 -23.07 -7.97
C THR E 19 -7.74 -22.53 -7.00
N LEU E 20 -6.52 -23.05 -7.09
CA LEU E 20 -5.47 -22.69 -6.17
C LEU E 20 -5.01 -21.27 -6.47
N PHE E 21 -3.99 -20.79 -5.77
CA PHE E 21 -3.50 -19.45 -6.02
C PHE E 21 -1.98 -19.44 -5.97
N CYS E 22 -1.38 -18.54 -6.76
CA CYS E 22 0.06 -18.54 -6.94
C CYS E 22 0.79 -18.23 -5.66
N ALA E 23 2.12 -18.16 -5.78
CA ALA E 23 2.99 -17.55 -4.79
C ALA E 23 4.38 -17.43 -5.38
N SER E 24 4.94 -16.22 -5.45
CA SER E 24 6.23 -16.05 -6.08
C SER E 24 6.82 -14.71 -5.69
N ASP E 25 8.12 -14.69 -5.47
CA ASP E 25 8.81 -13.52 -4.93
C ASP E 25 9.41 -12.75 -6.10
N ALA E 26 8.67 -11.78 -6.61
CA ALA E 26 9.07 -11.04 -7.78
C ALA E 26 9.13 -9.56 -7.43
N LYS E 27 10.20 -8.91 -7.85
CA LYS E 27 10.40 -7.51 -7.53
C LYS E 27 9.40 -6.65 -8.30
N ALA E 28 8.93 -5.59 -7.65
CA ALA E 28 7.97 -4.73 -8.32
C ALA E 28 8.64 -3.79 -9.32
N TYR E 29 9.80 -3.24 -8.96
CA TYR E 29 10.38 -2.16 -9.76
C TYR E 29 10.83 -2.64 -11.14
N GLU E 30 11.27 -3.89 -11.26
CA GLU E 30 11.84 -4.34 -12.52
C GLU E 30 10.77 -4.39 -13.60
N THR E 31 11.19 -4.69 -14.83
CA THR E 31 10.27 -4.68 -15.94
C THR E 31 10.46 -5.85 -16.89
N GLU E 32 11.03 -6.96 -16.43
CA GLU E 32 10.93 -8.17 -17.22
C GLU E 32 9.46 -8.57 -17.30
N LYS E 33 9.15 -9.53 -18.16
CA LYS E 33 7.73 -9.84 -18.30
C LYS E 33 7.25 -10.77 -17.19
N HIS E 34 7.97 -11.86 -16.94
CA HIS E 34 7.59 -12.77 -15.88
C HIS E 34 7.28 -12.02 -14.60
N ASN E 35 8.17 -11.10 -14.22
CA ASN E 35 7.93 -10.33 -13.02
C ASN E 35 6.69 -9.47 -13.17
N VAL E 36 6.50 -8.88 -14.34
CA VAL E 36 5.34 -8.02 -14.50
C VAL E 36 4.07 -8.82 -14.31
N TRP E 37 4.10 -10.11 -14.59
CA TRP E 37 2.92 -10.92 -14.35
C TRP E 37 2.80 -11.32 -12.89
N ALA E 38 3.88 -11.81 -12.31
CA ALA E 38 3.84 -12.28 -10.93
C ALA E 38 3.44 -11.16 -10.00
N THR E 39 3.89 -9.96 -10.25
CA THR E 39 3.45 -8.87 -9.39
C THR E 39 2.12 -8.51 -9.62
N HIS E 40 1.39 -9.25 -10.41
CA HIS E 40 0.11 -8.77 -10.86
C HIS E 40 -1.01 -9.75 -10.61
N ALA E 41 -0.72 -11.03 -10.65
CA ALA E 41 -1.77 -11.99 -10.38
C ALA E 41 -1.30 -13.13 -9.50
N CYS E 42 -0.35 -12.86 -8.62
CA CYS E 42 0.08 -13.81 -7.62
C CYS E 42 0.34 -13.05 -6.32
N VAL E 43 0.90 -13.72 -5.32
CA VAL E 43 0.93 -13.15 -3.99
C VAL E 43 2.29 -13.46 -3.36
N PRO E 44 2.89 -12.52 -2.60
CA PRO E 44 4.22 -12.74 -2.04
C PRO E 44 4.39 -14.08 -1.35
N THR E 45 5.62 -14.56 -1.24
CA THR E 45 5.81 -15.94 -0.83
C THR E 45 5.45 -16.11 0.63
N ASP E 46 5.67 -17.29 1.15
CA ASP E 46 5.12 -17.51 2.49
C ASP E 46 6.23 -17.51 3.52
N PRO E 47 6.12 -16.72 4.57
CA PRO E 47 7.24 -16.58 5.51
C PRO E 47 7.51 -17.82 6.34
N ASN E 48 6.47 -18.43 6.90
CA ASN E 48 6.61 -19.53 7.85
C ASN E 48 5.93 -20.77 7.28
N PRO E 49 6.61 -21.50 6.42
CA PRO E 49 6.02 -22.72 5.88
C PRO E 49 5.97 -23.81 6.94
N GLN E 50 4.92 -24.62 6.88
CA GLN E 50 4.76 -25.74 7.80
C GLN E 50 5.16 -27.03 7.10
N GLU E 51 5.05 -28.13 7.83
CA GLU E 51 5.06 -29.47 7.25
C GLU E 51 4.77 -30.44 8.38
N ILE E 52 4.05 -31.52 8.06
CA ILE E 52 3.64 -32.45 9.10
C ILE E 52 3.74 -33.88 8.60
N HIS E 53 4.79 -34.59 8.97
CA HIS E 53 4.90 -35.97 8.53
C HIS E 53 3.83 -36.81 9.21
N LEU E 54 3.11 -37.62 8.44
CA LEU E 54 2.12 -38.52 9.02
C LEU E 54 2.80 -39.82 9.41
N GLU E 55 2.00 -40.80 9.84
CA GLU E 55 2.56 -42.07 10.26
C GLU E 55 1.63 -43.20 9.85
N ASN E 56 2.21 -44.23 9.22
CA ASN E 56 1.52 -45.46 8.84
C ASN E 56 0.44 -45.22 7.82
N VAL E 57 0.23 -43.98 7.40
CA VAL E 57 -0.75 -43.72 6.36
C VAL E 57 -0.18 -44.17 5.03
N THR E 58 -1.01 -44.76 4.19
CA THR E 58 -0.57 -45.22 2.88
C THR E 58 -1.60 -44.78 1.86
N GLU E 59 -1.17 -43.99 0.89
CA GLU E 59 -2.06 -43.22 0.05
C GLU E 59 -1.85 -43.58 -1.41
N GLU E 60 -2.92 -43.50 -2.18
CA GLU E 60 -2.93 -44.01 -3.54
C GLU E 60 -2.92 -42.83 -4.51
N PHE E 61 -1.74 -42.44 -4.96
CA PHE E 61 -1.60 -41.32 -5.87
C PHE E 61 -1.94 -41.74 -7.29
N ASN E 62 -1.77 -40.79 -8.21
CA ASN E 62 -1.79 -41.01 -9.64
C ASN E 62 -1.34 -39.71 -10.30
N MET E 63 -0.55 -39.81 -11.36
CA MET E 63 -0.11 -38.62 -12.06
C MET E 63 -0.85 -38.42 -13.38
N TRP E 64 -1.21 -39.47 -14.04
CA TRP E 64 -1.83 -39.27 -15.33
C TRP E 64 -3.22 -38.88 -15.24
N LYS E 65 -3.70 -38.54 -14.07
CA LYS E 65 -5.08 -38.11 -13.93
C LYS E 65 -5.18 -36.87 -13.07
N ASN E 66 -4.08 -36.20 -12.80
CA ASN E 66 -4.06 -35.12 -11.83
C ASN E 66 -4.94 -33.98 -12.30
N ASN E 67 -5.13 -33.03 -11.42
CA ASN E 67 -5.95 -31.89 -11.74
C ASN E 67 -5.34 -30.60 -11.27
N MET E 68 -4.16 -30.62 -10.69
CA MET E 68 -3.43 -29.39 -10.57
C MET E 68 -2.88 -28.97 -11.91
N VAL E 69 -2.72 -29.91 -12.83
CA VAL E 69 -2.05 -29.65 -14.08
C VAL E 69 -2.81 -28.62 -14.89
N GLU E 70 -4.03 -28.93 -15.29
CA GLU E 70 -4.87 -27.97 -15.98
C GLU E 70 -4.71 -26.59 -15.38
N GLN E 71 -4.85 -26.49 -14.07
CA GLN E 71 -4.72 -25.21 -13.41
C GLN E 71 -3.40 -24.53 -13.73
N MET E 72 -2.39 -25.27 -14.14
CA MET E 72 -1.14 -24.63 -14.51
C MET E 72 -1.12 -24.25 -15.96
N HIS E 73 -1.58 -25.17 -16.80
CA HIS E 73 -1.69 -24.92 -18.23
C HIS E 73 -2.39 -23.61 -18.49
N THR E 74 -3.50 -23.38 -17.81
CA THR E 74 -4.27 -22.18 -18.11
C THR E 74 -3.53 -20.93 -17.66
N ASP E 75 -2.96 -20.95 -16.47
CA ASP E 75 -2.21 -19.79 -16.00
C ASP E 75 -1.06 -19.45 -16.94
N ILE E 76 -0.34 -20.46 -17.40
CA ILE E 76 0.79 -20.17 -18.27
C ILE E 76 0.33 -19.66 -19.62
N ILE E 77 -0.73 -20.25 -20.19
CA ILE E 77 -1.31 -19.67 -21.39
C ILE E 77 -1.52 -18.18 -21.19
N SER E 78 -2.17 -17.82 -20.10
CA SER E 78 -2.40 -16.41 -19.88
C SER E 78 -1.13 -15.65 -19.59
N LEU E 79 -0.06 -16.33 -19.21
CA LEU E 79 1.19 -15.64 -19.01
C LEU E 79 1.80 -15.24 -20.34
N TRP E 80 1.86 -16.18 -21.27
CA TRP E 80 2.45 -15.84 -22.55
C TRP E 80 1.59 -14.83 -23.29
N ASP E 81 0.29 -15.00 -23.29
CA ASP E 81 -0.45 -14.05 -24.10
C ASP E 81 -0.42 -12.68 -23.58
N GLN E 82 0.30 -12.31 -22.54
CA GLN E 82 0.45 -10.92 -22.20
C GLN E 82 1.89 -10.45 -22.28
N SER E 83 2.81 -11.31 -22.71
CA SER E 83 4.19 -10.90 -22.89
C SER E 83 4.64 -10.98 -24.34
N LEU E 84 4.58 -12.14 -24.96
CA LEU E 84 5.09 -12.27 -26.31
C LEU E 84 3.97 -11.98 -27.31
N LYS E 85 3.67 -10.71 -27.43
CA LYS E 85 2.72 -10.30 -28.43
C LYS E 85 3.34 -10.55 -29.80
N PRO E 86 2.68 -11.28 -30.68
CA PRO E 86 3.23 -11.50 -32.00
C PRO E 86 2.83 -10.39 -32.95
N CYS E 87 3.57 -10.27 -34.04
CA CYS E 87 3.25 -9.24 -35.01
C CYS E 87 2.11 -9.65 -35.92
N VAL E 88 1.87 -10.95 -36.07
CA VAL E 88 0.73 -11.45 -36.82
C VAL E 88 0.29 -12.74 -36.18
N LYS E 89 -0.98 -12.83 -35.83
CA LYS E 89 -1.50 -13.97 -35.09
C LYS E 89 -2.60 -14.60 -35.93
N LEU E 90 -2.47 -15.88 -36.22
CA LEU E 90 -3.25 -16.53 -37.26
C LEU E 90 -3.84 -17.81 -36.70
N THR E 91 -5.15 -17.88 -36.58
CA THR E 91 -5.83 -18.99 -35.91
C THR E 91 -6.99 -19.50 -36.75
N PRO E 92 -6.90 -20.68 -37.32
CA PRO E 92 -8.07 -21.29 -37.95
C PRO E 92 -9.22 -21.41 -36.97
N LEU E 93 -10.43 -21.40 -37.52
CA LEU E 93 -11.65 -21.69 -36.78
C LEU E 93 -12.77 -21.85 -37.80
N CYS E 94 -13.69 -22.77 -37.57
CA CYS E 94 -14.73 -23.02 -38.55
C CYS E 94 -15.97 -23.59 -37.89
N VAL E 95 -17.10 -23.37 -38.53
CA VAL E 95 -18.39 -23.86 -38.04
C VAL E 95 -18.90 -24.98 -38.95
N ASN E 163 -9.26 -24.85 -45.25
CA ASN E 163 -10.71 -24.95 -45.21
C ASN E 163 -11.30 -23.85 -44.35
N CYS E 164 -11.06 -23.92 -43.05
CA CYS E 164 -11.76 -23.09 -42.09
C CYS E 164 -11.43 -21.62 -42.30
N ASN E 165 -12.17 -20.76 -41.63
CA ASN E 165 -11.92 -19.33 -41.66
C ASN E 165 -10.73 -19.01 -40.75
N THR E 166 -9.71 -18.36 -41.31
CA THR E 166 -8.47 -18.08 -40.60
C THR E 166 -8.33 -16.57 -40.47
N SER E 167 -8.94 -16.02 -39.42
CA SER E 167 -8.88 -14.59 -39.19
C SER E 167 -7.53 -14.23 -38.58
N ALA E 168 -6.93 -13.15 -39.06
CA ALA E 168 -5.62 -12.73 -38.59
C ALA E 168 -5.75 -11.49 -37.72
N ILE E 169 -4.79 -11.31 -36.83
CA ILE E 169 -4.73 -10.14 -35.98
C ILE E 169 -3.33 -9.56 -36.06
N THR E 170 -3.24 -8.23 -35.98
CA THR E 170 -1.97 -7.55 -36.08
C THR E 170 -1.84 -6.54 -34.97
N GLN E 171 -0.69 -6.52 -34.31
CA GLN E 171 -0.44 -5.61 -33.21
C GLN E 171 0.89 -4.93 -33.41
N ALA E 172 1.36 -4.21 -32.41
CA ALA E 172 2.68 -3.61 -32.41
C ALA E 172 3.57 -4.46 -31.50
N CYS E 173 4.55 -5.13 -32.07
CA CYS E 173 5.28 -6.18 -31.37
C CYS E 173 6.67 -5.69 -31.00
N PRO E 174 6.87 -5.16 -29.81
CA PRO E 174 8.21 -4.70 -29.43
C PRO E 174 9.08 -5.85 -29.01
N LYS E 175 10.27 -5.57 -28.53
CA LYS E 175 11.14 -6.60 -27.99
C LYS E 175 11.15 -6.54 -26.47
N VAL E 176 11.30 -7.69 -25.85
CA VAL E 176 11.10 -7.84 -24.42
C VAL E 176 12.09 -8.85 -23.87
N SER E 177 12.44 -8.68 -22.60
CA SER E 177 13.24 -9.69 -21.91
C SER E 177 12.34 -10.82 -21.46
N PHE E 178 12.93 -12.00 -21.28
CA PHE E 178 12.10 -13.17 -21.01
C PHE E 178 12.97 -14.22 -20.32
N GLU E 179 12.84 -14.32 -19.01
CA GLU E 179 13.51 -15.40 -18.29
C GLU E 179 12.61 -15.88 -17.16
N PRO E 180 12.23 -17.14 -17.17
CA PRO E 180 11.21 -17.60 -16.24
C PRO E 180 11.75 -17.71 -14.83
N ILE E 181 11.06 -17.05 -13.89
CA ILE E 181 11.35 -17.11 -12.46
C ILE E 181 10.63 -18.32 -11.90
N PRO E 182 10.89 -18.76 -10.67
CA PRO E 182 10.19 -19.92 -10.16
C PRO E 182 8.88 -19.52 -9.49
N ILE E 183 7.90 -20.38 -9.63
CA ILE E 183 6.56 -20.17 -9.12
C ILE E 183 6.17 -21.39 -8.33
N HIS E 184 5.39 -21.20 -7.25
CA HIS E 184 4.76 -22.31 -6.55
C HIS E 184 3.33 -22.00 -6.16
N TYR E 185 2.49 -23.04 -6.21
CA TYR E 185 1.05 -22.97 -6.02
C TYR E 185 0.68 -23.21 -4.57
N CYS E 186 -0.26 -22.43 -4.06
CA CYS E 186 -0.74 -22.65 -2.71
C CYS E 186 -2.19 -23.10 -2.76
N ALA E 187 -2.66 -23.67 -1.64
CA ALA E 187 -3.99 -24.28 -1.54
C ALA E 187 -4.88 -23.45 -0.65
N PRO E 188 -6.08 -23.14 -1.07
CA PRO E 188 -6.88 -22.13 -0.39
C PRO E 188 -7.43 -22.63 0.93
N ALA E 189 -8.26 -21.81 1.57
CA ALA E 189 -8.72 -22.07 2.93
C ALA E 189 -9.78 -23.16 2.92
N GLY E 190 -9.40 -24.38 3.26
CA GLY E 190 -10.40 -25.42 3.37
C GLY E 190 -9.94 -26.77 2.85
N PHE E 191 -8.91 -26.77 2.01
CA PHE E 191 -8.34 -27.96 1.44
C PHE E 191 -6.90 -28.10 1.91
N ALA E 192 -6.27 -29.20 1.58
CA ALA E 192 -4.89 -29.38 1.97
C ALA E 192 -4.19 -30.22 0.93
N ILE E 193 -2.87 -30.14 0.92
CA ILE E 193 -2.06 -30.73 -0.14
C ILE E 193 -1.18 -31.81 0.44
N LEU E 194 -1.17 -32.98 -0.19
CA LEU E 194 -0.37 -34.12 0.27
C LEU E 194 0.86 -34.27 -0.59
N LYS E 195 2.02 -34.38 0.02
CA LYS E 195 3.26 -34.61 -0.73
C LYS E 195 3.43 -36.10 -0.94
N CYS E 196 4.59 -36.53 -1.43
CA CYS E 196 4.93 -37.96 -1.43
C CYS E 196 6.45 -38.06 -1.31
N LYS E 197 6.94 -38.20 -0.08
CA LYS E 197 8.37 -38.12 0.13
C LYS E 197 9.12 -39.37 -0.26
N ASP E 198 8.50 -40.33 -0.91
CA ASP E 198 9.21 -41.51 -1.34
C ASP E 198 10.35 -41.11 -2.29
N LYS E 199 11.31 -42.02 -2.45
CA LYS E 199 12.39 -41.79 -3.39
C LYS E 199 12.45 -42.85 -4.47
N LYS E 200 11.45 -43.72 -4.53
CA LYS E 200 11.33 -44.66 -5.63
C LYS E 200 9.94 -44.67 -6.22
N PHE E 201 9.12 -43.68 -5.88
CA PHE E 201 7.77 -43.65 -6.42
C PHE E 201 7.83 -43.65 -7.93
N ASN E 202 6.78 -44.19 -8.54
CA ASN E 202 6.79 -44.35 -9.99
C ASN E 202 5.46 -43.97 -10.61
N GLY E 203 4.77 -42.98 -10.05
CA GLY E 203 3.63 -42.36 -10.68
C GLY E 203 2.30 -42.80 -10.14
N THR E 204 2.11 -44.09 -9.89
CA THR E 204 0.82 -44.60 -9.47
C THR E 204 1.01 -45.48 -8.25
N GLY E 205 -0.07 -46.06 -7.77
CA GLY E 205 0.01 -47.01 -6.68
C GLY E 205 0.12 -46.35 -5.32
N PRO E 206 0.59 -47.08 -4.35
CA PRO E 206 0.70 -46.53 -3.00
C PRO E 206 2.03 -45.87 -2.70
N CYS E 207 1.99 -44.69 -2.07
CA CYS E 207 3.20 -43.99 -1.68
C CYS E 207 3.34 -44.06 -0.18
N PRO E 208 4.11 -44.96 0.34
CA PRO E 208 4.01 -45.29 1.76
C PRO E 208 4.61 -44.25 2.69
N SER E 209 4.90 -43.06 2.22
CA SER E 209 5.29 -41.97 3.11
C SER E 209 4.66 -40.70 2.58
N VAL E 210 3.79 -40.08 3.36
CA VAL E 210 3.01 -38.94 2.92
C VAL E 210 3.28 -37.79 3.89
N SER E 211 2.86 -36.59 3.51
CA SER E 211 3.02 -35.43 4.36
C SER E 211 2.13 -34.33 3.81
N THR E 212 1.71 -33.42 4.68
CA THR E 212 0.91 -32.30 4.20
C THR E 212 1.74 -31.03 4.23
N VAL E 213 1.28 -30.05 3.47
CA VAL E 213 2.00 -28.81 3.29
C VAL E 213 1.03 -27.82 2.66
N GLN E 214 1.17 -26.54 2.96
CA GLN E 214 0.22 -25.62 2.37
C GLN E 214 0.60 -25.21 0.96
N CYS E 215 1.89 -25.15 0.62
CA CYS E 215 2.31 -24.67 -0.69
C CYS E 215 3.36 -25.58 -1.28
N THR E 216 3.26 -25.84 -2.58
CA THR E 216 4.21 -26.68 -3.27
C THR E 216 5.58 -26.02 -3.30
N HIS E 217 6.57 -26.72 -3.83
CA HIS E 217 7.91 -26.16 -3.96
C HIS E 217 8.05 -25.49 -5.32
N GLY E 218 8.73 -24.36 -5.34
CA GLY E 218 8.84 -23.54 -6.54
C GLY E 218 9.10 -24.27 -7.85
N ILE E 219 8.17 -24.18 -8.78
CA ILE E 219 8.31 -24.79 -10.08
C ILE E 219 8.70 -23.69 -11.05
N LYS E 220 9.23 -24.09 -12.19
CA LYS E 220 9.76 -23.14 -13.17
C LYS E 220 9.09 -23.34 -14.51
N PRO E 221 8.24 -22.43 -14.94
CA PRO E 221 7.49 -22.66 -16.15
C PRO E 221 8.35 -22.57 -17.39
N VAL E 222 9.08 -23.63 -17.74
CA VAL E 222 9.96 -23.61 -18.89
C VAL E 222 9.42 -24.57 -19.94
N VAL E 223 9.38 -24.11 -21.17
CA VAL E 223 8.73 -24.82 -22.26
C VAL E 223 9.76 -25.17 -23.33
N SER E 224 9.78 -26.42 -23.75
CA SER E 224 10.80 -26.89 -24.66
C SER E 224 10.30 -28.15 -25.34
N THR E 225 11.19 -28.90 -25.94
CA THR E 225 10.81 -30.13 -26.62
C THR E 225 11.98 -31.07 -26.66
N GLN E 226 11.68 -32.37 -26.58
CA GLN E 226 12.68 -33.41 -26.76
C GLN E 226 13.75 -33.38 -25.69
N LEU E 227 13.67 -32.41 -24.78
CA LEU E 227 14.64 -32.26 -23.72
C LEU E 227 14.06 -31.29 -22.71
N LEU E 228 14.03 -31.68 -21.46
CA LEU E 228 13.56 -30.72 -20.48
C LEU E 228 14.68 -29.76 -20.14
N LEU E 229 14.38 -28.77 -19.34
CA LEU E 229 15.40 -27.79 -18.96
C LEU E 229 15.13 -27.31 -17.54
N ASN E 230 16.23 -26.97 -16.87
CA ASN E 230 16.17 -26.41 -15.50
C ASN E 230 15.09 -27.10 -14.67
N GLY E 231 14.93 -28.46 -14.74
CA GLY E 231 14.01 -29.18 -13.90
C GLY E 231 14.55 -29.36 -12.49
N SER E 232 14.15 -30.45 -11.83
CA SER E 232 14.76 -30.85 -10.57
C SER E 232 14.92 -32.35 -10.57
N LEU E 233 16.01 -32.82 -9.99
CA LEU E 233 16.51 -34.15 -10.26
C LEU E 233 15.99 -35.15 -9.24
N ALA E 234 16.00 -36.41 -9.64
CA ALA E 234 15.69 -37.51 -8.73
C ALA E 234 16.87 -37.68 -7.78
N GLU E 235 16.82 -38.69 -6.95
CA GLU E 235 17.90 -38.73 -5.97
C GLU E 235 18.68 -40.03 -5.96
N GLU E 236 18.06 -41.15 -6.28
CA GLU E 236 18.85 -42.36 -6.28
C GLU E 236 19.33 -42.74 -7.68
N GLU E 237 18.44 -42.77 -8.66
CA GLU E 237 18.81 -43.22 -9.99
C GLU E 237 17.80 -42.67 -10.97
N VAL E 238 18.18 -42.66 -12.25
CA VAL E 238 17.30 -42.17 -13.29
C VAL E 238 16.09 -43.08 -13.38
N MET E 239 14.91 -42.53 -13.14
CA MET E 239 13.72 -43.33 -13.05
C MET E 239 12.81 -43.09 -14.23
N ILE E 240 12.19 -44.16 -14.71
CA ILE E 240 11.48 -44.18 -15.96
C ILE E 240 10.00 -44.16 -15.63
N ARG E 241 9.38 -43.00 -15.70
CA ARG E 241 7.96 -42.89 -15.47
C ARG E 241 7.23 -42.94 -16.79
N SER E 242 6.13 -43.68 -16.82
CA SER E 242 5.35 -43.81 -18.03
C SER E 242 3.90 -43.84 -17.65
N GLU E 243 3.06 -44.14 -18.64
CA GLU E 243 1.63 -44.26 -18.41
C GLU E 243 1.18 -45.69 -18.53
N ASN E 244 1.38 -46.30 -19.69
CA ASN E 244 1.16 -47.74 -19.87
C ASN E 244 2.30 -48.21 -20.74
N ILE E 245 3.39 -48.64 -20.11
CA ILE E 245 4.49 -49.22 -20.84
C ILE E 245 3.90 -50.37 -21.64
N THR E 246 4.51 -50.68 -22.78
CA THR E 246 3.93 -51.58 -23.76
C THR E 246 2.63 -51.01 -24.31
N ASN E 247 2.73 -49.83 -24.90
CA ASN E 247 1.65 -49.30 -25.72
C ASN E 247 2.12 -48.64 -27.01
N ASN E 248 3.39 -48.32 -27.15
CA ASN E 248 3.94 -47.69 -28.35
C ASN E 248 3.26 -46.38 -28.69
N ALA E 249 2.40 -45.87 -27.80
CA ALA E 249 1.68 -44.64 -28.11
C ALA E 249 1.62 -43.71 -26.91
N LYS E 250 2.32 -44.02 -25.84
CA LYS E 250 2.38 -43.16 -24.67
C LYS E 250 3.83 -42.85 -24.36
N ASN E 251 4.12 -41.58 -24.13
CA ASN E 251 5.49 -41.14 -23.99
C ASN E 251 6.13 -41.72 -22.74
N ILE E 252 7.44 -41.88 -22.80
CA ILE E 252 8.27 -42.13 -21.63
C ILE E 252 8.51 -40.79 -20.97
N LEU E 253 9.01 -40.80 -19.75
CA LEU E 253 9.57 -39.58 -19.17
C LEU E 253 10.74 -40.00 -18.29
N VAL E 254 11.94 -39.75 -18.75
CA VAL E 254 13.13 -40.04 -17.97
C VAL E 254 13.30 -38.90 -16.97
N GLN E 255 14.19 -39.08 -16.00
CA GLN E 255 14.60 -37.99 -15.14
C GLN E 255 16.02 -38.25 -14.68
N PHE E 256 16.88 -37.25 -14.79
CA PHE E 256 18.30 -37.43 -14.56
C PHE E 256 18.67 -37.24 -13.11
N ASN E 257 19.79 -37.85 -12.72
CA ASN E 257 20.38 -37.64 -11.41
C ASN E 257 21.29 -36.43 -11.35
N THR E 258 21.83 -36.02 -12.48
CA THR E 258 22.84 -34.97 -12.53
C THR E 258 22.61 -34.11 -13.75
N PRO E 259 22.95 -32.83 -13.67
CA PRO E 259 22.73 -31.93 -14.82
C PRO E 259 23.80 -32.14 -15.88
N VAL E 260 23.38 -32.49 -17.08
CA VAL E 260 24.28 -32.51 -18.23
C VAL E 260 24.28 -31.12 -18.81
N GLN E 261 25.10 -30.24 -18.26
CA GLN E 261 25.00 -28.83 -18.58
C GLN E 261 25.15 -28.59 -20.06
N ILE E 262 24.31 -27.70 -20.58
CA ILE E 262 24.34 -27.30 -21.99
C ILE E 262 24.61 -25.80 -22.02
N ASN E 263 25.35 -25.35 -23.02
CA ASN E 263 25.50 -23.93 -23.26
C ASN E 263 25.24 -23.69 -24.72
N CYS E 264 24.76 -22.50 -25.05
CA CYS E 264 24.31 -22.28 -26.40
C CYS E 264 24.34 -20.81 -26.69
N THR E 265 24.72 -20.45 -27.91
CA THR E 265 24.86 -19.04 -28.17
C THR E 265 24.91 -18.75 -29.66
N ARG E 266 24.56 -17.50 -29.96
CA ARG E 266 24.84 -16.87 -31.24
C ARG E 266 25.89 -15.80 -31.02
N PRO E 267 27.05 -15.88 -31.72
CA PRO E 267 28.12 -14.90 -31.55
C PRO E 267 27.80 -13.53 -32.16
N ASN E 268 28.60 -12.52 -31.85
CA ASN E 268 28.40 -11.14 -32.37
C ASN E 268 29.21 -10.97 -33.67
N ASN E 269 28.93 -11.81 -34.67
CA ASN E 269 29.64 -11.75 -35.97
C ASN E 269 28.63 -11.84 -37.11
N ASP E 292 25.61 -16.06 -40.71
CA ASP E 292 24.51 -15.15 -40.94
C ASP E 292 24.26 -14.32 -39.71
N ILE E 293 23.08 -13.71 -39.66
CA ILE E 293 22.61 -13.12 -38.41
C ILE E 293 21.78 -14.13 -37.63
N ARG E 294 21.44 -15.25 -38.24
CA ARG E 294 20.48 -16.19 -37.67
C ARG E 294 21.02 -17.60 -37.77
N GLN E 295 22.24 -17.82 -37.30
CA GLN E 295 22.65 -19.17 -36.95
C GLN E 295 23.54 -19.11 -35.73
N ALA E 296 23.68 -20.25 -35.06
CA ALA E 296 24.25 -20.31 -33.73
C ALA E 296 24.52 -21.77 -33.41
N HIS E 297 25.15 -22.01 -32.27
CA HIS E 297 25.45 -23.39 -31.92
C HIS E 297 25.25 -23.64 -30.43
N CYS E 298 24.81 -24.85 -30.15
CA CYS E 298 24.62 -25.36 -28.79
C CYS E 298 25.73 -26.37 -28.54
N ASN E 299 26.61 -26.06 -27.62
CA ASN E 299 27.72 -26.94 -27.29
C ASN E 299 27.46 -27.62 -25.97
N VAL E 300 27.81 -28.89 -25.91
CA VAL E 300 27.57 -29.73 -24.74
C VAL E 300 28.73 -30.72 -24.66
N SER E 301 28.90 -31.31 -23.47
CA SER E 301 30.03 -32.17 -23.21
C SER E 301 30.01 -33.42 -24.06
N LYS E 302 31.03 -34.26 -23.92
CA LYS E 302 31.18 -35.43 -24.76
C LYS E 302 31.18 -36.73 -24.00
N ALA E 303 31.50 -36.72 -22.71
CA ALA E 303 31.50 -37.94 -21.91
C ALA E 303 30.30 -38.04 -20.99
N THR E 304 29.99 -36.95 -20.27
CA THR E 304 28.79 -36.92 -19.45
C THR E 304 27.60 -37.51 -20.18
N TRP E 305 27.43 -37.15 -21.43
CA TRP E 305 26.36 -37.73 -22.23
C TRP E 305 26.58 -39.22 -22.40
N ASN E 306 27.79 -39.63 -22.79
CA ASN E 306 28.04 -41.03 -23.05
C ASN E 306 27.95 -41.89 -21.79
N GLU E 307 27.83 -41.27 -20.63
CA GLU E 307 27.58 -41.96 -19.37
C GLU E 307 26.11 -41.97 -19.01
N THR E 308 25.50 -40.79 -18.97
CA THR E 308 24.10 -40.64 -18.64
C THR E 308 23.19 -41.18 -19.71
N LEU E 309 23.73 -41.73 -20.79
CA LEU E 309 22.90 -42.54 -21.65
C LEU E 309 22.94 -44.00 -21.23
N GLY E 310 24.10 -44.51 -20.84
CA GLY E 310 24.16 -45.87 -20.35
C GLY E 310 23.34 -46.06 -19.09
N LYS E 311 23.43 -45.09 -18.18
CA LYS E 311 22.57 -45.15 -17.00
C LYS E 311 21.14 -45.44 -17.41
N VAL E 312 20.63 -44.62 -18.32
CA VAL E 312 19.25 -44.77 -18.78
C VAL E 312 19.04 -46.16 -19.36
N VAL E 313 19.96 -46.60 -20.21
CA VAL E 313 19.71 -47.84 -20.94
C VAL E 313 19.64 -49.00 -19.97
N LYS E 314 20.31 -48.90 -18.83
CA LYS E 314 20.24 -49.97 -17.84
C LYS E 314 18.79 -50.19 -17.39
N GLN E 315 18.19 -49.16 -16.77
CA GLN E 315 16.80 -49.29 -16.35
C GLN E 315 15.89 -49.65 -17.51
N LEU E 316 16.15 -49.11 -18.70
CA LEU E 316 15.38 -49.54 -19.85
C LEU E 316 15.37 -51.04 -19.95
N ARG E 317 16.55 -51.64 -20.02
CA ARG E 317 16.62 -53.09 -20.15
C ARG E 317 15.91 -53.76 -18.99
N LYS E 318 15.95 -53.14 -17.81
CA LYS E 318 15.27 -53.72 -16.66
C LYS E 318 13.78 -53.84 -16.92
N HIS E 319 13.10 -52.72 -17.10
CA HIS E 319 11.65 -52.77 -17.34
C HIS E 319 11.33 -53.54 -18.61
N PHE E 320 12.28 -53.60 -19.52
CA PHE E 320 12.05 -54.24 -20.80
C PHE E 320 12.67 -55.63 -20.79
N GLY E 321 12.71 -56.27 -21.96
CA GLY E 321 13.39 -57.53 -22.11
C GLY E 321 14.76 -57.51 -21.50
N ASN E 322 15.10 -58.58 -20.80
CA ASN E 322 16.41 -58.69 -20.17
C ASN E 322 17.41 -59.15 -21.20
N ASN E 323 18.59 -58.54 -21.18
CA ASN E 323 19.66 -58.87 -22.12
C ASN E 323 19.17 -58.74 -23.56
N THR E 324 18.89 -57.50 -23.95
CA THR E 324 18.45 -57.19 -25.30
C THR E 324 19.16 -55.95 -25.79
N ILE E 325 19.28 -55.84 -27.11
CA ILE E 325 20.03 -54.75 -27.73
C ILE E 325 19.13 -53.54 -27.84
N ILE E 326 19.70 -52.36 -27.60
CA ILE E 326 18.91 -51.14 -27.54
C ILE E 326 19.67 -50.02 -28.22
N ARG E 327 19.03 -49.34 -29.16
CA ARG E 327 19.69 -48.29 -29.91
C ARG E 327 18.75 -47.10 -30.02
N PHE E 328 19.34 -45.94 -30.29
CA PHE E 328 18.59 -44.70 -30.38
C PHE E 328 18.54 -44.23 -31.83
N ALA E 329 17.62 -43.29 -32.08
CA ALA E 329 17.31 -42.94 -33.46
C ALA E 329 16.93 -41.49 -33.55
N ASN E 330 17.27 -40.87 -34.68
CA ASN E 330 16.80 -39.53 -34.98
C ASN E 330 15.28 -39.52 -35.05
N SER E 331 14.72 -38.32 -35.17
CA SER E 331 13.28 -38.19 -35.16
C SER E 331 12.68 -38.93 -36.34
N SER E 332 11.35 -39.01 -36.34
CA SER E 332 10.65 -39.71 -37.41
C SER E 332 10.14 -38.75 -38.49
N GLY E 333 9.33 -37.78 -38.10
CA GLY E 333 8.81 -36.83 -39.05
C GLY E 333 7.66 -36.02 -38.48
N GLY E 334 7.34 -34.92 -39.11
CA GLY E 334 6.27 -34.06 -38.68
C GLY E 334 6.68 -32.62 -38.82
N ASP E 335 5.93 -31.75 -38.18
CA ASP E 335 6.28 -30.34 -38.17
C ASP E 335 7.71 -30.17 -37.70
N LEU E 336 8.33 -29.09 -38.09
CA LEU E 336 9.74 -29.05 -37.76
C LEU E 336 9.99 -28.75 -36.34
N GLU E 337 9.00 -28.80 -35.45
CA GLU E 337 9.23 -28.55 -34.05
C GLU E 337 9.24 -29.80 -33.20
N VAL E 338 8.59 -30.86 -33.67
CA VAL E 338 8.61 -32.13 -32.97
C VAL E 338 9.68 -33.05 -33.53
N THR E 339 10.55 -32.53 -34.38
CA THR E 339 11.64 -33.30 -34.93
C THR E 339 12.97 -32.67 -34.62
N THR E 340 12.99 -31.72 -33.70
CA THR E 340 14.18 -30.97 -33.32
C THR E 340 14.04 -30.68 -31.84
N HIS E 341 14.79 -29.69 -31.35
CA HIS E 341 14.75 -29.33 -29.94
C HIS E 341 14.59 -27.83 -29.88
N SER E 342 13.36 -27.36 -29.90
CA SER E 342 13.12 -25.93 -29.87
C SER E 342 13.04 -25.45 -28.45
N PHE E 343 13.23 -24.16 -28.27
CA PHE E 343 12.99 -23.55 -26.97
C PHE E 343 13.00 -22.05 -27.14
N ASN E 344 12.99 -21.35 -26.03
CA ASN E 344 13.11 -19.90 -26.06
C ASN E 344 14.35 -19.51 -25.29
N CYS E 345 14.94 -18.39 -25.65
CA CYS E 345 16.21 -17.96 -25.06
C CYS E 345 16.33 -16.44 -25.24
N GLY E 346 16.13 -15.70 -24.16
CA GLY E 346 16.21 -14.26 -24.23
C GLY E 346 15.12 -13.59 -25.03
N GLY E 347 14.33 -14.34 -25.79
CA GLY E 347 13.23 -13.74 -26.51
C GLY E 347 13.05 -14.32 -27.89
N GLU E 348 14.00 -15.15 -28.32
CA GLU E 348 14.00 -15.72 -29.66
C GLU E 348 13.91 -17.22 -29.59
N PHE E 349 13.54 -17.83 -30.70
CA PHE E 349 13.05 -19.20 -30.71
C PHE E 349 14.04 -20.10 -31.44
N PHE E 350 15.04 -20.61 -30.73
CA PHE E 350 16.05 -21.37 -31.45
C PHE E 350 15.47 -22.67 -31.96
N TYR E 351 16.21 -23.33 -32.83
CA TYR E 351 15.85 -24.67 -33.30
C TYR E 351 17.15 -25.43 -33.49
N CYS E 352 17.37 -26.47 -32.71
CA CYS E 352 18.61 -27.20 -32.83
C CYS E 352 18.40 -28.47 -33.63
N ASN E 353 19.47 -29.23 -33.81
CA ASN E 353 19.46 -30.43 -34.64
C ASN E 353 20.08 -31.54 -33.81
N THR E 354 19.28 -32.19 -32.99
CA THR E 354 19.82 -33.08 -31.99
C THR E 354 20.36 -34.39 -32.55
N SER E 355 20.20 -34.65 -33.84
CA SER E 355 20.84 -35.83 -34.39
C SER E 355 22.32 -35.77 -34.08
N GLY E 356 22.90 -36.92 -33.80
CA GLY E 356 24.22 -36.96 -33.24
C GLY E 356 24.24 -37.06 -31.73
N LEU E 357 23.10 -36.86 -31.08
CA LEU E 357 22.95 -37.23 -29.69
C LEU E 357 22.18 -38.50 -29.52
N PHE E 358 21.44 -38.91 -30.54
CA PHE E 358 20.54 -40.06 -30.46
C PHE E 358 20.86 -41.08 -31.54
N ASN E 359 22.11 -41.15 -31.94
CA ASN E 359 22.60 -42.11 -32.92
C ASN E 359 23.61 -42.97 -32.20
N SER E 360 23.18 -44.15 -31.76
CA SER E 360 24.05 -45.07 -31.04
C SER E 360 23.34 -46.40 -30.89
N THR E 361 24.12 -47.42 -30.57
CA THR E 361 23.61 -48.77 -30.31
C THR E 361 24.33 -49.34 -29.11
N TRP E 362 23.61 -50.12 -28.30
CA TRP E 362 24.12 -50.65 -27.06
C TRP E 362 23.80 -52.14 -27.00
N ILE E 363 24.83 -52.92 -26.67
CA ILE E 363 24.83 -54.36 -26.72
C ILE E 363 25.32 -54.88 -25.38
N SER E 364 24.85 -56.06 -25.00
CA SER E 364 25.24 -56.66 -23.72
C SER E 364 26.74 -56.92 -23.65
N ASP E 378 36.55 -33.55 -27.64
CA ASP E 378 36.24 -33.43 -26.21
C ASP E 378 34.85 -32.85 -26.01
N SER E 379 34.21 -32.43 -27.11
CA SER E 379 32.92 -31.79 -27.02
C SER E 379 32.08 -32.14 -28.25
N ILE E 380 30.80 -31.81 -28.16
CA ILE E 380 29.88 -31.96 -29.27
C ILE E 380 29.24 -30.61 -29.52
N THR E 381 28.91 -30.35 -30.77
CA THR E 381 28.27 -29.11 -31.13
C THR E 381 27.01 -29.38 -31.92
N LEU E 382 26.15 -28.37 -32.01
CA LEU E 382 24.83 -28.52 -32.57
C LEU E 382 24.49 -27.32 -33.42
N PRO E 383 23.95 -27.50 -34.58
CA PRO E 383 23.67 -26.41 -35.53
C PRO E 383 22.32 -25.72 -35.37
N CYS E 384 22.20 -24.81 -34.40
CA CYS E 384 20.90 -24.25 -34.08
C CYS E 384 20.67 -22.96 -34.84
N ARG E 385 19.54 -22.88 -35.52
CA ARG E 385 19.16 -21.67 -36.24
C ARG E 385 18.11 -20.91 -35.43
N ILE E 386 17.64 -19.79 -35.96
CA ILE E 386 16.62 -18.98 -35.29
C ILE E 386 15.47 -18.77 -36.26
N LYS E 387 14.48 -19.64 -36.20
CA LYS E 387 13.32 -19.45 -37.05
C LYS E 387 12.49 -18.28 -36.55
N GLN E 388 11.55 -17.83 -37.38
CA GLN E 388 10.69 -16.71 -37.01
C GLN E 388 9.25 -16.88 -37.43
N ILE E 389 8.83 -18.06 -37.89
CA ILE E 389 7.43 -18.34 -38.14
C ILE E 389 7.15 -19.73 -37.61
N ILE E 390 6.42 -19.80 -36.51
CA ILE E 390 6.36 -20.99 -35.67
C ILE E 390 4.92 -21.41 -35.47
N ASN E 391 4.70 -22.71 -35.32
CA ASN E 391 3.40 -23.20 -34.91
C ASN E 391 3.26 -22.97 -33.42
N MET E 392 2.18 -22.35 -33.01
CA MET E 392 2.04 -22.09 -31.58
C MET E 392 2.00 -23.40 -30.82
N TRP E 393 2.18 -23.32 -29.51
CA TRP E 393 2.01 -24.46 -28.64
C TRP E 393 0.74 -24.40 -27.83
N GLN E 394 0.09 -23.25 -27.81
CA GLN E 394 -1.07 -23.05 -26.96
C GLN E 394 -2.32 -23.62 -27.59
N ARG E 395 -2.44 -23.50 -28.90
CA ARG E 395 -3.65 -23.82 -29.62
C ARG E 395 -3.24 -24.27 -31.01
N ILE E 396 -4.16 -24.23 -31.95
CA ILE E 396 -3.84 -24.52 -33.33
C ILE E 396 -3.77 -23.20 -34.07
N GLY E 397 -2.57 -22.81 -34.48
CA GLY E 397 -2.38 -21.51 -35.07
C GLY E 397 -1.00 -21.37 -35.67
N GLN E 398 -0.60 -20.12 -35.88
CA GLN E 398 0.73 -19.79 -36.38
C GLN E 398 0.98 -18.31 -36.14
N ALA E 399 2.20 -17.98 -35.71
CA ALA E 399 2.55 -16.62 -35.35
C ALA E 399 3.81 -16.22 -36.07
N MET E 400 4.12 -14.92 -36.04
CA MET E 400 5.29 -14.42 -36.73
C MET E 400 5.83 -13.22 -35.98
N TYR E 401 7.07 -13.31 -35.53
CA TYR E 401 7.69 -12.28 -34.73
C TYR E 401 8.75 -11.53 -35.53
N ALA E 402 9.28 -10.48 -34.92
CA ALA E 402 10.22 -9.62 -35.60
C ALA E 402 11.58 -10.30 -35.71
N PRO E 403 12.40 -9.89 -36.66
CA PRO E 403 13.70 -10.51 -36.85
C PRO E 403 14.60 -10.29 -35.65
N PRO E 404 15.72 -10.99 -35.55
CA PRO E 404 16.51 -10.99 -34.33
C PRO E 404 17.01 -9.60 -33.95
N ILE E 405 17.63 -9.56 -32.79
CA ILE E 405 18.19 -8.35 -32.22
C ILE E 405 19.70 -8.41 -32.37
N GLN E 406 20.35 -7.25 -32.26
CA GLN E 406 21.79 -7.15 -32.48
C GLN E 406 22.55 -7.33 -31.18
N GLY E 407 23.63 -8.08 -31.25
CA GLY E 407 24.45 -8.36 -30.10
C GLY E 407 24.73 -9.83 -30.05
N VAL E 408 25.35 -10.26 -28.96
CA VAL E 408 25.62 -11.67 -28.73
C VAL E 408 24.54 -12.22 -27.83
N ILE E 409 24.16 -13.47 -28.05
CA ILE E 409 23.05 -14.07 -27.32
C ILE E 409 23.52 -15.37 -26.69
N ARG E 410 23.30 -15.50 -25.38
CA ARG E 410 23.91 -16.56 -24.58
C ARG E 410 22.86 -17.16 -23.64
N CYS E 411 22.70 -18.47 -23.69
CA CYS E 411 21.86 -19.18 -22.74
C CYS E 411 22.57 -20.46 -22.31
N VAL E 412 22.64 -20.69 -21.00
CA VAL E 412 23.22 -21.90 -20.44
C VAL E 412 22.19 -22.47 -19.47
N SER E 413 22.13 -23.79 -19.38
CA SER E 413 21.06 -24.40 -18.60
C SER E 413 21.29 -25.90 -18.48
N ASN E 414 20.57 -26.49 -17.55
CA ASN E 414 20.68 -27.92 -17.27
C ASN E 414 19.69 -28.70 -18.11
N ILE E 415 20.06 -29.92 -18.46
CA ILE E 415 19.17 -30.85 -19.14
C ILE E 415 18.81 -31.92 -18.15
N THR E 416 17.57 -31.95 -17.69
CA THR E 416 17.21 -32.90 -16.65
C THR E 416 16.03 -33.75 -17.06
N GLY E 417 16.00 -34.22 -18.30
CA GLY E 417 14.90 -35.08 -18.68
C GLY E 417 14.70 -35.24 -20.16
N LEU E 418 14.17 -36.38 -20.57
CA LEU E 418 13.95 -36.68 -21.98
C LEU E 418 12.48 -36.94 -22.20
N ILE E 419 12.10 -37.10 -23.46
CA ILE E 419 10.79 -37.59 -23.82
C ILE E 419 10.99 -38.50 -25.02
N LEU E 420 10.95 -39.80 -24.80
CA LEU E 420 11.25 -40.76 -25.85
C LEU E 420 9.95 -41.35 -26.38
N THR E 421 10.07 -42.37 -27.22
CA THR E 421 8.90 -43.07 -27.72
C THR E 421 9.33 -44.37 -28.37
N ARG E 422 8.58 -45.43 -28.10
CA ARG E 422 8.86 -46.72 -28.70
C ARG E 422 8.80 -46.66 -30.21
N ASP E 423 9.59 -47.52 -30.85
CA ASP E 423 9.33 -47.89 -32.23
C ASP E 423 8.30 -49.02 -32.28
N GLY E 424 7.41 -48.95 -33.25
CA GLY E 424 6.25 -49.82 -33.32
C GLY E 424 6.48 -51.26 -32.89
N GLY E 425 7.51 -51.89 -33.45
CA GLY E 425 7.86 -53.25 -33.06
C GLY E 425 7.05 -54.32 -33.75
N SER E 429 12.17 -58.77 -33.37
CA SER E 429 11.59 -58.55 -32.06
C SER E 429 12.65 -58.73 -30.98
N THR E 430 13.90 -58.48 -31.35
CA THR E 430 15.02 -58.65 -30.44
C THR E 430 15.60 -57.35 -29.92
N THR E 431 15.58 -56.30 -30.73
CA THR E 431 16.11 -55.01 -30.35
C THR E 431 15.02 -53.96 -30.47
N GLU E 432 15.18 -52.87 -29.72
CA GLU E 432 14.21 -51.80 -29.74
C GLU E 432 14.93 -50.46 -29.86
N THR E 433 14.29 -49.54 -30.57
CA THR E 433 14.83 -48.20 -30.76
C THR E 433 13.83 -47.19 -30.22
N PHE E 434 14.36 -46.06 -29.76
CA PHE E 434 13.56 -45.06 -29.07
C PHE E 434 13.81 -43.69 -29.69
N ARG E 435 12.77 -43.09 -30.22
CA ARG E 435 13.10 -41.86 -30.90
C ARG E 435 12.52 -40.68 -30.16
N PRO E 436 13.29 -39.62 -29.97
CA PRO E 436 12.77 -38.45 -29.27
C PRO E 436 11.55 -37.89 -29.95
N GLY E 437 10.80 -37.09 -29.20
CA GLY E 437 9.57 -36.53 -29.72
C GLY E 437 8.85 -35.74 -28.66
N GLY E 438 7.54 -35.72 -28.76
CA GLY E 438 6.73 -35.02 -27.78
C GLY E 438 6.49 -33.59 -28.16
N GLY E 439 5.78 -32.90 -27.29
CA GLY E 439 5.41 -31.54 -27.60
C GLY E 439 4.04 -31.18 -27.07
N ASP E 440 3.31 -32.16 -26.55
CA ASP E 440 2.05 -31.86 -25.89
C ASP E 440 2.39 -31.22 -24.56
N MET E 441 2.35 -29.90 -24.51
CA MET E 441 3.12 -29.21 -23.50
C MET E 441 2.70 -29.50 -22.08
N ARG E 442 1.67 -30.32 -21.89
CA ARG E 442 1.37 -30.77 -20.54
C ARG E 442 2.50 -31.60 -19.99
N ASP E 443 2.95 -32.60 -20.75
CA ASP E 443 3.95 -33.53 -20.26
C ASP E 443 5.10 -32.81 -19.57
N ASN E 444 5.41 -31.60 -20.00
CA ASN E 444 6.45 -30.85 -19.31
C ASN E 444 6.11 -30.60 -17.86
N TRP E 445 4.85 -30.63 -17.48
CA TRP E 445 4.48 -30.36 -16.10
C TRP E 445 4.10 -31.61 -15.34
N ARG E 446 3.72 -32.63 -16.02
CA ARG E 446 3.59 -33.85 -15.28
C ARG E 446 4.83 -34.36 -14.88
N SER E 447 5.93 -33.62 -15.01
CA SER E 447 7.18 -34.03 -14.40
C SER E 447 7.65 -33.03 -13.38
N GLU E 448 6.74 -32.24 -12.81
CA GLU E 448 7.07 -31.47 -11.62
C GLU E 448 5.98 -31.66 -10.58
N LEU E 449 4.78 -31.93 -11.04
CA LEU E 449 3.64 -32.13 -10.16
C LEU E 449 3.30 -33.60 -10.05
N TYR E 450 4.27 -34.47 -10.18
CA TYR E 450 3.97 -35.89 -10.11
C TYR E 450 3.86 -36.39 -8.70
N LYS E 451 3.98 -35.52 -7.73
CA LYS E 451 4.02 -35.93 -6.35
C LYS E 451 3.16 -35.01 -5.50
N TYR E 452 1.95 -34.73 -5.95
CA TYR E 452 1.05 -33.90 -5.18
C TYR E 452 -0.37 -34.41 -5.37
N LYS E 453 -1.27 -33.90 -4.53
CA LYS E 453 -2.66 -34.29 -4.53
C LYS E 453 -3.38 -33.35 -3.61
N VAL E 454 -4.54 -32.86 -4.01
CA VAL E 454 -5.26 -31.87 -3.23
C VAL E 454 -6.54 -32.49 -2.72
N VAL E 455 -6.73 -32.52 -1.40
CA VAL E 455 -7.85 -33.23 -0.81
C VAL E 455 -8.57 -32.33 0.17
N LYS E 456 -9.76 -32.77 0.56
CA LYS E 456 -10.67 -31.99 1.39
C LYS E 456 -11.05 -32.82 2.60
N ILE E 457 -10.84 -32.28 3.77
CA ILE E 457 -11.07 -32.99 5.01
C ILE E 457 -12.51 -32.82 5.43
N GLU E 458 -13.16 -33.92 5.76
CA GLU E 458 -14.55 -33.80 6.17
C GLU E 458 -14.88 -34.81 7.26
N PRO E 459 -15.08 -34.35 8.47
CA PRO E 459 -15.24 -35.19 9.64
C PRO E 459 -16.66 -35.57 10.03
N LEU E 460 -17.26 -36.56 9.37
CA LEU E 460 -18.55 -37.02 9.86
C LEU E 460 -18.71 -38.49 9.53
N GLY E 461 -18.36 -39.36 10.46
CA GLY E 461 -18.36 -40.77 10.22
C GLY E 461 -19.60 -41.47 10.71
N VAL E 462 -19.75 -42.72 10.30
CA VAL E 462 -20.89 -43.55 10.63
C VAL E 462 -20.41 -44.97 10.79
N ALA E 463 -20.77 -45.64 11.88
CA ALA E 463 -20.25 -46.98 12.09
C ALA E 463 -21.26 -47.79 12.88
N PRO E 464 -21.34 -49.10 12.64
CA PRO E 464 -22.25 -49.94 13.43
C PRO E 464 -21.57 -50.51 14.67
N THR E 465 -22.30 -50.46 15.77
CA THR E 465 -21.86 -51.08 17.01
C THR E 465 -23.09 -51.38 17.86
N ARG E 466 -22.86 -51.68 19.14
CA ARG E 466 -23.91 -52.15 20.05
C ARG E 466 -24.34 -51.03 20.99
N CYS E 467 -25.39 -50.32 20.62
CA CYS E 467 -26.07 -49.37 21.49
C CYS E 467 -27.57 -49.52 21.29
N LYS E 468 -28.31 -48.64 21.94
CA LYS E 468 -29.67 -48.30 21.57
C LYS E 468 -30.08 -47.12 22.43
N ARG E 469 -31.07 -46.39 21.96
CA ARG E 469 -31.59 -45.25 22.69
C ARG E 469 -33.01 -45.56 23.17
N ARG E 470 -33.24 -45.34 24.46
CA ARG E 470 -34.53 -45.65 25.07
C ARG E 470 -35.63 -44.75 24.54
N PHE F 8 -5.59 -27.48 13.80
CA PHE F 8 -6.62 -27.27 12.79
C PHE F 8 -6.62 -28.39 11.77
N LEU F 9 -5.74 -28.26 10.77
CA LEU F 9 -5.55 -29.33 9.79
C LEU F 9 -4.64 -30.43 10.33
N GLY F 10 -4.22 -30.32 11.58
CA GLY F 10 -3.24 -31.24 12.14
C GLY F 10 -3.80 -32.22 13.15
N PHE F 11 -5.11 -32.28 13.30
CA PHE F 11 -5.68 -33.37 14.08
C PHE F 11 -5.83 -34.63 13.26
N LEU F 12 -5.36 -34.61 12.02
CA LEU F 12 -5.23 -35.82 11.22
C LEU F 12 -4.06 -36.66 11.65
N GLY F 13 -3.39 -36.31 12.75
CA GLY F 13 -2.30 -37.14 13.22
C GLY F 13 -2.70 -38.59 13.36
N ALA F 14 -3.84 -38.84 13.96
CA ALA F 14 -4.29 -40.20 14.19
C ALA F 14 -4.87 -40.84 12.97
N ALA F 15 -4.66 -40.25 11.80
CA ALA F 15 -5.27 -40.78 10.59
C ALA F 15 -4.77 -42.17 10.25
N GLY F 16 -3.63 -42.57 10.80
CA GLY F 16 -3.08 -43.87 10.50
C GLY F 16 -3.51 -44.91 11.50
N SER F 17 -3.76 -44.48 12.73
CA SER F 17 -4.12 -45.40 13.80
C SER F 17 -5.38 -46.19 13.43
N THR F 18 -5.60 -47.26 14.17
CA THR F 18 -6.74 -48.11 13.89
C THR F 18 -8.02 -47.43 14.34
N MET F 19 -9.15 -48.03 13.97
CA MET F 19 -10.45 -47.42 14.22
C MET F 19 -10.64 -47.12 15.70
N GLY F 20 -10.66 -48.17 16.52
CA GLY F 20 -10.86 -47.97 17.94
C GLY F 20 -9.83 -47.06 18.57
N ALA F 21 -8.59 -47.13 18.09
CA ALA F 21 -7.55 -46.29 18.65
C ALA F 21 -7.88 -44.82 18.47
N ALA F 22 -8.36 -44.45 17.28
CA ALA F 22 -8.74 -43.06 17.05
C ALA F 22 -9.97 -42.71 17.86
N SER F 23 -10.93 -43.63 17.96
CA SER F 23 -12.10 -43.39 18.79
C SER F 23 -11.69 -43.02 20.20
N MET F 24 -10.68 -43.71 20.75
CA MET F 24 -10.23 -43.39 22.10
C MET F 24 -9.88 -41.91 22.22
N THR F 25 -8.89 -41.47 21.47
CA THR F 25 -8.44 -40.09 21.58
C THR F 25 -9.52 -39.10 21.18
N LEU F 26 -10.52 -39.56 20.43
CA LEU F 26 -11.59 -38.69 19.97
C LEU F 26 -12.25 -37.96 21.15
N THR F 27 -12.85 -38.72 22.05
CA THR F 27 -13.50 -38.13 23.22
C THR F 27 -12.53 -37.25 23.99
N VAL F 28 -11.24 -37.57 23.94
CA VAL F 28 -10.29 -36.93 24.82
C VAL F 28 -9.95 -35.53 24.33
N GLN F 29 -9.26 -35.44 23.19
CA GLN F 29 -8.71 -34.14 22.79
C GLN F 29 -8.85 -33.89 21.29
N ALA F 30 -10.04 -34.09 20.75
CA ALA F 30 -10.25 -33.70 19.36
C ALA F 30 -11.59 -32.99 19.18
N GLN F 52 8.52 -4.36 1.74
CA GLN F 52 8.79 -5.64 1.08
C GLN F 52 8.87 -6.76 2.09
N HIS F 53 8.74 -6.41 3.36
CA HIS F 53 8.64 -7.38 4.45
C HIS F 53 7.40 -7.21 5.29
N LEU F 54 7.01 -5.99 5.60
CA LEU F 54 5.77 -5.80 6.34
C LEU F 54 4.58 -6.27 5.52
N LEU F 55 4.61 -6.01 4.21
CA LEU F 55 3.57 -6.54 3.33
C LEU F 55 3.45 -8.03 3.46
N LYS F 56 4.57 -8.73 3.55
CA LYS F 56 4.53 -10.18 3.65
C LYS F 56 3.67 -10.61 4.83
N LEU F 57 3.94 -10.07 6.01
CA LEU F 57 3.17 -10.47 7.17
C LEU F 57 1.76 -9.92 7.15
N THR F 58 1.50 -8.83 6.44
CA THR F 58 0.14 -8.33 6.48
C THR F 58 -0.75 -8.91 5.40
N VAL F 59 -0.21 -9.70 4.48
CA VAL F 59 -1.04 -10.52 3.61
C VAL F 59 -1.12 -11.95 4.10
N TRP F 60 0.00 -12.54 4.48
CA TRP F 60 -0.08 -13.88 5.01
C TRP F 60 -0.66 -13.91 6.40
N GLY F 61 -1.21 -12.81 6.85
CA GLY F 61 -1.96 -12.80 8.08
C GLY F 61 -3.41 -13.12 7.79
N ILE F 62 -3.97 -12.43 6.79
CA ILE F 62 -5.38 -12.63 6.48
C ILE F 62 -5.63 -14.03 5.98
N LYS F 63 -4.66 -14.61 5.33
CA LYS F 63 -5.00 -15.95 4.90
C LYS F 63 -5.04 -16.93 6.04
N GLN F 64 -4.88 -16.55 7.29
CA GLN F 64 -5.17 -17.42 8.42
C GLN F 64 -6.55 -17.16 8.99
N LEU F 65 -6.89 -15.90 9.19
CA LEU F 65 -8.23 -15.58 9.63
C LEU F 65 -9.27 -16.11 8.66
N GLN F 66 -9.00 -16.00 7.36
CA GLN F 66 -9.96 -16.55 6.42
C GLN F 66 -10.14 -18.04 6.61
N ALA F 67 -9.27 -18.70 7.36
CA ALA F 67 -9.42 -20.11 7.65
C ALA F 67 -10.15 -20.34 8.96
N ARG F 68 -9.75 -19.63 10.00
CA ARG F 68 -10.41 -19.84 11.29
C ARG F 68 -11.88 -19.43 11.23
N VAL F 69 -12.17 -18.33 10.56
CA VAL F 69 -13.54 -17.84 10.52
C VAL F 69 -14.35 -18.68 9.54
N LEU F 70 -13.73 -19.71 9.00
CA LEU F 70 -14.49 -20.73 8.29
C LEU F 70 -14.65 -21.99 9.10
N ALA F 71 -13.60 -22.35 9.84
CA ALA F 71 -13.73 -23.47 10.76
C ALA F 71 -14.94 -23.29 11.65
N VAL F 72 -15.04 -22.10 12.25
CA VAL F 72 -16.20 -21.82 13.08
C VAL F 72 -17.48 -21.92 12.26
N GLU F 73 -17.47 -21.32 11.09
CA GLU F 73 -18.67 -21.16 10.29
C GLU F 73 -19.17 -22.46 9.71
N ARG F 74 -18.40 -23.54 9.81
CA ARG F 74 -18.96 -24.82 9.43
C ARG F 74 -19.12 -25.79 10.59
N TYR F 75 -18.36 -25.61 11.66
CA TYR F 75 -18.73 -26.28 12.90
C TYR F 75 -20.16 -25.94 13.26
N LEU F 76 -20.56 -24.69 13.06
CA LEU F 76 -21.94 -24.35 13.34
C LEU F 76 -22.91 -25.01 12.41
N ARG F 77 -22.49 -25.43 11.23
CA ARG F 77 -23.44 -26.14 10.38
C ARG F 77 -23.56 -27.59 10.79
N ASP F 78 -22.45 -28.22 11.15
CA ASP F 78 -22.51 -29.59 11.66
C ASP F 78 -23.37 -29.66 12.90
N GLN F 79 -22.96 -28.98 13.96
CA GLN F 79 -23.64 -29.11 15.23
C GLN F 79 -25.09 -28.68 15.10
N GLN F 80 -25.47 -28.25 13.92
CA GLN F 80 -26.86 -28.02 13.60
C GLN F 80 -27.48 -29.22 12.92
N LEU F 81 -26.82 -29.74 11.90
CA LEU F 81 -27.28 -30.96 11.27
C LEU F 81 -27.54 -32.04 12.30
N LEU F 82 -26.53 -32.33 13.11
CA LEU F 82 -26.70 -33.34 14.15
C LEU F 82 -27.92 -33.08 15.01
N GLY F 83 -28.40 -31.85 15.05
CA GLY F 83 -29.65 -31.60 15.74
C GLY F 83 -30.80 -32.35 15.11
N ILE F 84 -30.81 -32.45 13.79
CA ILE F 84 -31.88 -33.15 13.12
C ILE F 84 -31.93 -34.60 13.55
N TRP F 85 -30.79 -35.28 13.57
CA TRP F 85 -30.82 -36.68 13.92
C TRP F 85 -31.04 -36.91 15.41
N GLY F 86 -31.33 -35.88 16.17
CA GLY F 86 -31.67 -36.07 17.57
C GLY F 86 -30.49 -36.16 18.50
N CYS F 87 -29.34 -35.64 18.12
CA CYS F 87 -28.22 -35.58 19.06
C CYS F 87 -27.26 -34.49 18.64
N SER F 88 -27.20 -33.43 19.44
CA SER F 88 -26.26 -32.34 19.24
C SER F 88 -25.26 -32.34 20.39
N GLY F 89 -24.23 -31.52 20.24
CA GLY F 89 -23.24 -31.34 21.28
C GLY F 89 -22.69 -32.63 21.84
N LYS F 90 -22.71 -33.70 21.07
CA LYS F 90 -22.15 -34.96 21.49
C LYS F 90 -21.17 -35.47 20.45
N LEU F 91 -20.24 -36.28 20.88
CA LEU F 91 -19.31 -36.91 19.95
C LEU F 91 -19.78 -38.29 19.53
N ILE F 92 -19.93 -39.20 20.47
CA ILE F 92 -20.42 -40.54 20.16
C ILE F 92 -21.91 -40.54 20.46
N CYS F 93 -22.69 -40.17 19.47
CA CYS F 93 -24.13 -40.32 19.49
C CYS F 93 -24.46 -41.69 18.94
N CYS F 94 -25.13 -42.53 19.73
CA CYS F 94 -25.60 -43.81 19.23
C CYS F 94 -27.12 -43.88 19.32
N THR F 95 -27.73 -44.51 18.33
CA THR F 95 -29.15 -44.39 18.10
C THR F 95 -29.79 -45.74 17.80
N ASN F 96 -31.04 -45.72 17.32
CA ASN F 96 -31.88 -46.92 17.29
C ASN F 96 -32.25 -47.34 15.87
N VAL F 97 -31.42 -47.05 14.89
CA VAL F 97 -31.68 -47.58 13.55
C VAL F 97 -30.90 -48.87 13.37
N PRO F 98 -31.55 -49.96 13.00
CA PRO F 98 -30.84 -51.23 12.89
C PRO F 98 -29.93 -51.20 11.68
N TRP F 99 -28.79 -51.86 11.81
CA TRP F 99 -27.77 -51.83 10.77
C TRP F 99 -28.01 -52.97 9.80
N ASN F 100 -28.50 -52.65 8.61
CA ASN F 100 -28.67 -53.65 7.57
C ASN F 100 -27.34 -54.34 7.31
N SER F 101 -27.41 -55.55 6.78
CA SER F 101 -26.20 -56.30 6.49
C SER F 101 -25.75 -56.16 5.04
N SER F 102 -26.58 -55.58 4.18
CA SER F 102 -26.16 -55.36 2.80
C SER F 102 -25.18 -54.22 2.66
N TRP F 103 -24.78 -53.58 3.76
CA TRP F 103 -23.81 -52.50 3.73
C TRP F 103 -22.45 -53.05 4.13
N SER F 104 -21.83 -53.78 3.21
CA SER F 104 -20.50 -54.34 3.41
C SER F 104 -20.43 -55.13 4.71
N ASN F 105 -21.18 -56.23 4.74
CA ASN F 105 -21.21 -57.08 5.91
C ASN F 105 -19.82 -57.58 6.28
N ARG F 106 -19.61 -57.78 7.58
CA ARG F 106 -18.36 -58.22 8.17
C ARG F 106 -18.58 -58.38 9.66
N ASN F 107 -17.69 -59.12 10.31
CA ASN F 107 -17.75 -59.18 11.77
C ASN F 107 -17.58 -57.79 12.34
N LEU F 108 -18.33 -57.49 13.40
CA LEU F 108 -18.00 -56.34 14.22
C LEU F 108 -16.56 -56.44 14.68
N SER F 109 -16.22 -57.52 15.36
CA SER F 109 -14.87 -57.70 15.88
C SER F 109 -13.83 -57.55 14.79
N GLU F 110 -14.16 -57.89 13.55
CA GLU F 110 -13.23 -57.80 12.45
C GLU F 110 -13.21 -56.43 11.80
N ILE F 111 -13.58 -55.41 12.56
CA ILE F 111 -13.55 -54.04 12.06
C ILE F 111 -12.65 -53.21 12.94
N TRP F 112 -12.97 -53.12 14.18
CA TRP F 112 -12.28 -52.19 15.03
C TRP F 112 -10.92 -52.63 15.40
N ASP F 113 -10.44 -53.67 14.74
CA ASP F 113 -9.21 -54.35 15.11
C ASP F 113 -8.05 -54.01 14.18
N ASN F 114 -8.22 -54.26 12.89
CA ASN F 114 -7.21 -53.93 11.88
C ASN F 114 -7.92 -53.30 10.68
N MET F 115 -8.16 -51.99 10.77
CA MET F 115 -8.72 -51.20 9.69
C MET F 115 -8.71 -49.75 10.13
N THR F 116 -8.43 -48.84 9.23
CA THR F 116 -8.35 -47.43 9.56
C THR F 116 -9.43 -46.65 8.84
N TRP F 117 -9.84 -45.55 9.45
CA TRP F 117 -11.09 -44.90 9.08
C TRP F 117 -11.20 -44.68 7.59
N LEU F 118 -10.08 -44.41 6.93
CA LEU F 118 -10.12 -44.16 5.50
C LEU F 118 -10.74 -45.35 4.77
N GLN F 119 -10.12 -46.52 4.89
CA GLN F 119 -10.62 -47.68 4.16
C GLN F 119 -12.09 -47.93 4.46
N TRP F 120 -12.48 -47.73 5.72
CA TRP F 120 -13.89 -47.85 6.04
C TRP F 120 -14.71 -46.90 5.19
N ASP F 121 -14.37 -45.62 5.22
CA ASP F 121 -15.11 -44.64 4.43
C ASP F 121 -15.18 -45.04 2.98
N LYS F 122 -14.10 -45.60 2.45
CA LYS F 122 -14.15 -46.13 1.10
C LYS F 122 -15.24 -47.17 0.97
N GLU F 123 -15.29 -48.10 1.91
CA GLU F 123 -16.26 -49.19 1.80
C GLU F 123 -17.69 -48.73 2.00
N ILE F 124 -17.91 -47.58 2.64
CA ILE F 124 -19.26 -47.14 2.96
C ILE F 124 -19.69 -45.94 2.16
N SER F 125 -18.81 -45.39 1.33
CA SER F 125 -19.15 -44.14 0.67
C SER F 125 -20.32 -44.25 -0.28
N ASN F 126 -20.93 -45.42 -0.42
CA ASN F 126 -22.01 -45.58 -1.38
C ASN F 126 -23.38 -45.33 -0.80
N TYR F 127 -23.57 -45.58 0.49
CA TYR F 127 -24.91 -45.65 1.05
C TYR F 127 -25.20 -44.52 2.03
N THR F 128 -24.36 -43.50 2.06
CA THR F 128 -24.47 -42.50 3.12
C THR F 128 -25.84 -41.84 3.12
N GLN F 129 -26.25 -41.30 1.98
CA GLN F 129 -27.54 -40.61 1.92
C GLN F 129 -28.65 -41.49 2.49
N ILE F 130 -28.58 -42.79 2.22
CA ILE F 130 -29.54 -43.72 2.82
C ILE F 130 -29.53 -43.59 4.34
N ILE F 131 -28.33 -43.68 4.93
CA ILE F 131 -28.22 -43.65 6.37
C ILE F 131 -28.75 -42.34 6.91
N TYR F 132 -28.52 -41.26 6.18
CA TYR F 132 -28.97 -39.96 6.65
C TYR F 132 -30.48 -39.88 6.65
N GLY F 133 -31.10 -40.30 5.55
CA GLY F 133 -32.56 -40.32 5.53
C GLY F 133 -33.14 -41.16 6.64
N LEU F 134 -32.55 -42.34 6.88
CA LEU F 134 -33.05 -43.23 7.91
C LEU F 134 -32.98 -42.56 9.27
N LEU F 135 -31.79 -42.06 9.64
CA LEU F 135 -31.65 -41.41 10.93
C LEU F 135 -32.64 -40.27 11.06
N GLU F 136 -32.84 -39.51 9.99
CA GLU F 136 -33.74 -38.37 10.07
C GLU F 136 -35.15 -38.82 10.39
N GLU F 137 -35.68 -39.77 9.63
CA GLU F 137 -37.06 -40.18 9.87
C GLU F 137 -37.20 -40.85 11.23
N SER F 138 -36.18 -41.56 11.69
CA SER F 138 -36.25 -42.18 13.00
C SER F 138 -36.43 -41.14 14.09
N GLN F 139 -35.49 -40.19 14.16
CA GLN F 139 -35.66 -39.13 15.14
C GLN F 139 -36.96 -38.39 14.92
N ASN F 140 -37.43 -38.33 13.67
CA ASN F 140 -38.66 -37.62 13.38
C ASN F 140 -39.87 -38.32 13.98
N GLN F 141 -39.85 -39.65 14.02
CA GLN F 141 -40.91 -40.38 14.68
C GLN F 141 -40.83 -40.22 16.18
N GLN F 142 -39.63 -40.26 16.72
CA GLN F 142 -39.48 -40.30 18.17
C GLN F 142 -40.06 -39.08 18.88
N GLU F 143 -40.66 -38.14 18.16
CA GLU F 143 -41.35 -37.04 18.83
C GLU F 143 -42.85 -37.28 18.91
N LYS F 144 -43.48 -37.67 17.80
CA LYS F 144 -44.91 -37.93 17.83
C LYS F 144 -45.21 -39.24 18.51
N ASN F 145 -44.34 -40.23 18.36
CA ASN F 145 -44.45 -41.44 19.16
C ASN F 145 -44.35 -41.15 20.65
N GLU F 146 -43.87 -39.95 20.99
CA GLU F 146 -43.70 -39.55 22.41
C GLU F 146 -44.80 -38.56 22.79
N GLN F 147 -45.57 -38.08 21.80
CA GLN F 147 -46.66 -37.10 22.07
C GLN F 147 -47.68 -37.74 23.03
N ASP F 148 -48.02 -39.01 22.82
CA ASP F 148 -48.99 -39.72 23.68
C ASP F 148 -48.24 -40.69 24.61
N ASP G 1 0.64 12.37 -39.56
CA ASP G 1 1.31 11.29 -40.26
C ASP G 1 2.75 11.63 -40.56
N ILE G 2 3.56 10.61 -40.84
CA ILE G 2 4.94 10.82 -41.21
C ILE G 2 4.98 11.62 -42.50
N VAL G 3 5.50 12.83 -42.43
CA VAL G 3 5.64 13.66 -43.62
C VAL G 3 7.11 13.75 -43.96
N MET G 4 7.38 13.97 -45.25
CA MET G 4 8.75 13.99 -45.74
C MET G 4 8.86 14.95 -46.91
N THR G 5 10.08 15.42 -47.14
CA THR G 5 10.35 16.37 -48.21
C THR G 5 11.73 16.10 -48.80
N GLN G 6 11.88 16.51 -50.05
CA GLN G 6 13.13 16.34 -50.79
C GLN G 6 13.68 17.71 -51.13
N SER G 7 14.62 18.19 -50.33
CA SER G 7 15.23 19.43 -50.79
C SER G 7 16.43 19.12 -51.67
N PRO G 8 16.61 19.89 -52.75
CA PRO G 8 15.69 20.96 -53.13
C PRO G 8 14.62 20.45 -54.08
N ALA G 9 13.78 21.37 -54.58
CA ALA G 9 12.80 20.98 -55.58
C ALA G 9 13.46 20.39 -56.81
N THR G 10 14.66 20.86 -57.15
CA THR G 10 15.46 20.28 -58.24
C THR G 10 16.86 20.84 -58.16
N LEU G 11 17.80 20.04 -58.64
CA LEU G 11 19.19 20.47 -58.79
C LEU G 11 19.54 20.49 -60.27
N SER G 12 20.18 21.57 -60.70
CA SER G 12 20.52 21.78 -62.11
C SER G 12 22.03 22.00 -62.20
N VAL G 13 22.76 20.98 -62.62
CA VAL G 13 24.22 21.00 -62.64
C VAL G 13 24.72 20.18 -63.82
N SER G 14 26.00 20.38 -64.14
CA SER G 14 26.61 19.84 -65.35
C SER G 14 27.43 18.60 -65.04
N PRO G 15 27.87 17.87 -66.07
CA PRO G 15 28.71 16.69 -65.83
C PRO G 15 29.95 17.00 -65.01
N GLY G 16 30.55 15.94 -64.49
CA GLY G 16 31.75 16.04 -63.69
C GLY G 16 31.59 16.81 -62.39
N GLU G 17 30.40 16.83 -61.81
CA GLU G 17 30.14 17.64 -60.64
C GLU G 17 29.44 16.80 -59.58
N ARG G 18 29.55 17.24 -58.33
CA ARG G 18 28.97 16.53 -57.19
C ARG G 18 27.45 16.61 -57.23
N ALA G 19 26.81 15.99 -56.24
CA ALA G 19 25.35 16.03 -56.13
C ALA G 19 24.97 15.63 -54.71
N THR G 20 24.17 16.46 -54.05
CA THR G 20 23.71 16.19 -52.69
C THR G 20 22.22 16.48 -52.62
N LEU G 21 21.44 15.49 -52.17
CA LEU G 21 20.00 15.60 -52.06
C LEU G 21 19.60 15.25 -50.64
N SER G 22 18.77 16.09 -50.03
CA SER G 22 18.47 15.98 -48.60
C SER G 22 17.01 15.58 -48.42
N CYS G 23 16.79 14.36 -47.93
CA CYS G 23 15.45 13.91 -47.60
C CYS G 23 15.23 14.13 -46.10
N ARG G 24 14.16 14.87 -45.77
CA ARG G 24 13.89 15.25 -44.40
C ARG G 24 12.53 14.71 -43.98
N ALA G 25 12.51 14.05 -42.83
CA ALA G 25 11.32 13.41 -42.29
C ALA G 25 10.76 14.22 -41.14
N SER G 26 9.55 13.85 -40.72
CA SER G 26 8.93 14.47 -39.56
C SER G 26 9.45 13.89 -38.26
N GLU G 27 9.45 12.57 -38.12
CA GLU G 27 9.82 11.90 -36.88
C GLU G 27 11.00 10.98 -37.12
N SER G 28 11.43 10.32 -36.05
CA SER G 28 12.62 9.50 -36.11
C SER G 28 12.35 8.25 -36.95
N VAL G 29 13.16 8.07 -37.99
CA VAL G 29 13.11 6.88 -38.82
C VAL G 29 14.50 6.26 -38.76
N SER G 30 14.67 5.26 -37.91
CA SER G 30 16.01 4.84 -37.53
C SER G 30 16.89 4.58 -38.72
N SER G 31 16.68 3.48 -39.43
CA SER G 31 17.48 3.19 -40.61
C SER G 31 16.62 2.61 -41.72
N ASP G 32 15.46 3.20 -41.94
CA ASP G 32 14.50 2.62 -42.86
C ASP G 32 14.31 3.48 -44.10
N LEU G 33 15.40 4.04 -44.61
CA LEU G 33 15.34 4.89 -45.80
C LEU G 33 15.81 4.14 -47.04
N ALA G 34 15.26 4.56 -48.17
CA ALA G 34 15.64 4.00 -49.46
C ALA G 34 15.62 5.12 -50.48
N TRP G 35 16.46 4.95 -51.49
CA TRP G 35 16.51 5.86 -52.64
C TRP G 35 16.40 5.06 -53.91
N TYR G 36 15.47 5.48 -54.76
CA TYR G 36 15.17 4.86 -56.04
C TYR G 36 15.40 5.86 -57.16
N GLN G 37 15.94 5.38 -58.27
CA GLN G 37 16.09 6.17 -59.49
C GLN G 37 14.96 5.86 -60.45
N GLN G 38 14.54 6.86 -61.22
CA GLN G 38 13.59 6.66 -62.30
C GLN G 38 13.92 7.59 -63.45
N LYS G 39 14.22 7.04 -64.52
CA LYS G 39 14.18 7.86 -65.71
C LYS G 39 12.77 7.86 -66.28
N PRO G 40 12.35 8.96 -66.89
CA PRO G 40 10.97 9.02 -67.41
C PRO G 40 10.73 7.93 -68.44
N GLY G 41 9.58 7.30 -68.35
CA GLY G 41 9.19 6.26 -69.28
C GLY G 41 9.59 4.86 -68.89
N GLN G 42 10.23 4.67 -67.74
CA GLN G 42 10.64 3.34 -67.32
C GLN G 42 10.37 3.17 -65.84
N ALA G 43 10.23 1.91 -65.43
CA ALA G 43 10.00 1.61 -64.03
C ALA G 43 11.21 2.00 -63.20
N PRO G 44 11.00 2.46 -61.98
CA PRO G 44 12.12 2.91 -61.16
C PRO G 44 13.12 1.79 -60.90
N ARG G 45 14.21 2.16 -60.25
CA ARG G 45 15.28 1.22 -59.95
C ARG G 45 15.76 1.45 -58.53
N LEU G 46 16.04 0.35 -57.84
CA LEU G 46 16.47 0.43 -56.46
C LEU G 46 17.93 0.83 -56.41
N LEU G 47 18.23 1.86 -55.63
CA LEU G 47 19.61 2.31 -55.45
C LEU G 47 20.13 2.05 -54.05
N ILE G 48 19.45 2.56 -53.04
CA ILE G 48 19.94 2.45 -51.67
C ILE G 48 18.83 1.92 -50.79
N TYR G 49 19.16 0.98 -49.92
CA TYR G 49 18.23 0.49 -48.92
C TYR G 49 18.90 0.45 -47.56
N GLY G 50 18.12 0.72 -46.53
CA GLY G 50 18.68 0.73 -45.20
C GLY G 50 19.45 1.98 -44.87
N ALA G 51 19.51 2.94 -45.80
CA ALA G 51 20.15 4.24 -45.68
C ALA G 51 21.66 4.20 -45.81
N SER G 52 22.28 3.02 -45.90
CA SER G 52 23.72 2.98 -46.09
C SER G 52 24.20 1.99 -47.13
N THR G 53 23.44 0.97 -47.45
CA THR G 53 23.95 -0.13 -48.26
C THR G 53 23.78 0.16 -49.73
N ARG G 54 24.74 -0.26 -50.52
CA ARG G 54 24.66 -0.12 -51.97
C ARG G 54 23.94 -1.32 -52.54
N ALA G 55 22.92 -1.07 -53.35
CA ALA G 55 22.23 -2.16 -54.01
C ALA G 55 23.20 -2.90 -54.92
N THR G 56 22.92 -4.18 -55.12
CA THR G 56 23.76 -4.98 -56.00
C THR G 56 23.69 -4.45 -57.43
N GLY G 57 24.75 -4.70 -58.19
CA GLY G 57 24.80 -4.27 -59.57
C GLY G 57 24.61 -2.77 -59.73
N VAL G 58 25.35 -1.99 -58.94
CA VAL G 58 25.21 -0.54 -58.96
C VAL G 58 26.58 0.11 -58.82
N PRO G 59 26.92 1.09 -59.66
CA PRO G 59 28.23 1.74 -59.58
C PRO G 59 28.45 2.44 -58.25
N ALA G 60 29.69 2.87 -58.06
CA ALA G 60 30.16 3.26 -56.73
C ALA G 60 29.92 4.72 -56.40
N ARG G 61 29.76 5.59 -57.39
CA ARG G 61 29.72 7.02 -57.10
C ARG G 61 28.56 7.40 -56.19
N PHE G 62 27.56 6.53 -56.06
CA PHE G 62 26.42 6.80 -55.20
C PHE G 62 26.74 6.41 -53.77
N SER G 63 26.32 7.26 -52.83
CA SER G 63 26.21 6.80 -51.46
C SER G 63 25.50 7.86 -50.64
N GLY G 64 24.79 7.42 -49.61
CA GLY G 64 24.03 8.30 -48.76
C GLY G 64 24.38 8.09 -47.30
N SER G 65 23.82 8.95 -46.46
CA SER G 65 24.01 8.85 -45.03
C SER G 65 22.97 9.72 -44.35
N GLY G 66 23.09 9.85 -43.03
CA GLY G 66 22.11 10.53 -42.23
C GLY G 66 21.38 9.58 -41.31
N SER G 67 20.58 10.17 -40.42
CA SER G 67 19.84 9.39 -39.44
C SER G 67 18.78 10.30 -38.81
N GLY G 68 18.17 9.82 -37.74
CA GLY G 68 17.11 10.58 -37.12
C GLY G 68 15.97 10.77 -38.09
N ALA G 69 15.83 11.99 -38.61
CA ALA G 69 14.83 12.28 -39.63
C ALA G 69 15.44 12.96 -40.85
N GLU G 70 16.75 13.05 -40.94
CA GLU G 70 17.40 13.81 -42.00
C GLU G 70 18.50 12.96 -42.61
N PHE G 71 18.49 12.85 -43.94
CA PHE G 71 19.44 12.04 -44.67
C PHE G 71 19.81 12.76 -45.96
N THR G 72 20.86 12.27 -46.61
CA THR G 72 21.29 12.87 -47.86
C THR G 72 22.04 11.85 -48.70
N LEU G 73 21.73 11.84 -49.98
CA LEU G 73 22.43 11.07 -50.99
C LEU G 73 23.42 11.97 -51.72
N THR G 74 24.56 11.40 -52.12
CA THR G 74 25.66 12.14 -52.72
C THR G 74 26.29 11.34 -53.84
N ILE G 75 26.66 12.07 -54.90
CA ILE G 75 27.25 11.55 -56.12
C ILE G 75 28.44 12.43 -56.50
N SER G 76 29.38 11.85 -57.24
CA SER G 76 30.64 12.52 -57.56
C SER G 76 30.65 13.14 -58.95
N SER G 77 30.43 12.33 -59.98
CA SER G 77 30.65 12.72 -61.37
C SER G 77 29.40 12.40 -62.17
N LEU G 78 28.49 13.36 -62.26
CA LEU G 78 27.18 13.11 -62.86
C LEU G 78 27.35 12.91 -64.35
N GLN G 79 27.36 11.66 -64.78
CA GLN G 79 27.44 11.35 -66.19
C GLN G 79 26.20 11.86 -66.91
N SER G 80 26.19 11.72 -68.23
CA SER G 80 25.05 12.18 -69.01
C SER G 80 23.78 11.44 -68.61
N GLU G 81 23.81 10.11 -68.69
CA GLU G 81 22.67 9.24 -68.46
C GLU G 81 22.22 9.19 -67.01
N ASP G 82 22.77 10.01 -66.13
CA ASP G 82 22.41 9.98 -64.72
C ASP G 82 21.67 11.24 -64.32
N PHE G 83 20.86 11.76 -65.24
CA PHE G 83 19.97 12.89 -64.98
C PHE G 83 18.55 12.36 -65.06
N ALA G 84 17.89 12.26 -63.92
CA ALA G 84 16.57 11.65 -63.87
C ALA G 84 15.88 12.06 -62.57
N VAL G 85 14.79 11.39 -62.26
CA VAL G 85 14.03 11.66 -61.05
C VAL G 85 14.50 10.72 -59.95
N TYR G 86 14.54 11.21 -58.72
CA TYR G 86 14.99 10.41 -57.60
C TYR G 86 13.98 10.48 -56.47
N TYR G 87 13.89 9.40 -55.70
CA TYR G 87 12.89 9.31 -54.66
C TYR G 87 13.44 8.69 -53.40
N CYS G 88 13.09 9.27 -52.27
CA CYS G 88 13.43 8.73 -50.95
C CYS G 88 12.15 8.23 -50.30
N GLN G 89 12.28 7.10 -49.59
CA GLN G 89 11.12 6.44 -48.99
C GLN G 89 11.48 5.85 -47.64
N GLN G 90 10.54 5.94 -46.70
CA GLN G 90 10.69 5.35 -45.38
C GLN G 90 9.73 4.18 -45.22
N TYR G 91 10.14 3.20 -44.43
CA TYR G 91 9.29 2.07 -44.09
C TYR G 91 9.41 1.74 -42.61
N ASN G 92 9.28 2.75 -41.75
CA ASN G 92 9.57 2.53 -40.34
C ASN G 92 8.40 1.98 -39.56
N ASN G 93 7.21 2.54 -39.76
CA ASN G 93 6.10 2.27 -38.86
C ASN G 93 5.70 0.81 -38.89
N TRP G 94 4.84 0.42 -37.94
CA TRP G 94 4.15 -0.85 -37.98
C TRP G 94 2.86 -0.70 -37.21
N PRO G 95 1.73 -1.20 -37.72
CA PRO G 95 1.46 -1.88 -38.99
C PRO G 95 1.88 -1.03 -40.17
N PRO G 96 2.19 -1.64 -41.28
CA PRO G 96 2.86 -0.90 -42.34
C PRO G 96 2.04 0.24 -42.90
N ARG G 97 2.53 1.47 -42.72
CA ARG G 97 2.06 2.65 -43.42
C ARG G 97 3.26 3.21 -44.16
N TYR G 98 3.51 2.68 -45.34
CA TYR G 98 4.71 3.00 -46.08
C TYR G 98 4.41 4.15 -47.03
N THR G 99 5.07 5.27 -46.84
CA THR G 99 4.90 6.43 -47.70
C THR G 99 6.21 6.78 -48.40
N PHE G 100 6.09 7.58 -49.45
CA PHE G 100 7.25 8.09 -50.17
C PHE G 100 7.60 9.49 -49.71
N GLY G 101 8.68 10.00 -50.28
CA GLY G 101 9.05 11.38 -50.07
C GLY G 101 8.25 12.29 -50.98
N GLN G 102 8.93 13.18 -51.68
CA GLN G 102 8.25 14.05 -52.63
C GLN G 102 8.74 13.83 -54.06
N GLY G 103 10.04 13.82 -54.26
CA GLY G 103 10.62 13.72 -55.58
C GLY G 103 11.63 14.84 -55.83
N THR G 104 12.32 14.69 -56.95
CA THR G 104 13.36 15.65 -57.33
C THR G 104 13.73 15.39 -58.78
N ARG G 105 14.37 16.39 -59.37
CA ARG G 105 14.79 16.31 -60.76
C ARG G 105 16.20 16.84 -60.92
N LEU G 106 17.02 16.12 -61.66
CA LEU G 106 18.38 16.53 -61.96
C LEU G 106 18.45 17.07 -63.37
N GLU G 107 19.10 18.22 -63.55
CA GLU G 107 19.11 18.89 -64.83
C GLU G 107 20.51 19.41 -65.15
N ILE G 108 20.86 19.37 -66.44
CA ILE G 108 22.09 19.98 -66.89
C ILE G 108 22.00 21.49 -66.73
N LYS G 109 23.14 22.11 -66.45
CA LYS G 109 23.19 23.57 -66.25
C LYS G 109 23.34 24.26 -67.61
N ARG G 110 22.28 24.18 -68.40
CA ARG G 110 22.28 24.75 -69.75
C ARG G 110 22.02 26.25 -69.67
N THR G 111 22.98 27.03 -70.14
CA THR G 111 22.89 28.49 -70.12
C THR G 111 21.78 28.99 -71.05
N GLU H 1 15.94 -15.51 -61.42
CA GLU H 1 15.21 -15.13 -60.22
C GLU H 1 13.74 -14.90 -60.51
N VAL H 2 13.34 -13.65 -60.62
CA VAL H 2 11.94 -13.31 -60.79
C VAL H 2 11.77 -12.41 -62.01
N GLN H 3 10.70 -12.64 -62.75
CA GLN H 3 10.23 -11.72 -63.78
C GLN H 3 8.85 -11.22 -63.37
N LEU H 4 8.39 -10.17 -64.03
CA LEU H 4 7.09 -9.61 -63.68
C LEU H 4 6.42 -9.10 -64.96
N VAL H 5 5.60 -9.94 -65.56
CA VAL H 5 4.81 -9.56 -66.72
C VAL H 5 3.49 -9.01 -66.22
N GLU H 6 3.22 -7.75 -66.52
CA GLU H 6 2.01 -7.12 -66.01
C GLU H 6 0.84 -7.46 -66.94
N SER H 7 -0.28 -6.79 -66.73
CA SER H 7 -1.46 -6.94 -67.57
C SER H 7 -1.42 -5.91 -68.69
N GLY H 8 -2.54 -5.74 -69.37
CA GLY H 8 -2.65 -4.80 -70.49
C GLY H 8 -3.49 -3.59 -70.11
N ALA H 9 -2.99 -2.41 -70.47
CA ALA H 9 -3.64 -1.15 -70.08
C ALA H 9 -5.10 -1.16 -70.50
N GLU H 10 -5.93 -0.43 -69.76
CA GLU H 10 -7.36 -0.61 -69.94
C GLU H 10 -8.14 0.63 -69.51
N VAL H 11 -9.31 0.79 -70.13
CA VAL H 11 -10.21 1.91 -69.89
C VAL H 11 -11.46 1.40 -69.18
N LYS H 12 -12.10 2.29 -68.44
CA LYS H 12 -13.39 1.99 -67.83
C LYS H 12 -14.08 3.29 -67.43
N LYS H 13 -15.26 3.15 -66.84
CA LYS H 13 -16.13 4.24 -66.46
C LYS H 13 -16.17 4.39 -64.94
N PRO H 14 -16.54 5.56 -64.44
CA PRO H 14 -16.56 5.77 -62.98
C PRO H 14 -17.44 4.76 -62.26
N GLY H 15 -17.26 4.70 -60.94
CA GLY H 15 -18.06 3.84 -60.10
C GLY H 15 -17.69 2.38 -60.17
N SER H 16 -17.05 1.97 -61.25
CA SER H 16 -16.81 0.56 -61.52
C SER H 16 -15.71 0.02 -60.62
N SER H 17 -15.30 -1.21 -60.88
CA SER H 17 -14.21 -1.89 -60.21
C SER H 17 -13.15 -2.23 -61.25
N VAL H 18 -12.14 -2.99 -60.84
CA VAL H 18 -11.05 -3.38 -61.72
C VAL H 18 -10.43 -4.65 -61.17
N LYS H 19 -9.87 -5.46 -62.06
CA LYS H 19 -9.12 -6.64 -61.64
C LYS H 19 -7.86 -6.70 -62.47
N VAL H 20 -6.80 -6.09 -61.97
CA VAL H 20 -5.53 -6.05 -62.68
C VAL H 20 -4.63 -7.15 -62.14
N SER H 21 -3.80 -7.71 -63.02
CA SER H 21 -3.00 -8.87 -62.68
C SER H 21 -1.53 -8.55 -62.78
N CYS H 22 -0.72 -9.53 -62.38
CA CYS H 22 0.73 -9.45 -62.48
C CYS H 22 1.27 -10.86 -62.30
N LYS H 23 2.00 -11.37 -63.28
CA LYS H 23 2.49 -12.74 -63.23
C LYS H 23 4.00 -12.74 -63.04
N ALA H 24 4.47 -13.57 -62.12
CA ALA H 24 5.89 -13.75 -61.87
C ALA H 24 6.31 -15.14 -62.30
N SER H 25 7.62 -15.32 -62.46
CA SER H 25 8.18 -16.61 -62.82
C SER H 25 9.69 -16.58 -62.59
N GLY H 26 10.28 -17.77 -62.62
CA GLY H 26 11.71 -17.91 -62.52
C GLY H 26 12.17 -18.50 -61.20
N ASP H 27 11.56 -18.06 -60.10
CA ASP H 27 11.95 -18.49 -58.77
C ASP H 27 10.75 -19.08 -58.05
N THR H 28 11.02 -19.85 -57.00
CA THR H 28 9.96 -20.34 -56.15
C THR H 28 9.08 -19.20 -55.69
N PHE H 29 7.78 -19.44 -55.65
CA PHE H 29 6.87 -18.31 -55.61
C PHE H 29 6.69 -17.72 -54.21
N ILE H 30 6.49 -18.57 -53.21
CA ILE H 30 5.98 -18.06 -51.95
C ILE H 30 7.00 -17.16 -51.25
N ARG H 31 8.29 -17.37 -51.48
CA ARG H 31 9.31 -16.73 -50.67
C ARG H 31 9.35 -15.22 -50.80
N TYR H 32 8.53 -14.60 -51.64
CA TYR H 32 8.62 -13.17 -51.91
C TYR H 32 7.47 -12.41 -51.31
N SER H 33 7.70 -11.13 -51.06
CA SER H 33 6.68 -10.21 -50.57
C SER H 33 6.32 -9.22 -51.67
N PHE H 34 5.03 -8.92 -51.81
CA PHE H 34 4.61 -8.10 -52.95
C PHE H 34 3.88 -6.84 -52.50
N THR H 35 3.80 -5.88 -53.42
CA THR H 35 3.30 -4.55 -53.12
C THR H 35 2.77 -3.93 -54.40
N TRP H 36 1.81 -3.03 -54.27
CA TRP H 36 1.28 -2.31 -55.43
C TRP H 36 1.45 -0.81 -55.23
N VAL H 37 2.04 -0.15 -56.22
CA VAL H 37 2.35 1.27 -56.12
C VAL H 37 1.90 1.97 -57.39
N ARG H 38 1.44 3.21 -57.27
CA ARG H 38 0.82 3.87 -58.39
C ARG H 38 1.28 5.31 -58.50
N GLN H 39 1.16 5.84 -59.72
CA GLN H 39 1.64 7.19 -60.04
C GLN H 39 0.68 7.85 -61.02
N ALA H 40 0.16 8.99 -60.65
CA ALA H 40 -0.56 9.76 -61.65
C ALA H 40 0.44 10.54 -62.51
N PRO H 41 0.09 10.84 -63.76
CA PRO H 41 1.10 11.44 -64.65
C PRO H 41 1.60 12.77 -64.12
N GLY H 42 2.92 12.91 -64.09
CA GLY H 42 3.54 14.08 -63.52
C GLY H 42 3.50 14.14 -62.01
N GLN H 43 3.19 13.04 -61.34
CA GLN H 43 3.08 13.01 -59.90
C GLN H 43 4.07 12.01 -59.30
N GLY H 44 4.19 12.08 -57.98
CA GLY H 44 5.02 11.13 -57.27
C GLY H 44 4.43 9.74 -57.33
N LEU H 45 4.94 8.89 -56.45
CA LEU H 45 4.47 7.51 -56.36
C LEU H 45 3.52 7.37 -55.18
N GLU H 46 2.75 6.29 -55.21
CA GLU H 46 1.73 6.07 -54.19
C GLU H 46 1.80 4.62 -53.73
N TRP H 47 2.38 4.39 -52.56
CA TRP H 47 2.33 3.06 -51.97
C TRP H 47 0.90 2.73 -51.60
N MET H 48 0.33 1.73 -52.26
CA MET H 48 -1.04 1.35 -51.96
C MET H 48 -1.11 0.31 -50.85
N GLY H 49 -0.47 -0.84 -51.05
CA GLY H 49 -0.59 -1.88 -50.05
C GLY H 49 0.40 -2.99 -50.31
N ARG H 50 0.48 -3.88 -49.32
CA ARG H 50 1.47 -4.95 -49.29
C ARG H 50 0.84 -6.26 -48.90
N ILE H 51 1.36 -7.35 -49.46
CA ILE H 51 0.86 -8.69 -49.18
C ILE H 51 2.02 -9.61 -48.90
N ILE H 52 1.87 -10.42 -47.85
CA ILE H 52 2.80 -11.47 -47.48
C ILE H 52 2.20 -12.78 -47.96
N THR H 53 2.99 -13.54 -48.70
CA THR H 53 2.47 -14.72 -49.39
C THR H 53 2.24 -15.88 -48.44
N ILE H 54 3.31 -16.34 -47.78
CA ILE H 54 3.22 -17.62 -47.08
C ILE H 54 2.21 -17.55 -45.96
N LEU H 55 2.13 -16.43 -45.26
CA LEU H 55 1.02 -16.22 -44.34
C LEU H 55 -0.23 -15.78 -45.06
N ASP H 56 -0.10 -15.27 -46.27
CA ASP H 56 -1.24 -14.80 -47.07
C ASP H 56 -2.07 -13.78 -46.30
N VAL H 57 -1.42 -12.65 -46.00
CA VAL H 57 -2.08 -11.53 -45.36
C VAL H 57 -1.76 -10.29 -46.18
N ALA H 58 -2.48 -9.21 -45.92
CA ALA H 58 -2.20 -7.98 -46.65
C ALA H 58 -2.67 -6.78 -45.86
N HIS H 59 -1.89 -5.70 -45.93
CA HIS H 59 -2.23 -4.45 -45.29
C HIS H 59 -2.37 -3.36 -46.33
N TYR H 60 -3.39 -2.52 -46.14
CA TYR H 60 -3.76 -1.49 -47.09
C TYR H 60 -3.47 -0.12 -46.52
N ALA H 61 -3.38 0.85 -47.41
CA ALA H 61 -3.10 2.22 -47.01
C ALA H 61 -4.27 2.79 -46.22
N PRO H 62 -4.02 3.80 -45.37
CA PRO H 62 -5.11 4.26 -44.50
C PRO H 62 -6.24 4.94 -45.25
N HIS H 63 -5.93 5.79 -46.22
CA HIS H 63 -7.00 6.55 -46.85
C HIS H 63 -7.74 5.73 -47.90
N LEU H 64 -7.03 4.88 -48.64
CA LEU H 64 -7.71 3.97 -49.55
C LEU H 64 -8.43 2.85 -48.84
N GLN H 65 -8.47 2.88 -47.52
CA GLN H 65 -9.01 1.77 -46.75
C GLN H 65 -10.48 1.54 -47.09
N GLY H 66 -10.87 0.27 -47.16
CA GLY H 66 -12.24 -0.10 -47.36
C GLY H 66 -12.72 -0.07 -48.79
N ARG H 67 -11.86 0.29 -49.73
CA ARG H 67 -12.30 0.35 -51.12
C ARG H 67 -11.30 -0.30 -52.06
N VAL H 68 -10.58 -1.31 -51.59
CA VAL H 68 -9.51 -1.92 -52.37
C VAL H 68 -9.21 -3.27 -51.77
N THR H 69 -8.61 -4.16 -52.55
CA THR H 69 -8.30 -5.50 -52.08
C THR H 69 -7.18 -6.11 -52.91
N ILE H 70 -6.11 -6.52 -52.24
CA ILE H 70 -5.04 -7.27 -52.88
C ILE H 70 -5.34 -8.74 -52.74
N THR H 71 -4.69 -9.56 -53.57
CA THR H 71 -4.88 -11.01 -53.49
C THR H 71 -3.78 -11.66 -54.31
N ALA H 72 -3.52 -12.93 -54.02
CA ALA H 72 -2.55 -13.68 -54.80
C ALA H 72 -3.06 -15.10 -54.98
N ASP H 73 -2.30 -15.91 -55.71
CA ASP H 73 -2.66 -17.31 -55.88
C ASP H 73 -1.38 -18.14 -55.85
N LYS H 74 -1.33 -19.08 -54.91
CA LYS H 74 -0.15 -19.90 -54.74
C LYS H 74 0.01 -20.95 -55.83
N SER H 75 -1.02 -21.20 -56.64
CA SER H 75 -0.96 -22.26 -57.63
C SER H 75 -0.39 -21.76 -58.95
N THR H 76 -1.06 -20.79 -59.55
CA THR H 76 -0.67 -20.29 -60.86
C THR H 76 0.48 -19.29 -60.80
N SER H 77 0.96 -18.95 -59.60
CA SER H 77 2.07 -18.02 -59.44
C SER H 77 1.71 -16.65 -60.03
N THR H 78 0.59 -16.10 -59.57
CA THR H 78 0.13 -14.81 -60.04
C THR H 78 -0.40 -14.00 -58.87
N VAL H 79 -0.54 -12.70 -59.10
CA VAL H 79 -1.07 -11.78 -58.10
C VAL H 79 -2.11 -10.91 -58.76
N TYR H 80 -3.21 -10.67 -58.07
CA TYR H 80 -4.28 -9.85 -58.59
C TYR H 80 -4.38 -8.58 -57.77
N LEU H 81 -5.33 -7.73 -58.16
CA LEU H 81 -5.60 -6.49 -57.46
C LEU H 81 -6.94 -5.93 -57.87
N GLU H 82 -7.71 -5.42 -56.92
CA GLU H 82 -9.00 -4.83 -57.21
C GLU H 82 -9.13 -3.50 -56.49
N LEU H 83 -9.67 -2.50 -57.18
CA LEU H 83 -10.12 -1.28 -56.54
C LEU H 83 -11.60 -1.15 -56.83
N ARG H 84 -12.37 -0.77 -55.82
CA ARG H 84 -13.81 -0.72 -55.94
C ARG H 84 -14.30 0.72 -55.96
N ASN H 85 -15.38 0.95 -56.71
CA ASN H 85 -15.95 2.27 -56.90
C ASN H 85 -14.96 3.22 -57.59
N LEU H 86 -14.60 2.86 -58.82
CA LEU H 86 -13.62 3.63 -59.57
C LEU H 86 -14.04 5.09 -59.66
N ARG H 87 -13.03 5.97 -59.72
CA ARG H 87 -13.24 7.40 -59.91
C ARG H 87 -12.26 7.92 -60.94
N SER H 88 -12.73 8.81 -61.82
CA SER H 88 -11.92 9.24 -62.95
C SER H 88 -10.67 9.99 -62.55
N ASP H 89 -10.56 10.44 -61.29
CA ASP H 89 -9.32 11.08 -60.85
C ASP H 89 -8.23 10.07 -60.48
N ASP H 90 -8.45 8.79 -60.74
CA ASP H 90 -7.45 7.78 -60.43
C ASP H 90 -6.85 7.14 -61.67
N THR H 91 -7.23 7.58 -62.86
CA THR H 91 -6.48 7.26 -64.06
C THR H 91 -5.00 7.50 -63.82
N ALA H 92 -4.20 6.45 -63.91
CA ALA H 92 -2.79 6.55 -63.53
C ALA H 92 -2.04 5.34 -64.08
N VAL H 93 -0.77 5.19 -63.66
CA VAL H 93 0.07 4.07 -64.03
C VAL H 93 0.29 3.23 -62.79
N TYR H 94 0.20 1.92 -62.96
CA TYR H 94 0.20 0.96 -61.86
C TYR H 94 1.39 0.02 -61.96
N PHE H 95 2.01 -0.26 -60.82
CA PHE H 95 3.26 -1.00 -60.76
C PHE H 95 3.20 -2.07 -59.69
N CYS H 96 3.81 -3.21 -60.02
CA CYS H 96 3.72 -4.47 -59.30
C CYS H 96 5.10 -4.82 -58.74
N ALA H 97 5.36 -4.44 -57.49
CA ALA H 97 6.69 -4.59 -56.92
C ALA H 97 6.78 -5.83 -56.06
N GLY H 98 7.99 -6.38 -55.99
CA GLY H 98 8.23 -7.53 -55.13
C GLY H 98 9.64 -7.48 -54.60
N VAL H 99 9.89 -8.28 -53.55
CA VAL H 99 11.19 -8.33 -52.92
C VAL H 99 11.39 -9.71 -52.30
N TYR H 100 12.65 -10.09 -52.14
CA TYR H 100 13.02 -11.33 -51.49
C TYR H 100 12.89 -11.22 -49.98
N GLU H 101 12.63 -12.36 -49.32
CA GLU H 101 12.26 -12.31 -47.91
C GLU H 101 12.94 -13.37 -47.07
N GLY H 102 13.95 -14.06 -47.57
CA GLY H 102 14.58 -15.14 -46.84
C GLY H 102 13.78 -16.42 -46.99
N GLU H 103 14.43 -17.52 -46.65
CA GLU H 103 13.83 -18.84 -46.86
C GLU H 103 12.63 -19.00 -45.95
N ALA H 104 11.44 -18.89 -46.51
CA ALA H 104 10.24 -18.86 -45.69
C ALA H 104 9.63 -20.22 -45.45
N ASP H 105 9.72 -21.12 -46.42
CA ASP H 105 9.15 -22.45 -46.26
C ASP H 105 9.74 -23.19 -45.08
N GLU H 106 10.79 -22.63 -44.48
CA GLU H 106 11.37 -23.15 -43.26
C GLU H 106 10.84 -22.46 -42.03
N GLY H 107 10.56 -21.18 -42.12
CA GLY H 107 10.15 -20.46 -40.94
C GLY H 107 11.10 -19.34 -40.66
N GLU H 108 12.16 -19.24 -41.45
CA GLU H 108 13.01 -18.06 -41.43
C GLU H 108 12.34 -16.96 -42.23
N TYR H 109 12.50 -15.73 -41.77
CA TYR H 109 11.81 -14.66 -42.46
C TYR H 109 12.44 -13.33 -42.12
N ASP H 110 12.25 -12.35 -43.00
CA ASP H 110 12.93 -11.08 -42.92
C ASP H 110 12.03 -9.89 -42.69
N ASN H 111 10.83 -9.90 -43.26
CA ASN H 111 9.96 -8.75 -43.24
C ASN H 111 10.69 -7.52 -43.79
N ASN H 112 11.07 -7.62 -45.06
CA ASN H 112 11.70 -6.53 -45.76
C ASN H 112 10.66 -5.51 -46.19
N GLY H 113 11.01 -4.24 -46.07
CA GLY H 113 10.06 -3.19 -46.38
C GLY H 113 10.17 -2.60 -47.77
N PHE H 114 11.36 -2.55 -48.33
CA PHE H 114 11.61 -1.85 -49.59
C PHE H 114 11.23 -2.73 -50.78
N LEU H 115 11.58 -2.28 -51.98
CA LEU H 115 11.23 -2.95 -53.22
C LEU H 115 12.47 -3.09 -54.09
N LYS H 116 12.63 -4.25 -54.73
CA LYS H 116 13.75 -4.44 -55.63
C LYS H 116 13.33 -4.76 -57.05
N HIS H 117 12.48 -5.76 -57.25
CA HIS H 117 12.15 -6.23 -58.59
C HIS H 117 10.80 -5.68 -59.03
N TRP H 118 10.78 -5.01 -60.16
CA TRP H 118 9.62 -4.25 -60.61
C TRP H 118 9.07 -4.80 -61.92
N GLY H 119 7.76 -4.65 -62.08
CA GLY H 119 7.13 -4.87 -63.36
C GLY H 119 7.12 -3.60 -64.18
N GLN H 120 7.17 -3.75 -65.50
CA GLN H 120 7.42 -2.61 -66.37
C GLN H 120 6.31 -1.56 -66.27
N GLY H 121 5.10 -1.97 -65.92
CA GLY H 121 4.06 -0.98 -65.69
C GLY H 121 2.77 -1.22 -66.45
N THR H 122 1.69 -0.58 -65.99
CA THR H 122 0.40 -0.67 -66.66
C THR H 122 -0.30 0.68 -66.57
N LEU H 123 -1.32 0.85 -67.39
CA LEU H 123 -2.04 2.13 -67.47
C LEU H 123 -3.53 1.89 -67.26
N VAL H 124 -4.09 2.54 -66.25
CA VAL H 124 -5.52 2.55 -66.01
C VAL H 124 -6.06 3.90 -66.44
N THR H 125 -7.10 3.88 -67.28
CA THR H 125 -7.72 5.09 -67.81
C THR H 125 -9.21 5.00 -67.54
N VAL H 126 -9.68 5.74 -66.54
CA VAL H 126 -11.11 5.81 -66.23
C VAL H 126 -11.57 7.24 -66.44
N SER H 127 -12.61 7.39 -67.23
CA SER H 127 -13.13 8.68 -67.66
C SER H 127 -14.54 8.45 -68.17
N SER H 128 -15.10 9.45 -68.85
CA SER H 128 -16.41 9.32 -69.45
C SER H 128 -16.33 9.00 -70.94
N ALA H 129 -15.47 9.69 -71.67
CA ALA H 129 -15.34 9.48 -73.11
C ALA H 129 -14.82 8.08 -73.44
N ASP I 1 12.72 29.82 -0.38
CA ASP I 1 12.00 31.08 -0.58
C ASP I 1 12.18 31.56 -2.01
N ILE I 2 11.07 31.77 -2.70
CA ILE I 2 11.14 32.22 -4.09
C ILE I 2 11.72 33.64 -4.10
N VAL I 3 12.78 33.82 -4.88
CA VAL I 3 13.45 35.11 -4.99
C VAL I 3 13.76 35.37 -6.45
N MET I 4 13.55 36.60 -6.88
CA MET I 4 13.93 37.06 -8.21
C MET I 4 15.12 37.99 -8.11
N THR I 5 15.88 38.09 -9.20
CA THR I 5 16.99 39.03 -9.29
C THR I 5 16.96 39.67 -10.66
N GLN I 6 17.11 40.99 -10.69
CA GLN I 6 17.14 41.71 -11.95
C GLN I 6 18.54 41.65 -12.55
N SER I 7 18.61 41.80 -13.86
CA SER I 7 19.89 41.75 -14.53
C SER I 7 19.84 42.61 -15.78
N PRO I 8 20.85 43.45 -16.02
CA PRO I 8 22.03 43.58 -15.15
C PRO I 8 21.80 44.45 -13.94
N ALA I 9 22.85 44.66 -13.15
CA ALA I 9 22.77 45.62 -12.05
C ALA I 9 22.48 47.02 -12.55
N THR I 10 22.81 47.31 -13.81
CA THR I 10 22.52 48.60 -14.42
C THR I 10 22.69 48.47 -15.91
N LEU I 11 21.71 48.95 -16.67
CA LEU I 11 21.82 49.03 -18.12
C LEU I 11 21.87 50.49 -18.52
N SER I 12 22.66 50.78 -19.56
CA SER I 12 22.79 52.12 -20.09
C SER I 12 22.86 52.05 -21.61
N VAL I 13 22.10 52.90 -22.27
CA VAL I 13 21.98 52.84 -23.73
C VAL I 13 21.48 54.18 -24.25
N SER I 14 21.95 54.57 -25.44
CA SER I 14 21.70 55.88 -26.01
C SER I 14 20.45 55.87 -26.90
N PRO I 15 19.91 57.04 -27.24
CA PRO I 15 18.68 57.07 -28.03
C PRO I 15 18.80 56.32 -29.34
N GLY I 16 17.64 56.07 -29.95
CA GLY I 16 17.56 55.24 -31.13
C GLY I 16 17.97 53.81 -30.94
N GLU I 17 18.21 53.37 -29.71
CA GLU I 17 18.71 52.04 -29.44
C GLU I 17 17.75 51.27 -28.53
N ARG I 18 18.07 49.99 -28.36
CA ARG I 18 17.22 49.03 -27.66
C ARG I 18 17.81 48.73 -26.29
N ALA I 19 16.94 48.51 -25.31
CA ALA I 19 17.33 48.11 -23.98
C ALA I 19 16.78 46.72 -23.70
N THR I 20 17.55 45.92 -22.96
CA THR I 20 17.22 44.53 -22.66
C THR I 20 17.45 44.27 -21.18
N LEU I 21 16.47 43.64 -20.53
CA LEU I 21 16.53 43.38 -19.10
C LEU I 21 16.00 41.97 -18.84
N SER I 22 16.56 41.29 -17.85
CA SER I 22 16.19 39.91 -17.58
C SER I 22 16.00 39.69 -16.08
N CYS I 23 14.83 39.16 -15.72
CA CYS I 23 14.48 38.86 -14.35
C CYS I 23 14.64 37.36 -14.11
N ARG I 24 15.13 37.00 -12.93
CA ARG I 24 15.54 35.64 -12.61
C ARG I 24 14.75 35.11 -11.43
N ALA I 25 14.24 33.89 -11.55
CA ALA I 25 13.44 33.29 -10.50
C ALA I 25 14.21 32.15 -9.84
N SER I 26 13.59 31.52 -8.86
CA SER I 26 14.17 30.39 -8.15
C SER I 26 13.44 29.08 -8.38
N GLU I 27 12.16 29.13 -8.76
CA GLU I 27 11.44 27.95 -9.22
C GLU I 27 10.69 28.29 -10.50
N SER I 28 9.82 27.40 -10.93
CA SER I 28 9.01 27.64 -12.12
C SER I 28 7.82 28.51 -11.74
N VAL I 29 7.78 29.72 -12.27
CA VAL I 29 6.66 30.64 -12.06
C VAL I 29 6.00 30.82 -13.42
N SER I 30 4.86 30.15 -13.62
CA SER I 30 4.42 29.85 -14.98
C SER I 30 4.29 31.11 -15.83
N SER I 31 3.30 31.94 -15.54
CA SER I 31 3.13 33.15 -16.33
C SER I 31 2.72 34.31 -15.45
N ASP I 32 3.37 34.46 -14.30
CA ASP I 32 2.98 35.48 -13.32
C ASP I 32 4.15 36.43 -13.11
N LEU I 33 4.22 37.48 -13.92
CA LEU I 33 5.23 38.50 -13.77
C LEU I 33 4.73 39.83 -14.34
N ALA I 34 5.32 40.90 -13.85
CA ALA I 34 4.88 42.23 -14.22
C ALA I 34 6.06 43.18 -14.15
N TRP I 35 5.99 44.24 -14.97
CA TRP I 35 7.06 45.21 -15.13
C TRP I 35 6.52 46.61 -14.91
N TYR I 36 7.16 47.36 -14.01
CA TYR I 36 6.79 48.75 -13.79
C TYR I 36 8.01 49.63 -13.88
N GLN I 37 7.86 50.79 -14.51
CA GLN I 37 8.89 51.81 -14.49
C GLN I 37 8.50 52.90 -13.51
N GLN I 38 9.49 53.45 -12.84
CA GLN I 38 9.28 54.50 -11.85
C GLN I 38 10.25 55.63 -12.13
N LYS I 39 9.72 56.77 -12.55
CA LYS I 39 10.51 57.99 -12.52
C LYS I 39 10.63 58.47 -11.08
N PRO I 40 11.79 58.93 -10.67
CA PRO I 40 12.08 59.10 -9.24
C PRO I 40 11.09 60.04 -8.56
N GLY I 41 10.38 59.50 -7.56
CA GLY I 41 9.41 60.25 -6.81
C GLY I 41 8.01 60.24 -7.38
N GLN I 42 7.72 59.34 -8.33
CA GLN I 42 6.45 59.35 -9.02
C GLN I 42 5.74 58.01 -8.86
N ALA I 43 4.44 58.03 -9.09
CA ALA I 43 3.65 56.81 -9.03
C ALA I 43 4.06 55.89 -10.16
N PRO I 44 4.41 54.64 -9.86
CA PRO I 44 4.86 53.74 -10.92
C PRO I 44 3.79 53.47 -11.95
N ARG I 45 4.10 52.65 -12.95
CA ARG I 45 3.19 52.47 -14.06
C ARG I 45 3.25 51.03 -14.54
N LEU I 46 2.10 50.51 -14.96
CA LEU I 46 2.02 49.12 -15.38
C LEU I 46 2.36 49.01 -16.86
N LEU I 47 3.35 48.18 -17.18
CA LEU I 47 3.75 47.98 -18.56
C LEU I 47 3.33 46.62 -19.07
N ILE I 48 3.73 45.55 -18.39
CA ILE I 48 3.50 44.19 -18.86
C ILE I 48 2.87 43.39 -17.73
N TYR I 49 1.72 42.78 -18.00
CA TYR I 49 1.09 41.88 -17.05
C TYR I 49 0.82 40.55 -17.72
N GLY I 50 0.57 39.54 -16.91
CA GLY I 50 0.52 38.19 -17.42
C GLY I 50 1.85 37.68 -17.93
N ALA I 51 2.90 38.48 -17.84
CA ALA I 51 4.23 38.15 -18.33
C ALA I 51 4.25 37.94 -19.84
N SER I 52 3.15 38.27 -20.53
CA SER I 52 3.14 38.09 -21.97
C SER I 52 2.39 39.16 -22.76
N THR I 53 1.85 40.19 -22.13
CA THR I 53 1.08 41.15 -22.89
C THR I 53 1.32 42.56 -22.39
N ARG I 54 0.82 43.51 -23.16
CA ARG I 54 1.08 44.92 -22.92
C ARG I 54 -0.16 45.56 -22.31
N ALA I 55 0.07 46.56 -21.48
CA ALA I 55 -1.03 47.25 -20.84
C ALA I 55 -1.86 47.99 -21.88
N THR I 56 -2.94 48.62 -21.44
CA THR I 56 -3.67 49.53 -22.31
C THR I 56 -3.15 50.95 -22.11
N GLY I 57 -3.27 51.75 -23.15
CA GLY I 57 -2.76 53.11 -23.11
C GLY I 57 -1.28 53.16 -22.81
N VAL I 58 -0.46 52.57 -23.69
CA VAL I 58 0.97 52.50 -23.46
C VAL I 58 1.68 52.36 -24.80
N PRO I 59 2.81 53.04 -25.01
CA PRO I 59 3.52 52.95 -26.29
C PRO I 59 3.97 51.54 -26.61
N ALA I 60 3.81 51.16 -27.87
CA ALA I 60 4.03 49.80 -28.32
C ALA I 60 5.49 49.44 -28.51
N ARG I 61 6.42 50.29 -28.09
CA ARG I 61 7.83 50.00 -28.30
C ARG I 61 8.41 49.10 -27.22
N PHE I 62 7.61 48.65 -26.26
CA PHE I 62 8.03 47.71 -25.23
C PHE I 62 7.52 46.31 -25.56
N SER I 63 8.28 45.31 -25.11
CA SER I 63 7.75 43.96 -25.13
C SER I 63 8.68 43.05 -24.35
N GLY I 64 8.10 42.10 -23.62
CA GLY I 64 8.86 41.11 -22.90
C GLY I 64 8.35 39.72 -23.19
N SER I 65 9.08 38.76 -22.68
CA SER I 65 8.73 37.34 -22.79
C SER I 65 9.60 36.57 -21.81
N GLY I 66 9.57 35.25 -21.90
CA GLY I 66 10.29 34.38 -21.00
C GLY I 66 9.35 33.44 -20.26
N SER I 67 9.96 32.54 -19.50
CA SER I 67 9.23 31.53 -18.76
C SER I 67 10.20 30.86 -17.80
N GLY I 68 9.74 29.78 -17.16
CA GLY I 68 10.57 29.06 -16.23
C GLY I 68 11.03 29.96 -15.11
N ALA I 69 12.31 30.33 -15.13
CA ALA I 69 12.87 31.24 -14.14
C ALA I 69 13.57 32.42 -14.79
N GLU I 70 13.48 32.55 -16.10
CA GLU I 70 14.16 33.61 -16.83
C GLU I 70 13.15 34.36 -17.69
N PHE I 71 13.08 35.66 -17.48
CA PHE I 71 12.18 36.54 -18.20
C PHE I 71 12.96 37.75 -18.67
N THR I 72 12.37 38.51 -19.59
CA THR I 72 13.08 39.61 -20.20
C THR I 72 12.10 40.62 -20.78
N LEU I 73 12.55 41.87 -20.82
CA LEU I 73 11.84 42.98 -21.43
C LEU I 73 12.82 43.76 -22.29
N THR I 74 12.38 44.12 -23.48
CA THR I 74 13.20 44.87 -24.43
C THR I 74 12.38 45.99 -25.03
N ILE I 75 13.06 47.12 -25.26
CA ILE I 75 12.47 48.24 -25.98
C ILE I 75 13.41 48.60 -27.12
N SER I 76 12.90 48.51 -28.36
CA SER I 76 13.78 48.56 -29.52
C SER I 76 14.41 49.93 -29.74
N SER I 77 13.71 51.00 -29.38
CA SER I 77 14.20 52.34 -29.69
C SER I 77 13.88 53.26 -28.53
N LEU I 78 14.90 53.63 -27.76
CA LEU I 78 14.70 54.58 -26.69
C LEU I 78 14.16 55.90 -27.21
N GLN I 79 13.59 56.68 -26.30
CA GLN I 79 13.13 58.03 -26.60
C GLN I 79 13.60 58.90 -25.45
N SER I 80 13.09 60.13 -25.41
CA SER I 80 13.59 61.11 -24.45
C SER I 80 13.06 60.91 -23.05
N GLU I 81 11.92 60.24 -22.88
CA GLU I 81 11.28 60.13 -21.57
C GLU I 81 11.17 58.68 -21.14
N ASP I 82 12.24 57.92 -21.35
CA ASP I 82 12.28 56.52 -20.92
C ASP I 82 13.37 56.31 -19.87
N PHE I 83 13.54 57.27 -18.98
CA PHE I 83 14.65 57.29 -18.03
C PHE I 83 14.07 57.07 -16.64
N ALA I 84 13.94 55.82 -16.25
CA ALA I 84 13.31 55.47 -14.98
C ALA I 84 13.87 54.14 -14.50
N VAL I 85 13.63 53.82 -13.24
CA VAL I 85 14.08 52.54 -12.72
C VAL I 85 13.01 51.50 -12.98
N TYR I 86 13.43 50.28 -13.26
CA TYR I 86 12.51 49.27 -13.75
C TYR I 86 12.48 48.07 -12.79
N TYR I 87 11.28 47.58 -12.50
CA TYR I 87 11.10 46.50 -11.54
C TYR I 87 10.24 45.40 -12.13
N CYS I 88 10.62 44.16 -11.83
CA CYS I 88 9.84 42.97 -12.12
C CYS I 88 9.25 42.44 -10.82
N GLN I 89 8.10 41.77 -10.94
CA GLN I 89 7.37 41.31 -9.76
C GLN I 89 6.50 40.12 -10.10
N GLN I 90 6.50 39.11 -9.24
CA GLN I 90 5.75 37.89 -9.46
C GLN I 90 4.58 37.81 -8.49
N TYR I 91 3.53 37.11 -8.91
CA TYR I 91 2.34 36.96 -8.08
C TYR I 91 1.81 35.53 -8.13
N ASN I 92 2.69 34.55 -8.26
CA ASN I 92 2.19 33.22 -8.58
C ASN I 92 1.66 32.47 -7.37
N ASN I 93 2.43 32.40 -6.30
CA ASN I 93 2.14 31.48 -5.21
C ASN I 93 0.77 31.75 -4.58
N TRP I 94 0.13 30.70 -4.10
CA TRP I 94 -1.03 30.83 -3.24
C TRP I 94 -0.91 29.84 -2.08
N PRO I 95 -1.22 30.25 -0.85
CA PRO I 95 -1.72 31.53 -0.35
C PRO I 95 -0.82 32.68 -0.73
N PRO I 96 -1.39 33.84 -0.96
CA PRO I 96 -0.60 34.92 -1.56
C PRO I 96 0.60 35.30 -0.71
N ARG I 97 1.80 35.14 -1.27
CA ARG I 97 3.03 35.71 -0.71
C ARG I 97 3.76 36.35 -1.87
N TYR I 98 3.42 37.60 -2.14
CA TYR I 98 3.99 38.30 -3.27
C TYR I 98 5.31 38.94 -2.88
N THR I 99 6.14 39.21 -3.89
CA THR I 99 7.46 39.75 -3.65
C THR I 99 7.87 40.64 -4.80
N PHE I 100 8.74 41.59 -4.52
CA PHE I 100 9.22 42.54 -5.50
C PHE I 100 10.70 42.33 -5.79
N GLY I 101 11.12 42.80 -6.95
CA GLY I 101 12.49 42.68 -7.39
C GLY I 101 13.35 43.81 -6.86
N GLN I 102 14.59 43.83 -7.35
CA GLN I 102 15.56 44.81 -6.88
C GLN I 102 15.29 46.18 -7.50
N GLY I 103 15.35 46.26 -8.81
CA GLY I 103 15.24 47.50 -9.55
C GLY I 103 16.60 47.84 -10.13
N THR I 104 16.61 48.23 -11.39
CA THR I 104 17.85 48.55 -12.07
C THR I 104 17.77 49.96 -12.64
N ARG I 105 18.90 50.67 -12.59
CA ARG I 105 18.97 52.05 -12.99
C ARG I 105 19.31 52.16 -14.47
N LEU I 106 18.57 53.02 -15.18
CA LEU I 106 18.72 53.13 -16.62
C LEU I 106 18.94 54.59 -17.00
N GLU I 107 20.14 54.90 -17.48
CA GLU I 107 20.46 56.22 -17.99
C GLU I 107 21.15 56.04 -19.33
N ILE I 108 21.21 57.12 -20.11
CA ILE I 108 21.76 57.06 -21.46
C ILE I 108 23.18 56.49 -21.42
N LYS I 109 23.54 55.79 -22.50
CA LYS I 109 24.94 55.48 -22.78
C LYS I 109 25.55 56.73 -23.40
N ARG I 110 26.09 57.60 -22.57
CA ARG I 110 26.68 58.83 -23.05
C ARG I 110 27.74 59.30 -22.07
N THR I 111 28.78 59.94 -22.60
CA THR I 111 29.88 60.43 -21.77
C THR I 111 29.61 61.87 -21.33
N GLU J 1 -12.20 54.07 -14.98
CA GLU J 1 -11.25 53.74 -13.93
C GLU J 1 -11.65 54.37 -12.61
N VAL J 2 -10.73 54.33 -11.65
CA VAL J 2 -10.92 55.00 -10.37
C VAL J 2 -9.68 55.82 -10.07
N GLN J 3 -9.79 56.69 -9.07
CA GLN J 3 -8.69 57.49 -8.59
C GLN J 3 -8.52 57.28 -7.10
N LEU J 4 -7.27 57.18 -6.67
CA LEU J 4 -6.94 56.86 -5.28
C LEU J 4 -6.24 58.07 -4.67
N VAL J 5 -6.99 58.87 -3.95
CA VAL J 5 -6.41 59.94 -3.16
C VAL J 5 -5.92 59.35 -1.85
N GLU J 6 -4.93 59.98 -1.24
CA GLU J 6 -4.40 59.49 0.01
C GLU J 6 -4.58 60.56 1.09
N SER J 7 -4.02 60.30 2.26
CA SER J 7 -4.08 61.23 3.38
C SER J 7 -2.86 62.15 3.32
N GLY J 8 -2.62 62.88 4.41
CA GLY J 8 -1.44 63.72 4.52
C GLY J 8 -0.32 63.01 5.25
N ALA J 9 0.92 63.35 4.88
CA ALA J 9 2.08 62.72 5.47
C ALA J 9 2.10 62.94 6.98
N GLU J 10 2.87 62.11 7.68
CA GLU J 10 2.81 62.10 9.13
C GLU J 10 4.17 61.81 9.74
N VAL J 11 4.31 62.22 10.99
CA VAL J 11 5.45 61.91 11.84
C VAL J 11 4.94 61.22 13.09
N LYS J 12 5.62 60.17 13.50
CA LYS J 12 5.21 59.40 14.68
C LYS J 12 6.40 59.09 15.56
N LYS J 13 6.19 59.22 16.84
CA LYS J 13 7.23 58.89 17.80
C LYS J 13 7.42 57.38 17.85
N PRO J 14 8.62 56.92 18.15
CA PRO J 14 8.89 55.48 18.13
C PRO J 14 8.03 54.73 19.14
N GLY J 15 8.02 53.41 18.99
CA GLY J 15 7.26 52.56 19.89
C GLY J 15 5.78 52.87 19.91
N SER J 16 5.23 53.27 18.78
CA SER J 16 3.83 53.69 18.68
C SER J 16 3.08 52.78 17.73
N SER J 17 1.85 53.18 17.42
CA SER J 17 1.01 52.53 16.44
C SER J 17 0.49 53.58 15.49
N VAL J 18 0.55 53.30 14.19
CA VAL J 18 0.20 54.28 13.18
C VAL J 18 -1.02 53.78 12.43
N LYS J 19 -1.89 54.70 12.05
CA LYS J 19 -2.95 54.43 11.11
C LYS J 19 -2.81 55.38 9.94
N VAL J 20 -3.19 54.91 8.76
CA VAL J 20 -3.10 55.69 7.53
C VAL J 20 -4.27 55.32 6.65
N SER J 21 -4.73 56.26 5.83
CA SER J 21 -5.91 56.05 5.02
C SER J 21 -5.57 56.05 3.54
N CYS J 22 -6.61 55.77 2.75
CA CYS J 22 -6.58 55.96 1.31
C CYS J 22 -8.01 55.88 0.81
N LYS J 23 -8.44 56.88 0.06
CA LYS J 23 -9.80 56.92 -0.45
C LYS J 23 -9.80 56.68 -1.95
N ALA J 24 -10.79 55.93 -2.43
CA ALA J 24 -10.97 55.67 -3.84
C ALA J 24 -12.26 56.29 -4.31
N SER J 25 -12.29 56.71 -5.57
CA SER J 25 -13.50 57.33 -6.11
C SER J 25 -13.48 57.24 -7.62
N GLY J 26 -14.63 56.90 -8.20
CA GLY J 26 -14.77 56.89 -9.64
C GLY J 26 -15.62 55.77 -10.21
N ASP J 27 -15.82 54.70 -9.45
CA ASP J 27 -16.54 53.54 -9.95
C ASP J 27 -17.13 52.79 -8.77
N THR J 28 -17.90 51.74 -9.07
CA THR J 28 -18.44 50.88 -8.02
C THR J 28 -17.32 50.30 -7.18
N PHE J 29 -17.49 50.35 -5.87
CA PHE J 29 -16.35 50.23 -4.98
C PHE J 29 -15.92 48.79 -4.75
N ILE J 30 -16.85 47.85 -4.70
CA ILE J 30 -16.45 46.49 -4.34
C ILE J 30 -15.66 45.83 -5.43
N ARG J 31 -15.94 46.14 -6.69
CA ARG J 31 -15.42 45.34 -7.78
C ARG J 31 -13.91 45.44 -7.96
N TYR J 32 -13.20 46.16 -7.11
CA TYR J 32 -11.76 46.28 -7.23
C TYR J 32 -11.09 45.67 -6.00
N SER J 33 -9.95 45.02 -6.21
CA SER J 33 -9.18 44.57 -5.06
C SER J 33 -8.38 45.73 -4.51
N PHE J 34 -7.53 45.48 -3.52
CA PHE J 34 -6.61 46.52 -3.08
C PHE J 34 -5.37 45.92 -2.48
N THR J 35 -4.30 46.72 -2.47
CA THR J 35 -3.00 46.31 -1.99
C THR J 35 -2.29 47.51 -1.41
N TRP J 36 -1.41 47.28 -0.45
CA TRP J 36 -0.58 48.34 0.11
C TRP J 36 0.87 47.98 -0.08
N VAL J 37 1.65 48.91 -0.64
CA VAL J 37 3.07 48.67 -0.86
C VAL J 37 3.85 49.92 -0.48
N ARG J 38 5.04 49.73 0.08
CA ARG J 38 5.81 50.84 0.58
C ARG J 38 7.23 50.74 0.06
N GLN J 39 7.93 51.87 0.17
CA GLN J 39 9.30 52.00 -0.30
C GLN J 39 10.06 52.95 0.59
N ALA J 40 11.23 52.53 1.02
CA ALA J 40 12.14 53.42 1.73
C ALA J 40 12.84 54.33 0.74
N PRO J 41 13.40 55.45 1.19
CA PRO J 41 13.97 56.42 0.24
C PRO J 41 15.01 55.82 -0.70
N GLY J 42 14.68 55.76 -1.98
CA GLY J 42 15.57 55.23 -2.99
C GLY J 42 15.87 53.75 -2.85
N GLN J 43 14.84 52.92 -2.67
CA GLN J 43 15.05 51.48 -2.52
C GLN J 43 14.07 50.67 -3.34
N GLY J 44 14.05 49.37 -3.09
CA GLY J 44 13.06 48.50 -3.69
C GLY J 44 11.68 48.74 -3.10
N LEU J 45 10.74 47.93 -3.56
CA LEU J 45 9.35 48.04 -3.15
C LEU J 45 9.02 46.89 -2.21
N GLU J 46 8.38 47.20 -1.10
CA GLU J 46 8.10 46.25 -0.04
C GLU J 46 6.62 45.89 -0.10
N TRP J 47 6.31 44.78 -0.76
CA TRP J 47 4.93 44.30 -0.81
C TRP J 47 4.44 44.01 0.59
N MET J 48 3.43 44.75 1.04
CA MET J 48 2.94 44.60 2.40
C MET J 48 1.78 43.61 2.50
N GLY J 49 0.79 43.72 1.64
CA GLY J 49 -0.33 42.81 1.69
C GLY J 49 -1.53 43.36 0.96
N ARG J 50 -2.50 42.48 0.75
CA ARG J 50 -3.64 42.81 -0.09
C ARG J 50 -4.94 42.47 0.61
N ILE J 51 -6.04 42.91 0.00
CA ILE J 51 -7.37 42.70 0.56
C ILE J 51 -8.36 42.58 -0.57
N ILE J 52 -9.33 41.69 -0.37
CA ILE J 52 -10.46 41.49 -1.27
C ILE J 52 -11.69 42.07 -0.62
N THR J 53 -12.34 42.99 -1.32
CA THR J 53 -13.50 43.68 -0.76
C THR J 53 -14.70 42.76 -0.67
N ILE J 54 -15.15 42.24 -1.83
CA ILE J 54 -16.44 41.56 -1.91
C ILE J 54 -16.56 40.46 -0.86
N LEU J 55 -15.44 39.86 -0.47
CA LEU J 55 -15.41 38.95 0.65
C LEU J 55 -14.84 39.58 1.90
N ASP J 56 -14.21 40.74 1.78
CA ASP J 56 -13.62 41.43 2.92
C ASP J 56 -12.67 40.52 3.69
N VAL J 57 -11.62 40.08 3.00
CA VAL J 57 -10.58 39.27 3.63
C VAL J 57 -9.23 39.81 3.18
N ALA J 58 -8.28 39.89 4.11
CA ALA J 58 -6.98 40.45 3.80
C ALA J 58 -5.87 39.47 4.13
N HIS J 59 -4.84 39.47 3.30
CA HIS J 59 -3.66 38.65 3.51
C HIS J 59 -2.45 39.55 3.72
N TYR J 60 -1.56 39.08 4.59
CA TYR J 60 -0.45 39.86 5.08
C TYR J 60 0.86 39.21 4.69
N ALA J 61 1.93 39.89 4.97
CA ALA J 61 3.28 39.47 4.64
C ALA J 61 3.91 38.67 5.77
N PRO J 62 4.71 37.67 5.44
CA PRO J 62 5.25 36.78 6.47
C PRO J 62 6.06 37.50 7.52
N HIS J 63 7.12 38.18 7.10
CA HIS J 63 7.99 38.83 8.07
C HIS J 63 7.42 40.12 8.60
N LEU J 64 6.33 40.62 8.02
CA LEU J 64 5.59 41.73 8.60
C LEU J 64 4.45 41.27 9.48
N GLN J 65 4.06 39.99 9.39
CA GLN J 65 2.87 39.52 10.05
C GLN J 65 2.93 39.77 11.54
N GLY J 66 1.82 40.24 12.10
CA GLY J 66 1.71 40.39 13.53
C GLY J 66 1.41 41.80 13.96
N ARG J 67 2.04 42.77 13.32
CA ARG J 67 1.79 44.16 13.67
C ARG J 67 1.18 44.92 12.51
N VAL J 68 0.45 44.23 11.65
CA VAL J 68 -0.18 44.83 10.49
C VAL J 68 -1.68 44.60 10.59
N THR J 69 -2.45 45.51 9.98
CA THR J 69 -3.89 45.29 9.88
C THR J 69 -4.46 46.14 8.76
N ILE J 70 -4.96 45.51 7.73
CA ILE J 70 -5.66 46.22 6.68
C ILE J 70 -7.14 46.15 6.99
N THR J 71 -7.92 47.11 6.49
CA THR J 71 -9.36 47.05 6.64
C THR J 71 -10.00 47.98 5.62
N ALA J 72 -11.30 47.81 5.44
CA ALA J 72 -12.04 48.58 4.45
C ALA J 72 -13.42 48.88 4.98
N ASP J 73 -14.20 49.60 4.18
CA ASP J 73 -15.54 50.01 4.55
C ASP J 73 -16.32 50.34 3.29
N LYS J 74 -17.32 49.53 2.96
CA LYS J 74 -18.05 49.73 1.73
C LYS J 74 -18.93 50.96 1.77
N SER J 75 -19.24 51.46 2.96
CA SER J 75 -20.13 52.62 3.05
C SER J 75 -19.44 53.88 2.57
N THR J 76 -18.26 54.16 3.12
CA THR J 76 -17.56 55.40 2.88
C THR J 76 -16.54 55.32 1.75
N SER J 77 -16.34 54.15 1.16
CA SER J 77 -15.43 53.96 0.03
C SER J 77 -14.02 54.42 0.40
N THR J 78 -13.44 53.73 1.37
CA THR J 78 -12.10 54.03 1.83
C THR J 78 -11.40 52.74 2.23
N VAL J 79 -10.12 52.86 2.54
CA VAL J 79 -9.30 51.73 2.97
C VAL J 79 -8.34 52.25 4.02
N TYR J 80 -8.20 51.51 5.11
CA TYR J 80 -7.33 51.90 6.19
C TYR J 80 -6.24 50.86 6.37
N LEU J 81 -5.02 51.32 6.61
CA LEU J 81 -3.95 50.47 7.08
C LEU J 81 -3.58 50.88 8.49
N GLU J 82 -3.20 49.91 9.29
CA GLU J 82 -2.67 50.16 10.61
C GLU J 82 -1.44 49.31 10.80
N LEU J 83 -0.44 49.85 11.49
CA LEU J 83 0.74 49.07 11.78
C LEU J 83 1.15 49.35 13.21
N ARG J 84 1.68 48.32 13.87
CA ARG J 84 1.85 48.31 15.30
C ARG J 84 3.33 48.22 15.67
N ASN J 85 3.64 48.72 16.87
CA ASN J 85 5.01 48.78 17.39
C ASN J 85 5.93 49.52 16.43
N LEU J 86 5.64 50.80 16.26
CA LEU J 86 6.42 51.64 15.36
C LEU J 86 7.89 51.63 15.73
N ARG J 87 8.74 51.40 14.73
CA ARG J 87 10.18 51.42 14.90
C ARG J 87 10.79 52.30 13.82
N SER J 88 11.79 53.11 14.21
CA SER J 88 12.37 54.11 13.33
C SER J 88 12.83 53.55 11.99
N ASP J 89 13.06 52.25 11.90
CA ASP J 89 13.52 51.64 10.66
C ASP J 89 12.44 51.50 9.65
N ASP J 90 11.29 52.15 9.81
CA ASP J 90 10.19 52.01 8.87
C ASP J 90 9.68 53.34 8.33
N THR J 91 10.43 54.43 8.54
CA THR J 91 10.17 55.64 7.80
C THR J 91 10.22 55.35 6.31
N ALA J 92 9.15 55.69 5.59
CA ALA J 92 9.11 55.38 4.16
C ALA J 92 7.90 56.05 3.54
N VAL J 93 7.75 55.87 2.23
CA VAL J 93 6.59 56.32 1.49
C VAL J 93 5.70 55.10 1.24
N TYR J 94 4.40 55.31 1.25
CA TYR J 94 3.41 54.24 1.19
C TYR J 94 2.41 54.52 0.08
N PHE J 95 1.85 53.45 -0.49
CA PHE J 95 0.99 53.55 -1.65
C PHE J 95 -0.14 52.54 -1.54
N CYS J 96 -1.34 52.98 -1.87
CA CYS J 96 -2.50 52.12 -2.03
C CYS J 96 -2.75 51.91 -3.51
N ALA J 97 -2.89 50.65 -3.92
CA ALA J 97 -3.09 50.32 -5.31
C ALA J 97 -4.25 49.36 -5.46
N GLY J 98 -4.77 49.25 -6.68
CA GLY J 98 -5.91 48.40 -6.91
C GLY J 98 -5.88 47.78 -8.28
N VAL J 99 -6.93 47.02 -8.59
CA VAL J 99 -7.12 46.42 -9.90
C VAL J 99 -8.56 45.95 -10.03
N TYR J 100 -9.12 46.10 -11.22
CA TYR J 100 -10.46 45.59 -11.49
C TYR J 100 -10.47 44.07 -11.38
N GLU J 101 -11.64 43.51 -11.07
CA GLU J 101 -11.71 42.07 -10.84
C GLU J 101 -12.79 41.41 -11.66
N GLY J 102 -13.89 42.07 -11.87
CA GLY J 102 -14.98 41.50 -12.63
C GLY J 102 -16.28 41.69 -11.92
N GLU J 103 -17.33 41.07 -12.44
CA GLU J 103 -18.65 41.20 -11.84
C GLU J 103 -18.66 40.39 -10.55
N ALA J 104 -18.10 40.99 -9.51
CA ALA J 104 -18.15 40.36 -8.20
C ALA J 104 -19.58 40.11 -7.77
N ASP J 105 -20.37 41.17 -7.71
CA ASP J 105 -21.74 41.10 -7.20
C ASP J 105 -22.57 40.01 -7.85
N GLU J 106 -22.17 39.50 -9.01
CA GLU J 106 -22.91 38.41 -9.65
C GLU J 106 -22.14 37.11 -9.58
N GLY J 107 -21.14 37.02 -8.72
CA GLY J 107 -20.44 35.77 -8.53
C GLY J 107 -19.40 35.46 -9.58
N GLU J 108 -18.88 36.46 -10.26
CA GLU J 108 -17.75 36.28 -11.16
C GLU J 108 -16.54 36.95 -10.55
N TYR J 109 -15.38 36.32 -10.69
CA TYR J 109 -14.20 36.81 -10.01
C TYR J 109 -13.00 36.03 -10.53
N ASP J 110 -11.86 36.70 -10.66
CA ASP J 110 -10.69 36.10 -11.27
C ASP J 110 -9.43 36.22 -10.45
N ASN J 111 -9.38 37.10 -9.46
CA ASN J 111 -8.28 37.17 -8.52
C ASN J 111 -6.96 37.46 -9.23
N ASN J 112 -6.90 38.65 -9.82
CA ASN J 112 -5.66 39.13 -10.41
C ASN J 112 -4.68 39.53 -9.31
N GLY J 113 -3.40 39.57 -9.67
CA GLY J 113 -2.38 39.91 -8.71
C GLY J 113 -1.69 41.25 -8.93
N PHE J 114 -1.57 41.66 -10.18
CA PHE J 114 -0.83 42.87 -10.52
C PHE J 114 -1.65 44.11 -10.16
N LEU J 115 -1.17 45.28 -10.55
CA LEU J 115 -1.61 46.54 -9.93
C LEU J 115 -1.84 47.58 -11.01
N LYS J 116 -3.09 47.87 -11.32
CA LYS J 116 -3.39 48.73 -12.46
C LYS J 116 -3.26 50.21 -12.11
N HIS J 117 -4.10 50.70 -11.20
CA HIS J 117 -4.03 52.11 -10.83
C HIS J 117 -3.13 52.28 -9.61
N TRP J 118 -2.69 53.52 -9.40
CA TRP J 118 -1.79 53.80 -8.31
C TRP J 118 -2.10 55.15 -7.69
N GLY J 119 -1.87 55.26 -6.39
CA GLY J 119 -1.96 56.52 -5.69
C GLY J 119 -0.61 57.21 -5.59
N GLN J 120 -0.63 58.39 -4.98
CA GLN J 120 0.59 59.18 -4.88
C GLN J 120 1.60 58.51 -3.97
N GLY J 121 1.22 58.25 -2.73
CA GLY J 121 2.12 57.69 -1.75
C GLY J 121 2.40 58.66 -0.63
N THR J 122 1.73 58.46 0.50
CA THR J 122 1.97 59.29 1.65
C THR J 122 3.35 59.00 2.20
N LEU J 123 3.80 59.83 3.13
CA LEU J 123 5.11 59.63 3.73
C LEU J 123 4.94 59.53 5.23
N VAL J 124 5.66 58.60 5.84
CA VAL J 124 5.61 58.40 7.28
C VAL J 124 7.02 58.43 7.82
N THR J 125 7.25 59.31 8.78
CA THR J 125 8.55 59.45 9.43
C THR J 125 8.43 58.96 10.87
N VAL J 126 8.98 57.79 11.13
CA VAL J 126 9.12 57.27 12.49
C VAL J 126 10.57 57.45 12.91
N SER J 127 10.77 58.21 13.98
CA SER J 127 12.11 58.62 14.37
C SER J 127 12.03 59.29 15.74
N SER J 128 13.20 59.56 16.31
CA SER J 128 13.24 60.24 17.59
C SER J 128 12.78 61.69 17.47
N ALA J 129 13.22 62.38 16.42
CA ALA J 129 12.82 63.77 16.19
C ALA J 129 13.05 64.16 14.73
N ASP K 1 37.92 9.22 -4.04
CA ASP K 1 38.07 9.97 -2.79
C ASP K 1 37.71 11.42 -2.99
N ILE K 2 37.99 12.23 -1.97
CA ILE K 2 37.95 13.68 -2.12
C ILE K 2 38.91 14.06 -3.23
N VAL K 3 38.37 14.66 -4.29
CA VAL K 3 39.12 14.76 -5.54
C VAL K 3 40.09 15.92 -5.39
N MET K 4 41.29 15.58 -4.90
CA MET K 4 42.29 16.59 -4.55
C MET K 4 42.92 17.15 -5.83
N THR K 5 42.10 17.88 -6.58
CA THR K 5 42.59 18.50 -7.80
C THR K 5 43.50 19.65 -7.43
N GLN K 6 44.64 19.32 -6.82
CA GLN K 6 45.47 20.35 -6.19
C GLN K 6 45.93 21.35 -7.24
N SER K 7 45.39 22.57 -7.14
CA SER K 7 45.71 23.64 -8.06
C SER K 7 46.45 24.73 -7.32
N PRO K 8 47.69 25.06 -7.73
CA PRO K 8 48.38 24.32 -8.81
C PRO K 8 48.94 22.99 -8.34
N ALA K 9 49.20 22.07 -9.27
CA ALA K 9 49.68 20.73 -8.94
C ALA K 9 50.95 20.82 -8.12
N THR K 10 51.99 21.38 -8.71
CA THR K 10 53.19 21.79 -7.98
C THR K 10 53.41 23.26 -8.30
N LEU K 11 53.94 24.00 -7.33
CA LEU K 11 54.12 25.43 -7.48
C LEU K 11 55.55 25.81 -7.10
N SER K 12 56.32 26.22 -8.09
CA SER K 12 57.66 26.77 -7.87
C SER K 12 57.48 28.26 -7.61
N VAL K 13 57.58 28.65 -6.34
CA VAL K 13 57.11 29.95 -5.90
C VAL K 13 58.18 30.64 -5.06
N SER K 14 57.96 31.91 -4.82
CA SER K 14 58.91 32.80 -4.14
C SER K 14 58.35 33.17 -2.78
N PRO K 15 59.11 33.86 -1.93
CA PRO K 15 58.54 34.35 -0.68
C PRO K 15 57.64 35.56 -0.91
N GLY K 16 56.50 35.56 -0.23
CA GLY K 16 55.65 36.74 -0.17
C GLY K 16 54.59 36.88 -1.23
N GLU K 17 53.73 35.87 -1.38
CA GLU K 17 52.55 36.01 -2.23
C GLU K 17 51.41 35.18 -1.64
N ARG K 18 50.19 35.60 -1.97
CA ARG K 18 49.01 34.93 -1.44
C ARG K 18 48.95 33.49 -1.92
N ALA K 19 49.06 32.55 -0.99
CA ALA K 19 48.95 31.14 -1.30
C ALA K 19 47.49 30.76 -1.44
N THR K 20 47.16 30.07 -2.52
CA THR K 20 45.79 29.61 -2.74
C THR K 20 45.86 28.23 -3.36
N LEU K 21 45.78 27.20 -2.53
CA LEU K 21 45.69 25.83 -2.99
C LEU K 21 44.23 25.45 -3.11
N SER K 22 43.87 24.82 -4.22
CA SER K 22 42.50 24.34 -4.42
C SER K 22 42.55 22.82 -4.59
N CYS K 23 42.14 22.09 -3.55
CA CYS K 23 41.93 20.65 -3.63
C CYS K 23 40.51 20.42 -3.14
N ARG K 24 39.58 20.34 -4.08
CA ARG K 24 38.16 20.28 -3.76
C ARG K 24 37.69 18.83 -3.69
N ALA K 25 36.37 18.66 -3.58
CA ALA K 25 35.80 17.35 -3.36
C ALA K 25 34.76 17.01 -4.43
N SER K 26 34.22 15.80 -4.34
CA SER K 26 33.15 15.34 -5.21
C SER K 26 31.86 15.03 -4.47
N GLU K 27 31.94 14.67 -3.19
CA GLU K 27 30.79 14.34 -2.37
C GLU K 27 30.62 15.44 -1.31
N SER K 28 29.50 15.39 -0.60
CA SER K 28 29.25 16.35 0.45
C SER K 28 30.32 16.24 1.54
N VAL K 29 31.15 17.27 1.64
CA VAL K 29 32.18 17.34 2.67
C VAL K 29 31.98 18.61 3.47
N SER K 30 31.38 18.47 4.65
CA SER K 30 30.92 19.66 5.37
C SER K 30 32.09 20.44 5.96
N SER K 31 32.66 19.96 7.05
CA SER K 31 33.59 20.77 7.83
C SER K 31 34.78 19.96 8.30
N ASP K 32 35.37 19.16 7.41
CA ASP K 32 36.49 18.33 7.78
C ASP K 32 37.52 18.24 6.67
N LEU K 33 38.59 19.03 6.80
CA LEU K 33 39.77 19.01 5.92
C LEU K 33 41.00 19.18 6.79
N ALA K 34 42.17 18.97 6.19
CA ALA K 34 43.41 19.07 6.93
C ALA K 34 44.60 19.34 6.03
N TRP K 35 45.42 20.33 6.38
CA TRP K 35 46.60 20.70 5.60
C TRP K 35 47.84 20.57 6.46
N TYR K 36 48.85 19.91 5.92
CA TYR K 36 50.13 19.72 6.59
C TYR K 36 51.24 20.05 5.61
N GLN K 37 52.48 20.10 6.12
CA GLN K 37 53.63 20.50 5.34
C GLN K 37 54.83 19.65 5.72
N GLN K 38 55.69 19.36 4.74
CA GLN K 38 56.91 18.59 4.98
C GLN K 38 58.04 19.18 4.16
N LYS K 39 59.21 19.42 4.83
CA LYS K 39 60.41 20.00 4.26
C LYS K 39 61.29 18.93 3.64
N PRO K 40 61.96 19.27 2.53
CA PRO K 40 62.82 18.28 1.84
C PRO K 40 63.82 17.62 2.77
N GLY K 41 63.67 16.32 2.99
CA GLY K 41 64.53 15.60 3.89
C GLY K 41 64.24 15.83 5.36
N GLN K 42 63.05 16.31 5.70
CA GLN K 42 62.69 16.58 7.09
C GLN K 42 61.33 15.98 7.39
N ALA K 43 60.90 16.15 8.64
CA ALA K 43 59.62 15.61 9.08
C ALA K 43 58.46 16.46 8.57
N PRO K 44 57.25 15.90 8.52
CA PRO K 44 56.07 16.71 8.23
C PRO K 44 55.63 17.52 9.44
N ARG K 45 54.98 18.64 9.17
CA ARG K 45 54.49 19.50 10.23
C ARG K 45 53.09 20.00 9.90
N LEU K 46 52.21 19.96 10.88
CA LEU K 46 50.82 20.34 10.68
C LEU K 46 50.71 21.84 10.41
N LEU K 47 49.74 22.20 9.57
CA LEU K 47 49.42 23.59 9.32
C LEU K 47 48.02 23.96 9.78
N ILE K 48 46.99 23.28 9.28
CA ILE K 48 45.61 23.71 9.49
C ILE K 48 44.73 22.50 9.73
N TYR K 49 43.96 22.55 10.82
CA TYR K 49 42.84 21.65 11.05
C TYR K 49 41.62 22.51 11.36
N GLY K 50 40.54 21.85 11.79
CA GLY K 50 39.30 22.52 12.08
C GLY K 50 38.45 22.79 10.85
N ALA K 51 39.09 23.00 9.70
CA ALA K 51 38.40 23.15 8.42
C ALA K 51 37.52 24.39 8.38
N SER K 52 37.51 25.16 9.47
CA SER K 52 36.81 26.44 9.49
C SER K 52 37.62 27.57 10.08
N THR K 53 38.62 27.29 10.91
CA THR K 53 39.46 28.30 11.53
C THR K 53 40.92 27.89 11.38
N ARG K 54 41.81 28.76 11.83
CA ARG K 54 43.21 28.41 11.88
C ARG K 54 43.43 27.31 12.91
N ALA K 55 44.49 26.54 12.72
CA ALA K 55 44.87 25.58 13.72
C ALA K 55 45.24 26.31 15.02
N THR K 56 45.19 25.58 16.12
CA THR K 56 45.50 26.13 17.43
C THR K 56 46.94 25.81 17.80
N GLY K 57 47.49 26.62 18.71
CA GLY K 57 48.87 26.44 19.13
C GLY K 57 49.87 26.48 18.01
N VAL K 58 49.52 27.11 16.89
CA VAL K 58 50.40 27.20 15.74
C VAL K 58 50.62 28.66 15.42
N PRO K 59 51.75 28.99 14.77
CA PRO K 59 51.91 30.36 14.26
C PRO K 59 50.87 30.63 13.20
N ALA K 60 49.94 31.55 13.50
CA ALA K 60 48.67 31.63 12.79
C ALA K 60 48.66 32.72 11.72
N ARG K 61 49.78 32.97 11.05
CA ARG K 61 49.72 33.77 9.84
C ARG K 61 48.79 33.13 8.82
N PHE K 62 48.82 31.80 8.75
CA PHE K 62 47.96 31.07 7.83
C PHE K 62 46.50 31.25 8.22
N SER K 63 45.62 31.06 7.23
CA SER K 63 44.19 30.88 7.47
C SER K 63 43.70 29.86 6.44
N GLY K 64 43.77 28.59 6.80
CA GLY K 64 43.37 27.54 5.87
C GLY K 64 41.88 27.23 5.97
N SER K 65 41.11 27.80 5.06
CA SER K 65 39.65 27.66 5.11
C SER K 65 39.09 28.12 3.77
N GLY K 66 37.78 28.27 3.70
CA GLY K 66 37.15 28.68 2.45
C GLY K 66 35.69 28.32 2.39
N SER K 67 35.27 27.72 1.28
CA SER K 67 33.87 27.36 1.05
C SER K 67 33.79 25.90 0.67
N GLY K 68 33.44 25.05 1.63
CA GLY K 68 33.19 23.64 1.37
C GLY K 68 34.35 22.91 0.73
N ALA K 69 34.20 22.57 -0.55
CA ALA K 69 35.26 21.90 -1.28
C ALA K 69 36.40 22.86 -1.63
N GLU K 70 36.07 24.09 -2.00
CA GLU K 70 37.08 25.09 -2.36
C GLU K 70 37.65 25.66 -1.06
N PHE K 71 38.60 24.93 -0.49
CA PHE K 71 39.31 25.37 0.70
C PHE K 71 40.72 25.77 0.30
N THR K 72 41.08 27.02 0.60
CA THR K 72 42.40 27.54 0.29
C THR K 72 43.21 27.68 1.57
N LEU K 73 44.45 27.20 1.53
CA LEU K 73 45.40 27.52 2.57
C LEU K 73 46.01 28.88 2.28
N THR K 74 45.89 29.80 3.24
CA THR K 74 46.26 31.19 3.01
C THR K 74 47.43 31.61 3.89
N ILE K 75 48.63 31.56 3.32
CA ILE K 75 49.78 32.26 3.85
C ILE K 75 50.09 33.39 2.86
N SER K 76 49.63 34.60 3.17
CA SER K 76 49.78 35.72 2.25
C SER K 76 51.24 36.06 2.00
N SER K 77 52.11 35.79 2.97
CA SER K 77 53.53 36.13 2.88
C SER K 77 54.34 34.85 3.00
N LEU K 78 54.66 34.25 1.84
CA LEU K 78 55.57 33.11 1.81
C LEU K 78 56.95 33.56 2.28
N GLN K 79 57.79 32.62 2.72
CA GLN K 79 59.08 32.97 3.29
C GLN K 79 60.13 31.99 2.79
N SER K 80 61.36 32.19 3.28
CA SER K 80 62.48 31.33 2.90
C SER K 80 62.39 29.97 3.60
N GLU K 81 61.44 29.82 4.50
CA GLU K 81 61.23 28.58 5.24
C GLU K 81 59.84 28.02 4.96
N ASP K 82 59.42 28.05 3.70
CA ASP K 82 58.23 27.32 3.27
C ASP K 82 58.45 26.65 1.92
N PHE K 83 59.68 26.35 1.57
CA PHE K 83 59.99 25.58 0.36
C PHE K 83 59.70 24.10 0.62
N ALA K 84 58.45 23.81 1.01
CA ALA K 84 58.09 22.50 1.50
C ALA K 84 56.67 22.17 1.01
N VAL K 85 56.36 20.88 0.99
CA VAL K 85 55.13 20.40 0.37
C VAL K 85 53.92 20.81 1.17
N TYR K 86 52.73 20.68 0.58
CA TYR K 86 51.47 20.97 1.25
C TYR K 86 50.49 19.84 0.99
N TYR K 87 49.61 19.58 1.95
CA TYR K 87 48.78 18.38 1.91
C TYR K 87 47.29 18.71 2.06
N CYS K 88 46.48 17.75 1.61
CA CYS K 88 45.04 17.77 1.79
C CYS K 88 44.61 16.41 2.32
N GLN K 89 43.83 16.40 3.41
CA GLN K 89 43.38 15.16 4.01
C GLN K 89 41.95 15.33 4.51
N GLN K 90 41.17 14.24 4.42
CA GLN K 90 39.79 14.20 4.89
C GLN K 90 39.59 13.03 5.84
N TYR K 91 38.68 13.21 6.80
CA TYR K 91 38.47 12.23 7.87
C TYR K 91 36.98 12.05 8.17
N ASN K 92 36.15 11.92 7.14
CA ASN K 92 34.71 11.93 7.32
C ASN K 92 34.11 10.56 7.62
N ASN K 93 34.30 9.62 6.70
CA ASN K 93 33.38 8.50 6.53
C ASN K 93 33.04 7.78 7.83
N TRP K 94 31.77 7.41 7.95
CA TRP K 94 31.32 6.51 8.98
C TRP K 94 30.37 5.52 8.32
N PRO K 95 30.49 4.21 8.61
CA PRO K 95 31.38 3.47 9.52
C PRO K 95 32.86 3.83 9.36
N PRO K 96 33.59 3.88 10.47
CA PRO K 96 34.91 4.50 10.42
C PRO K 96 35.91 3.68 9.64
N ARG K 97 36.18 4.09 8.41
CA ARG K 97 37.27 3.57 7.60
C ARG K 97 37.82 4.79 6.87
N TYR K 98 38.74 5.50 7.52
CA TYR K 98 39.05 6.87 7.12
C TYR K 98 39.85 6.85 5.83
N THR K 99 40.30 8.02 5.40
CA THR K 99 40.98 8.14 4.13
C THR K 99 42.21 9.02 4.32
N PHE K 100 42.84 9.37 3.20
CA PHE K 100 44.03 10.21 3.22
C PHE K 100 44.17 10.86 1.85
N GLY K 101 45.36 11.42 1.60
CA GLY K 101 45.63 12.03 0.32
C GLY K 101 47.06 11.94 -0.15
N GLN K 102 47.43 12.84 -1.06
CA GLN K 102 48.78 12.89 -1.62
C GLN K 102 49.38 14.27 -1.40
N GLY K 103 48.53 15.30 -1.32
CA GLY K 103 48.99 16.65 -1.14
C GLY K 103 49.58 17.25 -2.40
N THR K 104 50.18 18.42 -2.23
CA THR K 104 50.91 19.09 -3.31
C THR K 104 52.36 19.27 -2.89
N ARG K 105 53.24 19.35 -3.88
CA ARG K 105 54.68 19.41 -3.66
C ARG K 105 55.19 20.76 -4.14
N LEU K 106 55.36 21.69 -3.20
CA LEU K 106 55.87 23.01 -3.51
C LEU K 106 57.38 22.92 -3.64
N GLU K 107 57.96 23.80 -4.46
CA GLU K 107 59.40 23.82 -4.66
C GLU K 107 59.88 25.26 -4.77
N ILE K 108 61.19 25.42 -4.71
CA ILE K 108 61.84 26.73 -4.82
C ILE K 108 61.83 27.15 -6.28
N LYS K 109 62.24 28.37 -6.57
CA LYS K 109 62.47 28.81 -7.94
C LYS K 109 63.48 27.90 -8.61
N ARG K 110 63.06 27.21 -9.66
CA ARG K 110 63.95 26.31 -10.40
C ARG K 110 64.22 26.87 -11.78
N THR K 111 65.47 26.71 -12.23
CA THR K 111 65.91 27.29 -13.48
C THR K 111 66.03 26.23 -14.56
N GLU L 1 51.57 15.08 27.12
CA GLU L 1 52.72 15.44 26.31
C GLU L 1 53.69 14.27 26.20
N VAL L 2 53.47 13.43 25.19
CA VAL L 2 54.22 12.18 25.04
C VAL L 2 55.04 12.25 23.76
N GLN L 3 56.23 11.68 23.82
CA GLN L 3 57.17 11.75 22.70
C GLN L 3 56.84 10.69 21.66
N LEU L 4 57.44 10.84 20.48
CA LEU L 4 57.28 9.90 19.39
C LEU L 4 58.66 9.64 18.80
N VAL L 5 59.17 8.43 18.98
CA VAL L 5 60.43 8.01 18.36
C VAL L 5 60.15 6.75 17.53
N GLU L 6 60.86 6.63 16.42
CA GLU L 6 60.57 5.60 15.43
C GLU L 6 61.87 4.83 15.13
N SER L 7 61.82 4.02 14.08
CA SER L 7 62.93 3.12 13.77
C SER L 7 63.38 3.24 12.32
N GLY L 8 64.21 2.30 11.85
CA GLY L 8 64.81 2.40 10.54
C GLY L 8 64.31 1.41 9.52
N ALA L 9 65.23 0.83 8.75
CA ALA L 9 64.89 0.05 7.57
C ALA L 9 65.34 -1.39 7.72
N GLU L 10 64.62 -2.27 7.02
CA GLU L 10 64.88 -3.70 7.04
C GLU L 10 64.72 -4.24 5.62
N VAL L 11 65.52 -5.25 5.28
CA VAL L 11 65.52 -5.85 3.96
C VAL L 11 64.85 -7.21 4.05
N LYS L 12 63.73 -7.35 3.35
CA LYS L 12 63.03 -8.63 3.24
C LYS L 12 62.29 -8.65 1.92
N LYS L 13 62.06 -9.84 1.40
CA LYS L 13 61.24 -9.96 0.23
C LYS L 13 59.78 -9.84 0.60
N PRO L 14 58.92 -9.50 -0.37
CA PRO L 14 57.47 -9.46 -0.10
C PRO L 14 56.98 -10.75 0.54
N GLY L 15 56.28 -10.60 1.66
CA GLY L 15 55.74 -11.76 2.35
C GLY L 15 56.18 -11.87 3.80
N SER L 16 57.24 -11.15 4.15
CA SER L 16 57.84 -11.29 5.48
C SER L 16 57.02 -10.53 6.51
N SER L 17 57.51 -10.54 7.75
CA SER L 17 56.90 -9.81 8.86
C SER L 17 57.99 -9.02 9.59
N VAL L 18 57.69 -7.78 9.93
CA VAL L 18 58.64 -6.90 10.60
C VAL L 18 57.93 -6.18 11.72
N LYS L 19 58.61 -6.03 12.85
CA LYS L 19 58.10 -5.29 14.00
C LYS L 19 58.67 -3.89 14.02
N VAL L 20 57.79 -2.91 14.24
CA VAL L 20 58.14 -1.50 14.27
C VAL L 20 57.50 -0.86 15.50
N SER L 21 58.17 0.16 16.03
CA SER L 21 57.79 0.71 17.33
C SER L 21 57.92 2.22 17.32
N CYS L 22 56.79 2.92 17.27
CA CYS L 22 56.73 4.33 17.66
C CYS L 22 56.64 4.39 19.19
N LYS L 23 57.76 4.00 19.83
CA LYS L 23 57.80 3.95 21.28
C LYS L 23 57.48 5.32 21.86
N ALA L 24 56.33 5.45 22.49
CA ALA L 24 55.82 6.73 22.96
C ALA L 24 56.01 6.79 24.47
N SER L 25 56.69 7.83 24.94
CA SER L 25 56.92 8.00 26.37
C SER L 25 56.91 9.49 26.71
N GLY L 26 56.86 9.77 28.01
CA GLY L 26 57.05 11.12 28.51
C GLY L 26 56.01 11.64 29.49
N ASP L 27 54.74 11.33 29.27
CA ASP L 27 53.64 11.85 30.09
C ASP L 27 52.45 10.90 29.95
N THR L 28 51.28 11.39 30.37
CA THR L 28 50.03 10.64 30.25
C THR L 28 49.76 10.21 28.82
N PHE L 29 49.69 8.90 28.62
CA PHE L 29 49.43 8.31 27.32
C PHE L 29 47.96 8.26 26.96
N ILE L 30 47.07 8.31 27.97
CA ILE L 30 45.68 7.97 27.76
C ILE L 30 44.94 9.06 26.99
N ARG L 31 45.29 10.31 27.22
CA ARG L 31 44.53 11.44 26.69
C ARG L 31 44.71 11.63 25.21
N TYR L 32 45.32 10.70 24.48
CA TYR L 32 45.70 10.94 23.10
C TYR L 32 45.29 9.75 22.23
N SER L 33 44.91 10.08 21.00
CA SER L 33 44.70 9.09 19.95
C SER L 33 45.91 9.04 19.05
N PHE L 34 46.15 7.86 18.47
CA PHE L 34 47.38 7.58 17.73
C PHE L 34 47.03 6.93 16.40
N THR L 35 47.85 7.22 15.38
CA THR L 35 47.56 6.86 14.01
C THR L 35 48.90 6.77 13.27
N TRP L 36 48.91 6.11 12.13
CA TRP L 36 50.12 5.97 11.34
C TRP L 36 49.86 6.32 9.88
N VAL L 37 50.91 6.78 9.21
CA VAL L 37 50.86 7.09 7.79
C VAL L 37 52.26 6.96 7.22
N ARG L 38 52.34 6.43 6.00
CA ARG L 38 53.62 6.29 5.33
C ARG L 38 53.53 6.87 3.93
N GLN L 39 54.70 7.14 3.35
CA GLN L 39 54.81 7.64 2.00
C GLN L 39 56.13 7.20 1.39
N ALA L 40 56.07 6.61 0.22
CA ALA L 40 57.34 6.33 -0.45
C ALA L 40 57.85 7.59 -1.14
N PRO L 41 59.18 7.78 -1.23
CA PRO L 41 59.70 9.08 -1.69
C PRO L 41 59.32 9.41 -3.12
N GLY L 42 58.46 10.40 -3.29
CA GLY L 42 58.01 10.84 -4.59
C GLY L 42 56.63 10.39 -4.99
N GLN L 43 55.92 9.67 -4.12
CA GLN L 43 54.60 9.16 -4.45
C GLN L 43 53.60 9.56 -3.37
N GLY L 44 52.39 9.03 -3.50
CA GLY L 44 51.33 9.31 -2.56
C GLY L 44 51.66 8.82 -1.16
N LEU L 45 50.67 8.95 -0.28
CA LEU L 45 50.85 8.65 1.12
C LEU L 45 49.89 7.53 1.54
N GLU L 46 50.34 6.67 2.44
CA GLU L 46 49.55 5.55 2.92
C GLU L 46 49.23 5.76 4.39
N TRP L 47 47.99 6.12 4.69
CA TRP L 47 47.52 6.29 6.05
C TRP L 47 47.10 4.94 6.63
N MET L 48 47.56 4.63 7.83
CA MET L 48 47.28 3.32 8.41
C MET L 48 45.91 3.28 9.07
N GLY L 49 45.72 4.09 10.10
CA GLY L 49 44.49 4.04 10.87
C GLY L 49 44.74 4.40 12.31
N ARG L 50 43.64 4.65 13.02
CA ARG L 50 43.68 5.09 14.40
C ARG L 50 43.48 3.92 15.34
N ILE L 51 44.05 4.03 16.54
CA ILE L 51 43.76 3.10 17.62
C ILE L 51 43.25 3.89 18.81
N ILE L 52 41.99 3.70 19.15
CA ILE L 52 41.37 4.34 20.29
C ILE L 52 41.77 3.52 21.52
N THR L 53 42.85 3.93 22.17
CA THR L 53 43.52 3.05 23.12
C THR L 53 42.70 2.79 24.37
N ILE L 54 41.92 3.78 24.83
CA ILE L 54 41.24 3.60 26.11
C ILE L 54 40.24 2.47 26.02
N LEU L 55 39.63 2.28 24.86
CA LEU L 55 38.88 1.08 24.58
C LEU L 55 39.78 -0.03 24.05
N ASP L 56 41.02 0.30 23.68
CA ASP L 56 41.93 -0.62 23.00
C ASP L 56 41.26 -1.25 21.78
N VAL L 57 40.90 -0.39 20.84
CA VAL L 57 40.30 -0.80 19.57
C VAL L 57 40.85 0.08 18.48
N ALA L 58 41.27 -0.53 17.38
CA ALA L 58 41.91 0.16 16.29
C ALA L 58 41.09 0.00 15.01
N HIS L 59 41.66 0.48 13.91
CA HIS L 59 41.12 0.23 12.58
C HIS L 59 42.29 0.11 11.62
N TYR L 60 42.00 0.03 10.33
CA TYR L 60 43.06 -0.16 9.35
C TYR L 60 42.63 0.48 8.04
N ALA L 61 43.30 0.10 6.95
CA ALA L 61 43.09 0.55 5.58
C ALA L 61 42.35 -0.52 4.78
N PRO L 62 41.44 -0.11 3.90
CA PRO L 62 40.66 -1.09 3.11
C PRO L 62 41.53 -2.03 2.31
N HIS L 63 42.42 -1.45 1.49
CA HIS L 63 43.31 -2.24 0.65
C HIS L 63 44.69 -2.44 1.27
N LEU L 64 44.75 -2.52 2.60
CA LEU L 64 45.89 -3.08 3.30
C LEU L 64 45.48 -4.09 4.36
N GLN L 65 44.19 -4.14 4.72
CA GLN L 65 43.72 -5.04 5.76
C GLN L 65 43.93 -6.49 5.34
N GLY L 66 44.48 -7.29 6.26
CA GLY L 66 44.75 -8.68 6.01
C GLY L 66 46.16 -9.07 6.39
N ARG L 67 47.05 -8.07 6.48
CA ARG L 67 48.45 -8.36 6.78
C ARG L 67 49.08 -7.36 7.74
N VAL L 68 48.28 -6.70 8.57
CA VAL L 68 48.77 -5.64 9.46
C VAL L 68 48.29 -5.91 10.88
N THR L 69 49.03 -5.36 11.85
CA THR L 69 48.60 -5.40 13.24
C THR L 69 49.15 -4.18 13.95
N ILE L 70 48.28 -3.38 14.56
CA ILE L 70 48.70 -2.27 15.40
C ILE L 70 48.20 -2.53 16.82
N THR L 71 49.07 -2.35 17.80
CA THR L 71 48.76 -2.65 19.18
C THR L 71 49.19 -1.48 20.05
N ALA L 72 48.35 -1.13 21.03
CA ALA L 72 48.63 -0.08 21.99
C ALA L 72 48.55 -0.73 23.38
N ASP L 73 49.70 -0.93 24.00
CA ASP L 73 49.79 -1.62 25.28
C ASP L 73 49.59 -0.60 26.39
N LYS L 74 48.36 -0.49 26.88
CA LYS L 74 48.08 0.43 27.99
C LYS L 74 48.90 0.08 29.22
N SER L 75 49.15 -1.21 29.45
CA SER L 75 49.88 -1.64 30.65
C SER L 75 51.26 -0.99 30.69
N THR L 76 52.11 -1.34 29.72
CA THR L 76 53.35 -0.59 29.52
C THR L 76 53.10 0.74 28.83
N SER L 77 51.90 0.96 28.30
CA SER L 77 51.51 2.22 27.68
C SER L 77 52.38 2.55 26.48
N THR L 78 52.81 1.52 25.76
CA THR L 78 53.66 1.64 24.59
C THR L 78 52.86 1.30 23.34
N VAL L 79 53.54 1.26 22.21
CA VAL L 79 52.91 0.96 20.93
C VAL L 79 53.79 -0.05 20.19
N TYR L 80 53.15 -0.98 19.50
CA TYR L 80 53.83 -1.94 18.65
C TYR L 80 53.07 -2.06 17.33
N LEU L 81 53.78 -2.47 16.29
CA LEU L 81 53.12 -2.72 15.02
C LEU L 81 53.84 -3.87 14.33
N GLU L 82 53.06 -4.84 13.86
CA GLU L 82 53.59 -6.02 13.20
C GLU L 82 53.07 -6.03 11.77
N LEU L 83 53.97 -5.96 10.81
CA LEU L 83 53.62 -5.94 9.40
C LEU L 83 53.93 -7.28 8.76
N ARG L 84 53.06 -7.71 7.86
CA ARG L 84 53.20 -8.99 7.20
C ARG L 84 52.87 -8.86 5.72
N ASN L 85 53.30 -9.87 4.96
CA ASN L 85 52.97 -10.01 3.54
C ASN L 85 53.22 -8.71 2.77
N LEU L 86 54.47 -8.26 2.80
CA LEU L 86 54.80 -6.97 2.24
C LEU L 86 54.83 -7.07 0.71
N ARG L 87 55.14 -5.95 0.05
CA ARG L 87 55.27 -5.90 -1.40
C ARG L 87 56.39 -4.94 -1.76
N SER L 88 57.16 -5.31 -2.78
CA SER L 88 58.46 -4.69 -3.03
C SER L 88 58.36 -3.19 -3.27
N ASP L 89 57.34 -2.76 -3.99
CA ASP L 89 57.23 -1.36 -4.36
C ASP L 89 57.01 -0.43 -3.17
N ASP L 90 56.88 -0.96 -1.95
CA ASP L 90 56.41 -0.19 -0.81
C ASP L 90 57.55 0.28 0.10
N THR L 91 58.72 0.56 -0.46
CA THR L 91 59.76 1.13 0.37
C THR L 91 59.42 2.56 0.71
N ALA L 92 58.96 2.81 1.93
CA ALA L 92 58.35 4.10 2.26
C ALA L 92 58.80 4.58 3.63
N VAL L 93 58.85 5.90 3.78
CA VAL L 93 59.11 6.53 5.07
C VAL L 93 57.83 6.49 5.88
N TYR L 94 57.96 6.21 7.18
CA TYR L 94 56.80 6.05 8.04
C TYR L 94 56.70 7.18 9.04
N PHE L 95 55.51 7.34 9.60
CA PHE L 95 55.26 8.34 10.62
C PHE L 95 54.11 7.91 11.52
N CYS L 96 54.22 8.27 12.79
CA CYS L 96 53.18 8.06 13.80
C CYS L 96 52.71 9.42 14.31
N ALA L 97 51.41 9.68 14.17
CA ALA L 97 50.79 10.93 14.58
C ALA L 97 49.83 10.69 15.73
N GLY L 98 49.38 11.76 16.35
CA GLY L 98 48.47 11.68 17.47
C GLY L 98 47.76 12.99 17.71
N VAL L 99 46.72 12.94 18.52
CA VAL L 99 45.92 14.13 18.87
C VAL L 99 45.48 14.02 20.32
N TYR L 100 45.52 15.16 21.01
CA TYR L 100 44.94 15.25 22.35
C TYR L 100 43.44 14.99 22.28
N GLU L 101 42.97 14.05 23.11
CA GLU L 101 41.61 13.55 23.02
C GLU L 101 40.71 14.10 24.13
N GLY L 102 41.08 13.91 25.38
CA GLY L 102 40.23 14.39 26.44
C GLY L 102 40.04 13.40 27.57
N GLU L 103 39.22 13.77 28.54
CA GLU L 103 39.12 13.04 29.81
C GLU L 103 38.37 11.73 29.59
N ALA L 104 39.08 10.78 28.97
CA ALA L 104 38.50 9.46 28.76
C ALA L 104 38.19 8.79 30.09
N ASP L 105 39.17 8.75 30.99
CA ASP L 105 38.92 8.24 32.33
C ASP L 105 37.76 8.95 33.00
N GLU L 106 37.38 10.11 32.50
CA GLU L 106 36.16 10.78 32.92
C GLU L 106 35.07 10.68 31.89
N GLY L 107 35.33 10.05 30.74
CA GLY L 107 34.31 9.73 29.77
C GLY L 107 34.30 10.63 28.55
N GLU L 108 34.68 11.90 28.71
CA GLU L 108 34.67 12.82 27.59
C GLU L 108 35.69 12.37 26.56
N TYR L 109 35.26 12.26 25.30
CA TYR L 109 36.16 11.81 24.25
C TYR L 109 35.63 12.36 22.93
N ASP L 110 36.27 13.44 22.46
CA ASP L 110 35.79 14.15 21.27
C ASP L 110 35.82 13.25 20.03
N ASN L 111 36.90 12.51 19.84
CA ASN L 111 37.09 11.64 18.67
C ASN L 111 37.11 12.45 17.37
N ASN L 112 38.10 13.34 17.26
CA ASN L 112 38.30 14.10 16.04
C ASN L 112 38.99 13.25 14.98
N GLY L 113 39.41 13.90 13.89
CA GLY L 113 39.93 13.18 12.75
C GLY L 113 41.17 13.73 12.08
N PHE L 114 41.69 14.85 12.56
CA PHE L 114 42.94 15.37 12.02
C PHE L 114 44.13 14.70 12.70
N LEU L 115 45.34 15.11 12.32
CA LEU L 115 46.57 14.48 12.78
C LEU L 115 47.49 15.55 13.35
N LYS L 116 47.38 15.80 14.66
CA LYS L 116 48.09 16.92 15.26
C LYS L 116 49.60 16.79 15.08
N HIS L 117 50.19 15.76 15.67
CA HIS L 117 51.63 15.65 15.68
C HIS L 117 52.10 14.83 14.48
N TRP L 118 53.40 14.58 14.42
CA TRP L 118 53.98 13.81 13.33
C TRP L 118 55.20 13.06 13.85
N GLY L 119 55.44 11.90 13.24
CA GLY L 119 56.55 11.04 13.62
C GLY L 119 57.86 11.53 13.04
N GLN L 120 58.86 10.65 13.13
CA GLN L 120 60.22 10.95 12.69
C GLN L 120 60.52 10.36 11.32
N GLY L 121 60.40 9.04 11.18
CA GLY L 121 60.69 8.40 9.92
C GLY L 121 61.05 6.94 10.09
N THR L 122 60.52 6.09 9.21
CA THR L 122 60.80 4.68 9.27
C THR L 122 60.67 4.10 7.87
N LEU L 123 61.62 3.29 7.46
CA LEU L 123 61.71 2.79 6.10
C LEU L 123 61.52 1.28 6.10
N VAL L 124 60.86 0.78 5.07
CA VAL L 124 60.69 -0.67 4.88
C VAL L 124 61.18 -1.01 3.48
N THR L 125 62.46 -1.36 3.37
CA THR L 125 63.04 -1.76 2.09
C THR L 125 62.54 -3.16 1.77
N VAL L 126 61.44 -3.26 1.05
CA VAL L 126 60.83 -4.57 0.80
C VAL L 126 61.58 -5.15 -0.39
N SER L 127 62.70 -5.78 -0.09
CA SER L 127 63.63 -6.30 -1.09
C SER L 127 64.73 -7.06 -0.37
N SER L 128 65.68 -7.58 -1.14
CA SER L 128 66.90 -8.17 -0.59
C SER L 128 68.13 -7.43 -1.10
N ALA L 129 67.99 -6.13 -1.34
CA ALA L 129 69.09 -5.31 -1.83
C ALA L 129 69.31 -4.09 -0.94
C1 NAG M . 30.98 17.46 42.54
C2 NAG M . 32.36 16.86 42.39
C3 NAG M . 33.10 16.87 43.72
C4 NAG M . 33.10 18.27 44.31
C5 NAG M . 31.69 18.86 44.31
C6 NAG M . 31.66 20.32 44.70
C7 NAG M . 33.27 14.94 41.16
C8 NAG M . 33.03 13.54 40.70
N2 NAG M . 32.28 15.50 41.87
O3 NAG M . 34.43 16.43 43.51
O4 NAG M . 33.54 18.21 45.66
O5 NAG M . 31.10 18.77 43.02
O6 NAG M . 30.86 21.07 43.79
O7 NAG M . 34.31 15.54 40.91
C1 NAG M . 34.94 18.49 45.80
C2 NAG M . 35.17 18.78 47.28
C3 NAG M . 36.65 19.05 47.55
C4 NAG M . 37.49 17.89 47.02
C5 NAG M . 37.17 17.63 45.55
C6 NAG M . 37.88 16.42 45.01
C7 NAG M . 34.42 21.13 47.29
C8 NAG M . 33.48 22.11 47.90
N2 NAG M . 34.35 19.88 47.76
O3 NAG M . 36.85 19.20 48.95
O4 NAG M . 38.87 18.20 47.15
O5 NAG M . 35.76 17.40 45.40
O6 NAG M . 38.68 15.81 46.02
O7 NAG M . 35.22 21.45 46.41
C1 NAG N . 9.66 14.35 30.97
C2 NAG N . 10.88 14.16 30.07
C3 NAG N . 11.23 15.47 29.38
C4 NAG N . 10.03 15.96 28.60
C5 NAG N . 8.84 16.10 29.55
C6 NAG N . 7.59 16.54 28.81
C7 NAG N . 13.19 13.46 30.34
C8 NAG N . 14.30 13.25 31.32
N2 NAG N . 11.98 13.65 30.86
O3 NAG N . 12.34 15.25 28.50
O4 NAG N . 10.31 17.24 28.02
O5 NAG N . 8.58 14.85 30.18
O6 NAG N . 7.11 15.46 28.01
O7 NAG N . 13.38 13.45 29.14
C1 NAG N . 10.51 17.09 26.61
C2 NAG N . 9.79 18.20 25.85
C3 NAG N . 9.99 18.02 24.35
C4 NAG N . 11.48 18.02 24.04
C5 NAG N . 12.14 16.91 24.86
C6 NAG N . 13.64 16.87 24.61
C7 NAG N . 7.51 17.47 25.51
C8 NAG N . 6.49 18.18 24.69
N2 NAG N . 8.38 18.24 26.15
O3 NAG N . 9.29 19.09 23.68
O4 NAG N . 11.71 17.72 22.66
O5 NAG N . 11.90 17.11 26.26
O6 NAG N . 14.20 15.74 25.29
O7 NAG N . 7.55 16.24 25.60
C1 BMA N . 11.97 18.92 21.90
C2 BMA N . 12.63 18.52 20.59
C3 BMA N . 12.87 19.78 19.75
C4 BMA N . 11.53 20.45 19.48
C5 BMA N . 10.91 20.77 20.83
C6 BMA N . 9.56 21.45 20.67
O2 BMA N . 11.76 17.56 19.98
O3 BMA N . 13.67 19.53 18.57
O4 BMA N . 11.71 21.70 18.80
O5 BMA N . 10.74 19.57 21.59
O6 BMA N . 8.68 20.58 19.96
C1 MAN N . 12.94 19.08 17.41
C2 MAN N . 13.31 17.64 17.09
C3 MAN N . 14.78 17.60 16.68
C4 MAN N . 14.95 18.50 15.47
C5 MAN N . 14.50 19.91 15.84
C6 MAN N . 14.65 20.85 14.65
O2 MAN N . 12.50 17.15 16.03
O3 MAN N . 15.16 16.26 16.35
O4 MAN N . 16.32 18.52 15.06
O5 MAN N . 13.14 19.88 16.25
O6 MAN N . 14.88 22.19 15.10
C1 MAN N . 16.29 22.55 15.05
C2 MAN N . 17.10 22.39 13.78
C3 MAN N . 17.95 21.13 13.91
C4 MAN N . 18.78 21.25 15.18
C5 MAN N . 17.87 21.46 16.39
C6 MAN N . 18.68 21.57 17.68
O2 MAN N . 17.95 23.53 13.60
O3 MAN N . 18.81 21.00 12.78
O4 MAN N . 19.54 20.05 15.37
O5 MAN N . 17.09 22.64 16.21
O6 MAN N . 19.58 20.46 17.77
C1 NAG O . -51.49 8.75 -3.13
C2 NAG O . -51.99 9.82 -2.21
C3 NAG O . -52.62 9.20 -0.98
C4 NAG O . -53.67 8.16 -1.36
C5 NAG O . -53.12 7.20 -2.42
C6 NAG O . -54.17 6.29 -3.01
C7 NAG O . -50.74 11.93 -2.33
C8 NAG O . -51.77 12.35 -3.35
N2 NAG O . -50.90 10.71 -1.82
O3 NAG O . -53.23 10.23 -0.20
O4 NAG O . -53.98 7.40 -0.20
O5 NAG O . -52.54 7.93 -3.52
O6 NAG O . -54.05 6.24 -4.43
O7 NAG O . -49.82 12.66 -2.00
C1 NAG O . -55.37 7.37 0.20
C2 NAG O . -55.74 8.72 0.84
C3 NAG O . -57.21 8.70 1.28
C4 NAG O . -58.10 8.32 0.11
C5 NAG O . -57.64 7.02 -0.53
C6 NAG O . -58.40 6.66 -1.77
C7 NAG O . -54.75 10.25 2.48
C8 NAG O . -53.81 10.39 3.63
N2 NAG O . -54.88 9.02 1.97
O3 NAG O . -57.58 9.98 1.78
O4 NAG O . -59.44 8.16 0.56
O5 NAG O . -56.25 7.12 -0.92
O6 NAG O . -59.48 7.57 -2.00
O7 NAG O . -55.39 11.21 2.04
C1 NAG P . -24.15 12.82 -16.26
C2 NAG P . -23.21 13.88 -15.73
C3 NAG P . -22.23 14.30 -16.81
C4 NAG P . -21.51 13.08 -17.36
C5 NAG P . -22.50 12.00 -17.76
C6 NAG P . -21.83 10.69 -18.10
C7 NAG P . -23.44 15.94 -14.44
C8 NAG P . -24.36 17.05 -14.04
N2 NAG P . -23.96 15.02 -15.25
O3 NAG P . -21.29 15.19 -16.24
O4 NAG P . -20.79 13.47 -18.53
O5 NAG P . -23.41 11.72 -16.67
O6 NAG P . -20.59 10.57 -17.40
O7 NAG P . -22.29 15.89 -14.05
C1 NAG P . -19.36 13.40 -18.35
C2 NAG P . -18.74 13.08 -19.68
C3 NAG P . -17.23 12.96 -19.53
C4 NAG P . -16.67 14.24 -18.92
C5 NAG P . -17.44 14.64 -17.66
C6 NAG P . -17.09 16.03 -17.20
C7 NAG P . -19.99 11.86 -21.40
C8 NAG P . -20.18 13.20 -22.05
N2 NAG P . -19.29 11.86 -20.26
O3 NAG P . -16.65 12.74 -20.80
O4 NAG P . -15.32 13.98 -18.53
O5 NAG P . -18.86 14.63 -17.88
O6 NAG P . -18.07 16.95 -17.65
O7 NAG P . -20.45 10.83 -21.88
C1 BMA P . -14.35 14.61 -19.37
C2 BMA P . -13.07 14.75 -18.53
C3 BMA P . -11.91 15.16 -19.38
C4 BMA P . -11.81 14.27 -20.57
C5 BMA P . -13.10 14.36 -21.35
C6 BMA P . -13.05 13.51 -22.58
O2 BMA P . -12.72 13.49 -18.03
O3 BMA P . -10.68 15.11 -18.66
O4 BMA P . -10.76 14.67 -21.40
O5 BMA P . -14.12 13.85 -20.52
O6 BMA P . -11.93 12.67 -22.44
C1 MAN P . -10.09 16.41 -18.80
C2 MAN P . -8.56 16.32 -18.53
C3 MAN P . -8.33 16.13 -17.10
C4 MAN P . -8.89 17.33 -16.43
C5 MAN P . -10.38 17.23 -16.53
C6 MAN P . -11.06 18.36 -15.84
O2 MAN P . -7.97 17.59 -18.71
O3 MAN P . -6.96 16.04 -16.81
O4 MAN P . -8.49 17.36 -15.09
O5 MAN P . -10.75 17.30 -17.91
O6 MAN P . -10.27 18.73 -14.72
C1 MAN P . -7.12 17.60 -19.87
C2 MAN P . -5.84 18.36 -19.47
C3 MAN P . -6.18 19.79 -19.18
C4 MAN P . -6.99 20.37 -20.31
C5 MAN P . -8.24 19.52 -20.46
C6 MAN P . -9.18 20.04 -21.48
O2 MAN P . -4.96 18.44 -20.57
O3 MAN P . -5.02 20.55 -18.99
O4 MAN P . -7.36 21.67 -19.98
O5 MAN P . -7.80 18.25 -20.86
O6 MAN P . -9.13 21.44 -21.43
C1 MAN P . -11.72 11.90 -23.63
C2 MAN P . -12.86 10.84 -23.72
C3 MAN P . -12.63 9.67 -22.74
C4 MAN P . -11.16 9.21 -22.71
C5 MAN P . -10.27 10.41 -22.48
C6 MAN P . -8.80 10.05 -22.38
O2 MAN P . -12.94 10.27 -25.02
O3 MAN P . -13.48 8.57 -23.03
O4 MAN P . -10.95 8.29 -21.65
O5 MAN P . -10.45 11.30 -23.59
O6 MAN P . -8.67 9.05 -21.39
C1 NAG Q . -52.81 19.29 3.59
C2 NAG Q . -52.82 19.82 5.02
C3 NAG Q . -54.22 20.27 5.43
C4 NAG Q . -54.78 21.25 4.40
C5 NAG Q . -54.72 20.62 3.02
C6 NAG Q . -55.17 21.57 1.95
C7 NAG Q . -52.64 17.67 6.36
C8 NAG Q . -53.85 17.09 5.67
N2 NAG Q . -52.24 18.91 6.01
O3 NAG Q . -54.16 20.88 6.71
O4 NAG Q . -56.13 21.57 4.70
O5 NAG Q . -53.37 20.26 2.70
O6 NAG Q . -54.16 22.53 1.68
O7 NAG Q . -52.05 17.04 7.22
C1 NAG Q . -56.17 22.85 5.35
C2 NAG Q . -57.47 23.53 4.95
C3 NAG Q . -57.62 24.86 5.70
C4 NAG Q . -57.46 24.65 7.19
C5 NAG Q . -56.14 23.93 7.48
C6 NAG Q . -55.95 23.59 8.93
C7 NAG Q . -58.32 23.05 2.71
C8 NAG Q . -58.26 23.40 1.25
N2 NAG Q . -57.53 23.75 3.52
O3 NAG Q . -58.91 25.40 5.43
O4 NAG Q . -57.46 25.90 7.86
O5 NAG Q . -56.11 22.69 6.75
O6 NAG Q . -57.15 23.81 9.66
O7 NAG Q . -59.05 22.16 3.13
C1 NAG R . -32.61 35.35 -18.58
C2 NAG R . -32.26 36.71 -18.01
C3 NAG R . -33.44 37.67 -18.19
C4 NAG R . -33.89 37.72 -19.64
C5 NAG R . -34.08 36.31 -20.19
C6 NAG R . -34.29 36.29 -21.68
C7 NAG R . -30.74 37.12 -16.16
C8 NAG R . -30.50 36.97 -14.68
N2 NAG R . -31.89 36.62 -16.62
O3 NAG R . -33.03 38.96 -17.75
O4 NAG R . -35.16 38.34 -19.71
O5 NAG R . -32.93 35.49 -19.93
O6 NAG R . -33.24 35.58 -22.33
O7 NAG R . -29.92 37.68 -16.89
C1 NAG R . -35.15 39.78 -19.76
C2 NAG R . -36.24 40.20 -20.75
C3 NAG R . -36.38 41.72 -20.77
C4 NAG R . -36.63 42.24 -19.36
C5 NAG R . -35.50 41.79 -18.45
C6 NAG R . -35.69 42.19 -17.02
C7 NAG R . -34.97 40.04 -22.86
C8 NAG R . -34.91 39.39 -24.20
N2 NAG R . -36.00 39.68 -22.08
O3 NAG R . -37.44 42.09 -21.63
O4 NAG R . -36.69 43.66 -19.35
O5 NAG R . -35.42 40.35 -18.47
O6 NAG R . -36.87 42.97 -16.85
O7 NAG R . -34.11 40.84 -22.49
C1 NAG S . 17.53 -21.94 -17.28
C2 NAG S . 16.76 -20.98 -18.19
C3 NAG S . 17.71 -20.07 -18.95
C4 NAG S . 18.56 -19.30 -17.96
C5 NAG S . 19.28 -20.29 -17.06
C6 NAG S . 20.04 -19.54 -16.00
C7 NAG S . 16.36 -21.98 -20.35
C8 NAG S . 15.31 -22.01 -21.42
N2 NAG S . 15.91 -21.69 -19.13
O3 NAG S . 16.95 -19.17 -19.76
O4 NAG S . 19.54 -18.52 -18.67
O5 NAG S . 18.34 -21.14 -16.40
O6 NAG S . 19.19 -18.53 -15.43
O7 NAG S . 17.52 -22.22 -20.58
C1 NAG S . 19.32 -17.11 -18.52
C2 NAG S . 20.68 -16.39 -18.39
C3 NAG S . 20.47 -14.90 -18.20
C4 NAG S . 19.69 -14.36 -19.39
C5 NAG S . 18.37 -15.13 -19.49
C6 NAG S . 17.57 -14.65 -20.68
C7 NAG S . 22.59 -17.58 -17.54
C8 NAG S . 23.34 -18.07 -16.33
N2 NAG S . 21.46 -16.92 -17.29
O3 NAG S . 21.74 -14.26 -18.10
O4 NAG S . 19.42 -12.96 -19.23
O5 NAG S . 18.62 -16.52 -19.62
O6 NAG S . 18.24 -15.03 -21.89
O7 NAG S . 23.00 -17.76 -18.67
C1 BMA S . 20.30 -12.21 -20.11
C2 BMA S . 20.00 -10.71 -20.12
C3 BMA S . 20.88 -10.00 -21.15
C4 BMA S . 22.32 -10.31 -20.79
C5 BMA S . 22.56 -11.81 -20.76
C6 BMA S . 24.02 -12.00 -20.35
O2 BMA S . 20.25 -10.16 -18.82
O3 BMA S . 20.75 -8.58 -21.09
O4 BMA S . 23.19 -9.70 -21.75
O5 BMA S . 21.68 -12.39 -19.80
O6 BMA S . 24.37 -13.38 -20.17
C1 MAN S . 20.40 -8.06 -22.42
C2 MAN S . 19.92 -6.61 -22.50
C3 MAN S . 18.44 -6.55 -22.16
C4 MAN S . 17.71 -7.42 -23.16
C5 MAN S . 18.25 -8.84 -23.06
C6 MAN S . 17.54 -9.74 -24.07
O2 MAN S . 20.02 -6.17 -23.86
O3 MAN S . 17.99 -5.20 -22.25
O4 MAN S . 16.31 -7.40 -22.90
O5 MAN S . 19.65 -8.82 -23.37
O6 MAN S . 16.19 -9.29 -24.24
C1 MAN S . 21.15 -5.30 -24.01
C2 MAN S . 20.74 -4.14 -24.91
C3 MAN S . 20.29 -4.69 -26.25
C4 MAN S . 21.44 -5.46 -26.86
C5 MAN S . 21.84 -6.57 -25.89
C6 MAN S . 22.97 -7.42 -26.44
O2 MAN S . 21.85 -3.26 -25.11
O3 MAN S . 19.91 -3.62 -27.12
O4 MAN S . 21.06 -6.02 -28.11
O5 MAN S . 22.23 -6.00 -24.65
O6 MAN S . 23.20 -8.54 -25.58
C1 MAN S . 24.82 -13.65 -18.82
C2 MAN S . 24.55 -12.67 -17.67
C3 MAN S . 25.78 -11.80 -17.45
C4 MAN S . 26.98 -12.72 -17.23
C5 MAN S . 27.13 -13.69 -18.41
C6 MAN S . 28.31 -14.63 -18.16
O2 MAN S . 24.27 -13.40 -16.47
O3 MAN S . 25.52 -11.07 -16.26
O4 MAN S . 28.17 -11.94 -17.09
O5 MAN S . 25.95 -14.47 -18.57
O6 MAN S . 28.34 -15.63 -19.19
C1 MAN S . 25.97 -9.70 -16.28
C2 MAN S . 25.51 -9.08 -14.97
C3 MAN S . 23.99 -9.07 -14.92
C4 MAN S . 23.48 -8.25 -16.10
C5 MAN S . 24.01 -8.90 -17.38
C6 MAN S . 23.57 -8.05 -18.57
O2 MAN S . 25.99 -7.73 -14.87
O3 MAN S . 23.53 -8.48 -13.70
O4 MAN S . 22.06 -8.27 -16.13
O5 MAN S . 25.43 -8.91 -17.34
O6 MAN S . 22.15 -7.96 -18.59
C1 NAG T . -2.00 -51.24 -21.45
C2 NAG T . -3.29 -51.25 -22.28
C3 NAG T . -3.71 -52.68 -22.64
C4 NAG T . -2.54 -53.46 -23.22
C5 NAG T . -1.35 -53.37 -22.28
C6 NAG T . -0.14 -54.09 -22.80
C7 NAG T . -4.86 -50.96 -20.41
C8 NAG T . -5.97 -50.13 -19.85
N2 NAG T . -4.37 -50.57 -21.59
O3 NAG T . -4.78 -52.61 -23.56
O4 NAG T . -2.87 -54.84 -23.35
O5 NAG T . -1.00 -52.00 -22.11
O6 NAG T . 0.63 -53.22 -23.62
O7 NAG T . -4.43 -51.95 -19.82
C1 NAG T . -3.41 -55.09 -24.65
C2 NAG T . -2.77 -56.33 -25.25
C3 NAG T . -3.40 -56.64 -26.61
C4 NAG T . -4.90 -56.76 -26.47
C5 NAG T . -5.48 -55.52 -25.81
C6 NAG T . -6.96 -55.64 -25.51
C7 NAG T . -0.48 -57.18 -25.45
C8 NAG T . 0.97 -56.82 -25.59
N2 NAG T . -1.33 -56.16 -25.39
O3 NAG T . -2.86 -57.86 -27.11
O4 NAG T . -5.48 -56.92 -27.77
O5 NAG T . -4.82 -55.29 -24.55
O6 NAG T . -7.43 -56.96 -25.75
O7 NAG T . -0.85 -58.34 -25.38
C1 NAG U . 31.21 -43.96 -25.53
C2 NAG U . 32.54 -44.30 -24.89
C3 NAG U . 33.11 -45.60 -25.45
C4 NAG U . 32.06 -46.71 -25.44
C5 NAG U . 30.75 -46.21 -26.06
C6 NAG U . 29.63 -47.22 -25.95
C7 NAG U . 33.60 -42.22 -24.18
C8 NAG U . 34.63 -41.17 -24.50
N2 NAG U . 33.48 -43.21 -25.06
O3 NAG U . 34.21 -45.95 -24.63
O4 NAG U . 32.45 -47.88 -26.16
O5 NAG U . 30.31 -45.03 -25.38
O6 NAG U . 28.96 -47.39 -27.19
O7 NAG U . 32.91 -42.15 -23.17
C1 NAG U . 33.78 -47.91 -26.73
C2 NAG U . 34.14 -49.37 -26.98
C3 NAG U . 35.53 -49.47 -27.60
C4 NAG U . 35.63 -48.59 -28.84
C5 NAG U . 35.17 -47.17 -28.52
C6 NAG U . 35.13 -46.27 -29.73
C7 NAG U . 33.04 -50.95 -25.46
C8 NAG U . 33.14 -51.68 -24.15
N2 NAG U . 34.08 -50.15 -25.76
O3 NAG U . 35.80 -50.82 -27.93
O4 NAG U . 36.98 -48.55 -29.30
O5 NAG U . 33.86 -47.18 -27.96
O6 NAG U . 33.81 -46.11 -30.21
O7 NAG U . 32.08 -51.07 -26.21
C1 NAG V . 20.96 -32.37 -38.86
C2 NAG V . 20.57 -31.88 -40.23
C3 NAG V . 20.45 -33.04 -41.19
C4 NAG V . 21.71 -33.88 -41.17
C5 NAG V . 22.11 -34.21 -39.73
C6 NAG V . 23.45 -34.88 -39.63
C7 NAG V . 18.16 -31.63 -39.77
C8 NAG V . 17.00 -30.69 -39.79
N2 NAG V . 19.33 -31.12 -40.18
O3 NAG V . 20.20 -32.52 -42.48
O4 NAG V . 21.48 -35.14 -41.81
O5 NAG V . 22.19 -33.02 -38.94
O6 NAG V . 23.71 -35.63 -40.81
O7 NAG V . 18.05 -32.79 -39.39
C1 NAG V . 21.47 -35.09 -43.24
C2 NAG V . 22.63 -35.94 -43.78
C3 NAG V . 22.57 -36.02 -45.31
C4 NAG V . 21.19 -36.49 -45.76
C5 NAG V . 20.12 -35.57 -45.19
C6 NAG V . 18.72 -36.01 -45.54
C7 NAG V . 25.03 -36.13 -43.37
C8 NAG V . 26.27 -35.43 -42.90
N2 NAG V . 23.91 -35.41 -43.36
O3 NAG V . 23.56 -36.92 -45.78
O4 NAG V . 21.10 -36.50 -47.18
O5 NAG V . 20.22 -35.58 -43.75
O6 NAG V . 18.74 -37.03 -46.53
O7 NAG V . 25.05 -37.31 -43.74
C1 NAG W . 3.97 -4.47 55.12
C2 NAG W . 5.08 -3.99 56.03
C3 NAG W . 5.85 -5.18 56.59
C4 NAG W . 4.90 -6.16 57.26
C5 NAG W . 3.79 -6.54 56.29
C6 NAG W . 2.72 -7.41 56.94
C7 NAG W . 6.00 -1.77 55.55
C8 NAG W . 5.04 -1.25 56.58
N2 NAG W . 5.97 -3.09 55.32
O3 NAG W . 6.80 -4.72 57.54
O4 NAG W . 5.59 -7.33 57.67
O5 NAG W . 3.13 -5.38 55.82
O6 NAG W . 1.53 -6.67 57.13
O7 NAG W . 6.75 -1.02 54.94
C1 NAG X . 14.88 -9.35 56.65
C2 NAG X . 15.32 -10.81 56.38
C3 NAG X . 15.59 -11.57 57.69
C4 NAG X . 16.55 -10.78 58.56
C5 NAG X . 16.00 -9.38 58.79
C6 NAG X . 16.92 -8.52 59.62
C7 NAG X . 13.10 -11.86 55.74
C8 NAG X . 12.47 -11.41 57.03
N2 NAG X . 14.39 -11.55 55.52
O3 NAG X . 16.15 -12.84 57.38
O4 NAG X . 16.72 -11.44 59.82
O5 NAG X . 15.85 -8.72 57.53
O6 NAG X . 18.04 -8.09 58.86
O7 NAG X . 12.46 -12.50 54.91
C1 NAG Y . 12.87 26.01 34.16
C2 NAG Y . 11.65 26.73 33.52
C3 NAG Y . 10.88 27.56 34.54
C4 NAG Y . 10.60 26.78 35.81
C5 NAG Y . 11.91 26.26 36.36
C6 NAG Y . 11.76 25.49 37.65
C7 NAG Y . 12.56 27.14 31.26
C8 NAG Y . 12.93 28.20 30.26
N2 NAG Y . 12.07 27.58 32.42
O3 NAG Y . 9.64 27.97 33.97
O4 NAG Y . 9.98 27.61 36.79
O5 NAG Y . 12.48 25.36 35.39
O6 NAG Y . 11.17 26.30 38.66
O7 NAG Y . 12.71 25.94 31.02
C1 NAG Z . 18.16 27.83 36.63
C2 NAG Z . 17.92 28.95 35.62
C3 NAG Z . 18.95 30.06 35.82
C4 NAG Z . 18.93 30.55 37.26
C5 NAG Z . 19.13 29.37 38.21
C6 NAG Z . 19.01 29.77 39.66
C7 NAG Z . 16.87 28.21 33.53
C8 NAG Z . 17.10 27.70 32.15
N2 NAG Z . 17.96 28.45 34.26
O3 NAG Z . 18.65 31.14 34.94
O4 NAG Z . 19.97 31.50 37.46
O5 NAG Z . 18.12 28.38 37.97
O6 NAG Z . 19.70 30.99 39.93
O7 NAG Z . 15.75 28.40 33.98
C1 NAG AA . 16.57 23.58 55.40
C2 NAG AA . 15.31 24.11 56.09
C3 NAG AA . 15.48 24.18 57.62
C4 NAG AA . 16.00 22.86 58.15
C5 NAG AA . 17.26 22.44 57.40
C6 NAG AA . 17.78 21.08 57.82
C7 NAG AA . 15.44 26.57 55.50
C8 NAG AA . 16.81 26.68 56.12
N2 NAG AA . 14.82 25.38 55.54
O3 NAG AA . 14.23 24.48 58.20
O4 NAG AA . 16.30 22.98 59.54
O5 NAG AA . 16.97 22.36 56.00
O6 NAG AA . 16.94 20.48 58.79
O7 NAG AA . 14.90 27.54 54.99
C1 NAG BA . 31.17 11.73 46.03
C2 NAG BA . 32.65 12.09 46.22
C3 NAG BA . 33.44 11.78 44.95
C4 NAG BA . 33.22 10.33 44.54
C5 NAG BA . 31.73 10.02 44.43
C6 NAG BA . 31.45 8.57 44.14
C7 NAG BA . 33.85 13.95 47.30
C8 NAG BA . 33.84 15.41 47.59
N2 NAG BA . 32.80 13.49 46.58
O3 NAG BA . 34.81 12.01 45.19
O4 NAG BA . 33.84 10.07 43.29
O5 NAG BA . 31.06 10.35 45.65
O6 NAG BA . 30.62 8.00 45.16
O7 NAG BA . 34.74 13.20 47.68
C1 NAG CA . 27.73 20.77 53.10
C2 NAG CA . 27.85 20.23 54.51
C3 NAG CA . 28.78 21.12 55.33
C4 NAG CA . 30.11 21.28 54.62
C5 NAG CA . 29.91 21.72 53.17
C6 NAG CA . 31.20 21.72 52.38
C7 NAG CA . 25.70 21.08 55.39
C8 NAG CA . 24.41 20.71 56.06
N2 NAG CA . 26.56 20.08 55.15
O3 NAG CA . 28.97 20.54 56.62
O4 NAG CA . 30.91 22.24 55.31
O5 NAG CA . 29.02 20.83 52.49
O6 NAG CA . 31.48 20.42 51.88
O7 NAG CA . 25.95 22.24 55.06
C1 NAG DA . 4.03 17.74 36.54
C2 NAG DA . 4.09 17.84 35.02
C3 NAG DA . 2.92 18.68 34.50
C4 NAG DA . 1.61 18.12 35.01
C5 NAG DA . 1.64 18.02 36.53
C6 NAG DA . 0.41 17.37 37.11
C7 NAG DA . 6.10 17.94 33.60
C8 NAG DA . 5.55 16.73 32.91
N2 NAG DA . 5.36 18.43 34.60
O3 NAG DA . 2.93 18.67 33.08
O4 NAG DA . 0.53 18.96 34.62
O5 NAG DA . 2.76 17.21 36.93
O6 NAG DA . 0.69 16.05 37.56
O7 NAG DA . 7.17 18.45 33.28
C10 5VG EA . 25.17 -1.18 40.11
C13 5VG EA . 25.37 -1.57 36.22
C15 5VG EA . 24.89 0.23 34.55
C17 5VG EA . 24.00 1.40 34.17
C20 5VG EA . 23.39 3.29 32.55
C21 5VG EA . 22.67 4.06 33.43
C22 5VG EA . 21.88 5.10 32.97
C24 5VG EA . 21.81 5.37 31.63
C26 5VG EA . 22.52 4.60 30.73
N 5VG EA . 23.01 -1.32 42.15
C 5VG EA . 21.86 -1.73 42.94
C00 5VG EA . 23.79 -2.47 41.75
CL25 5VG EA . 20.79 6.71 31.04
N01 5VG EA . 27.76 -1.76 34.54
C02 5VG EA . 27.29 -2.73 33.58
N03 5VG EA . 26.36 -3.77 33.99
C04 5VG EA . 25.92 -3.83 35.37
C05 5VG EA . 24.81 -2.79 35.59
C06 5VG EA . 23.81 -3.29 36.59
C07 5VG EA . 24.16 -2.66 37.97
C08 5VG EA . 23.73 -2.94 39.26
C09 5VG EA . 24.24 -2.20 40.33
C11 5VG EA . 25.60 -0.91 38.82
C12 5VG EA . 25.10 -1.66 37.76
N14 5VG EA . 24.59 -0.46 35.78
O16 5VG EA . 25.81 -0.09 33.87
O18 5VG EA . 23.11 1.66 34.91
N19 5VG EA . 24.23 2.17 32.97
C27 5VG EA . 23.32 3.57 31.20
N28 5VG EA . 27.70 -2.66 32.41
F23 5VG EA . 21.18 5.86 33.85
C1 NAG FA . -51.96 -16.04 -1.72
C2 NAG FA . -51.48 -17.49 -1.66
C3 NAG FA . -52.22 -18.33 -2.68
C4 NAG FA . -53.73 -18.21 -2.45
C5 NAG FA . -54.14 -16.74 -2.47
C6 NAG FA . -55.59 -16.55 -2.08
C7 NAG FA . -49.20 -18.07 -0.96
C8 NAG FA . -47.76 -18.09 -1.34
N2 NAG FA . -50.04 -17.57 -1.88
O3 NAG FA . -51.81 -19.68 -2.59
O4 NAG FA . -54.44 -18.93 -3.45
O5 NAG FA . -53.37 -16.00 -1.52
O6 NAG FA . -55.80 -16.87 -0.71
O7 NAG FA . -49.61 -18.48 0.12
C1 NAG GA . -25.51 17.76 -28.10
C2 NAG GA . -24.66 16.68 -28.85
C3 NAG GA . -25.47 15.89 -29.89
C4 NAG GA . -26.86 15.50 -29.41
C5 NAG GA . -27.55 16.77 -28.93
C6 NAG GA . -28.96 16.53 -28.45
C7 NAG GA . -22.34 17.54 -28.92
C8 NAG GA . -21.31 18.18 -29.80
N2 NAG GA . -23.52 17.30 -29.50
O3 NAG GA . -24.75 14.70 -30.22
O4 NAG GA . -27.60 14.94 -30.48
O5 NAG GA . -26.80 17.24 -27.82
O6 NAG GA . -29.77 17.67 -28.70
O7 NAG GA . -22.11 17.24 -27.75
C1 NAG HA . -26.62 24.80 -30.11
C2 NAG HA . -25.56 24.47 -31.15
C3 NAG HA . -25.32 25.68 -32.04
C4 NAG HA . -26.62 26.12 -32.68
C5 NAG HA . -27.68 26.36 -31.61
C6 NAG HA . -29.04 26.66 -32.18
C7 NAG HA . -24.11 22.80 -30.10
C8 NAG HA . -22.77 22.53 -29.48
N2 NAG HA . -24.31 24.05 -30.52
O3 NAG HA . -24.38 25.34 -33.05
O4 NAG HA . -26.43 27.33 -33.41
O5 NAG HA . -27.83 25.19 -30.78
O6 NAG HA . -28.91 27.39 -33.40
O7 NAG HA . -24.96 21.93 -30.20
C1 NAG IA . -45.71 22.99 -28.93
C2 NAG IA . -46.68 21.81 -29.04
C3 NAG IA . -48.02 22.25 -29.60
C4 NAG IA . -48.56 23.42 -28.78
C5 NAG IA . -47.52 24.53 -28.65
C6 NAG IA . -47.96 25.63 -27.72
C7 NAG IA . -45.69 20.60 -31.04
C8 NAG IA . -45.77 21.85 -31.88
N2 NAG IA . -46.12 20.66 -29.77
O3 NAG IA . -48.93 21.17 -29.56
O4 NAG IA . -49.73 23.95 -29.40
O5 NAG IA . -46.29 24.00 -28.11
O6 NAG IA . -49.07 25.22 -26.95
O7 NAG IA . -45.24 19.56 -31.50
C1 NAG JA . -61.58 14.13 -16.57
C2 NAG JA . -62.71 13.11 -16.66
C3 NAG JA . -62.17 11.79 -17.22
C4 NAG JA . -61.47 12.04 -18.55
C5 NAG JA . -60.40 13.11 -18.39
C6 NAG JA . -59.74 13.49 -19.69
C7 NAG JA . -64.29 13.69 -14.88
C8 NAG JA . -64.82 13.33 -13.53
N2 NAG JA . -63.33 12.90 -15.36
O3 NAG JA . -63.23 10.86 -17.39
O4 NAG JA . -60.88 10.84 -19.02
O5 NAG JA . -60.99 14.31 -17.86
O6 NAG JA . -59.18 14.80 -19.62
O7 NAG JA . -64.69 14.67 -15.50
C1 NAG KA . -37.58 35.90 -15.79
C2 NAG KA . -37.66 37.42 -15.73
C3 NAG KA . -36.28 38.03 -15.91
C4 NAG KA . -35.33 37.46 -14.88
C5 NAG KA . -35.33 35.93 -14.95
C6 NAG KA . -34.52 35.30 -13.84
C7 NAG KA . -39.48 38.89 -16.45
C8 NAG KA . -40.35 39.32 -17.60
N2 NAG KA . -38.58 37.93 -16.73
O3 NAG KA . -36.37 39.43 -15.78
O4 NAG KA . -34.01 37.95 -15.11
O5 NAG KA . -36.67 35.44 -14.81
O6 NAG KA . -35.21 35.42 -12.60
O7 NAG KA . -39.57 39.39 -15.33
C1 NAG LA . -42.89 33.60 -24.46
C2 NAG LA . -44.03 34.41 -23.86
C3 NAG LA . -44.51 35.46 -24.85
C4 NAG LA . -43.34 36.31 -25.32
C5 NAG LA . -42.20 35.43 -25.83
C6 NAG LA . -40.96 36.21 -26.16
C7 NAG LA . -45.84 32.77 -24.26
C8 NAG LA . -46.94 31.98 -23.63
N2 NAG LA . -45.14 33.56 -23.44
O3 NAG LA . -45.50 36.28 -24.24
O4 NAG LA . -43.76 37.16 -26.37
O5 NAG LA . -41.82 34.48 -24.82
O6 NAG LA . -39.82 35.69 -25.48
O7 NAG LA . -45.59 32.70 -25.46
C1 NAG MA . -29.02 9.63 -20.34
C2 NAG MA . -29.38 8.26 -20.90
C3 NAG MA . -28.63 7.18 -20.12
C4 NAG MA . -27.14 7.47 -20.20
C5 NAG MA . -26.86 8.86 -19.65
C6 NAG MA . -25.38 9.19 -19.76
C7 NAG MA . -31.36 6.83 -20.88
C8 NAG MA . -32.28 6.46 -19.75
N2 NAG MA . -30.81 8.04 -20.80
O3 NAG MA . -28.84 5.89 -20.69
O4 NAG MA . -26.43 6.50 -19.41
O5 NAG MA . -27.61 9.83 -20.40
O6 NAG MA . -25.00 9.24 -21.14
O7 NAG MA . -31.13 6.08 -21.81
C10 5VG NA . -33.42 28.15 -0.50
C13 5VG NA . -29.67 27.17 -0.14
C15 5VG NA . -28.00 26.50 -1.83
C17 5VG NA . -27.58 25.73 -3.05
C20 5VG NA . -25.62 25.22 -4.67
C21 5VG NA . -26.24 24.22 -5.36
C22 5VG NA . -25.60 23.62 -6.41
C24 5VG NA . -24.34 24.00 -6.79
C26 5VG NA . -23.72 24.99 -6.10
N 5VG NA . -36.04 27.90 -0.47
C 5VG NA . -37.45 28.04 -0.14
C00 5VG NA . -35.42 27.04 0.52
CL25 5VG NA . -23.55 23.20 -8.16
N01 5VG NA . -26.98 28.33 1.18
C02 5VG NA . -26.90 27.53 2.38
N03 5VG NA . -28.11 27.02 2.94
C04 5VG NA . -29.33 27.34 2.26
C05 5VG NA . -29.34 26.39 1.07
C06 5VG NA . -30.52 25.50 1.21
C07 5VG NA . -31.72 26.32 0.70
C08 5VG NA . -33.08 26.23 0.91
C09 5VG NA . -33.93 27.13 0.31
C11 5VG NA . -32.06 28.25 -0.71
C12 5VG NA . -31.21 27.34 -0.11
N14 5VG NA . -29.34 26.41 -1.30
O16 5VG NA . -27.22 27.20 -1.29
O18 5VG NA . -28.37 25.03 -3.59
N19 5VG NA . -26.22 25.88 -3.53
C27 5VG NA . -24.35 25.60 -5.05
N28 5VG NA . -25.82 27.27 2.92
F23 5VG NA . -26.22 22.63 -7.11
C1 NAG OA . -51.05 -2.96 24.38
C2 NAG OA . -52.37 -2.95 23.64
C3 NAG OA . -52.58 -1.60 22.96
C4 NAG OA . -52.43 -0.47 23.97
C5 NAG OA . -51.11 -0.61 24.74
C6 NAG OA . -50.98 0.40 25.86
C7 NAG OA . -53.59 -4.46 22.13
C8 NAG OA . -53.46 -5.58 21.15
N2 NAG OA . -52.44 -4.03 22.68
O3 NAG OA . -53.87 -1.55 22.37
O4 NAG OA . -52.44 0.78 23.29
O5 NAG OA . -51.02 -1.90 25.34
O6 NAG OA . -50.95 -0.24 27.13
O7 NAG OA . -54.66 -3.96 22.43
C1 NAG PA . 2.48 -47.68 13.05
C2 NAG PA . 2.22 -47.15 14.43
C3 NAG PA . 3.31 -47.61 15.37
C4 NAG PA . 3.39 -49.12 15.36
C5 NAG PA . 3.52 -49.65 13.94
C6 NAG PA . 3.38 -51.15 13.87
C7 NAG PA . 1.22 -45.06 15.22
C8 NAG PA . 1.22 -43.57 15.11
N2 NAG PA . 2.10 -45.71 14.43
O3 NAG PA . 3.03 -47.13 16.69
O4 NAG PA . 4.52 -49.56 16.13
O5 NAG PA . 2.50 -49.10 13.09
O6 NAG PA . 2.12 -51.57 14.39
O7 NAG PA . 0.49 -45.66 15.98
C1 NAG QA . 4.34 -48.19 -11.05
C2 NAG QA . 4.44 -49.09 -12.26
C3 NAG QA . 3.23 -50.00 -12.34
C4 NAG QA . 3.08 -50.78 -11.04
C5 NAG QA . 3.06 -49.80 -9.87
C6 NAG QA . 3.00 -50.50 -8.53
C7 NAG QA . 5.72 -48.06 -14.09
C8 NAG QA . 6.93 -48.67 -13.47
N2 NAG QA . 4.56 -48.29 -13.47
O3 NAG QA . 3.39 -50.91 -13.43
O4 NAG QA . 1.87 -51.52 -11.05
O5 NAG QA . 4.23 -48.99 -9.88
O6 NAG QA . 1.97 -51.48 -8.51
O7 NAG QA . 5.78 -47.37 -15.10
C1 NAG RA . 29.45 -23.59 -21.50
C2 NAG RA . 30.59 -24.39 -20.85
C3 NAG RA . 30.92 -23.81 -19.48
C4 NAG RA . 31.24 -22.34 -19.60
C5 NAG RA . 30.08 -21.61 -20.26
C6 NAG RA . 30.37 -20.15 -20.50
C7 NAG RA . 30.32 -26.64 -21.76
C8 NAG RA . 29.91 -28.05 -21.47
N2 NAG RA . 30.23 -25.79 -20.73
O3 NAG RA . 32.04 -24.50 -18.95
O4 NAG RA . 31.44 -21.77 -18.31
O5 NAG RA . 29.82 -22.19 -21.55
O6 NAG RA . 31.03 -19.95 -21.73
O7 NAG RA . 30.72 -26.29 -22.86
C1 NAG SA . 31.67 -25.40 -28.65
C2 NAG SA . 32.52 -24.43 -27.81
C3 NAG SA . 33.22 -23.41 -28.70
C4 NAG SA . 34.04 -24.12 -29.77
C5 NAG SA . 33.12 -25.03 -30.58
C6 NAG SA . 33.89 -25.87 -31.57
C7 NAG SA . 30.79 -22.89 -26.76
C8 NAG SA . 30.27 -22.51 -28.11
N2 NAG SA . 31.80 -23.79 -26.71
O3 NAG SA . 34.07 -22.59 -27.90
O4 NAG SA . 34.63 -23.16 -30.63
O5 NAG SA . 32.46 -25.95 -29.71
O6 NAG SA . 34.58 -26.92 -30.92
O7 NAG SA . 30.31 -22.43 -25.73
C1 NAG TA . 18.15 -60.21 -15.73
C2 NAG TA . 19.63 -60.51 -15.97
C3 NAG TA . 20.35 -60.66 -14.63
C4 NAG TA . 20.10 -59.45 -13.74
C5 NAG TA . 18.61 -59.15 -13.64
C6 NAG TA . 18.32 -57.87 -12.90
C7 NAG TA . 19.38 -62.91 -16.48
C8 NAG TA . 19.67 -63.99 -17.47
N2 NAG TA . 19.81 -61.69 -16.80
O3 NAG TA . 21.74 -60.83 -14.87
O4 NAG TA . 20.61 -59.70 -12.44
O5 NAG TA . 18.04 -59.03 -14.94
O6 NAG TA . 17.02 -57.37 -13.24
O7 NAG TA . 18.79 -63.14 -15.42
C1 NAG UA . 17.81 -38.34 -39.10
C2 NAG UA . 18.07 -38.36 -40.61
C3 NAG UA . 18.47 -36.96 -41.09
C4 NAG UA . 17.41 -35.96 -40.69
C5 NAG UA . 17.18 -36.03 -39.18
C6 NAG UA . 16.06 -35.13 -38.71
C7 NAG UA . 19.22 -39.84 -42.18
C8 NAG UA . 20.34 -40.82 -42.37
N2 NAG UA . 19.10 -39.32 -40.96
O3 NAG UA . 18.63 -36.97 -42.49
O4 NAG UA . 17.81 -34.64 -41.05
O5 NAG UA . 16.82 -37.37 -38.81
O6 NAG UA . 16.57 -33.93 -38.16
O7 NAG UA . 18.46 -39.53 -43.09
C1 NAG VA . 26.31 -42.11 -36.16
C2 NAG VA . 25.96 -42.73 -37.51
C3 NAG VA . 27.23 -43.21 -38.23
C4 NAG VA . 28.25 -42.08 -38.29
C5 NAG VA . 28.50 -41.52 -36.89
C6 NAG VA . 29.40 -40.33 -36.88
C7 NAG VA . 24.28 -44.32 -38.34
C8 NAG VA . 23.38 -45.47 -37.99
N2 NAG VA . 25.03 -43.84 -37.34
O3 NAG VA . 26.91 -43.63 -39.55
O4 NAG VA . 29.48 -42.59 -38.81
O5 NAG VA . 27.25 -41.08 -36.35
O6 NAG VA . 28.88 -39.29 -36.06
O7 NAG VA . 24.32 -43.85 -39.47
C1 NAG WA . 22.06 -26.88 -12.78
C2 NAG WA . 21.60 -25.52 -12.31
C3 NAG WA . 22.59 -24.93 -11.31
C4 NAG WA . 22.76 -25.91 -10.15
C5 NAG WA . 23.23 -27.24 -10.69
C6 NAG WA . 23.39 -28.30 -9.62
C7 NAG WA . 20.85 -23.45 -13.38
C8 NAG WA . 20.79 -22.65 -14.63
N2 NAG WA . 21.47 -24.62 -13.46
O3 NAG WA . 22.09 -23.70 -10.81
O4 NAG WA . 23.73 -25.41 -9.23
O5 NAG WA . 22.26 -27.74 -11.63
O6 NAG WA . 24.16 -27.78 -8.55
O7 NAG WA . 20.35 -23.05 -12.32
C10 5VG XA . 2.60 -33.32 -31.54
C13 5VG XA . 1.96 -29.48 -31.24
C15 5VG XA . 3.42 -27.57 -30.86
C17 5VG XA . 4.60 -26.88 -30.21
C20 5VG XA . 6.01 -24.77 -29.96
C21 5VG XA . 7.15 -25.36 -29.48
C22 5VG XA . 8.14 -24.57 -28.96
C24 5VG XA . 8.04 -23.22 -28.90
C26 5VG XA . 6.92 -22.62 -29.38
N 5VG XA . 1.58 -35.52 -29.25
C 5VG XA . 0.97 -36.77 -28.85
C00 5VG XA . 1.20 -35.20 -30.62
CL25 5VG XA . 9.37 -22.27 -28.21
N01 5VG XA . -1.20 -26.78 -33.76
C02 5VG XA . -0.98 -26.33 -32.42
N03 5VG XA . -0.45 -27.21 -31.43
C04 5VG XA . -0.13 -28.56 -31.80
C05 5VG XA . 0.71 -29.01 -30.63
C06 5VG XA . 0.06 -30.19 -30.03
C07 5VG XA . 0.83 -31.45 -30.49
C08 5VG XA . 0.60 -32.79 -30.31
C09 5VG XA . 1.47 -33.72 -30.82
C11 5VG XA . 2.83 -31.96 -31.72
C12 5VG XA . 1.96 -31.03 -31.19
N14 5VG XA . 3.09 -28.94 -30.56
O16 5VG XA . 2.75 -27.00 -31.62
O18 5VG XA . 5.25 -27.48 -29.46
N19 5VG XA . 4.89 -25.51 -30.54
C27 5VG XA . 5.91 -23.40 -29.91
N28 5VG XA . -1.24 -25.17 -32.06
F23 5VG XA . 9.28 -25.12 -28.47
C1 NAG YA . -15.73 -63.69 12.10
C2 NAG YA . -15.47 -64.08 10.65
C3 NAG YA . -14.92 -65.50 10.55
C4 NAG YA . -13.69 -65.65 11.45
C5 NAG YA . -14.07 -65.30 12.88
C6 NAG YA . -12.90 -65.33 13.82
C7 NAG YA . -16.70 -63.84 8.54
C8 NAG YA . -18.05 -63.73 7.90
N2 NAG YA . -16.70 -63.96 9.87
O3 NAG YA . -14.56 -65.78 9.21
O4 NAG YA . -13.20 -66.99 11.41
O5 NAG YA . -14.56 -63.96 12.90
O6 NAG YA . -12.04 -64.22 13.62
O7 NAG YA . -15.66 -63.83 7.88
C1 NAG ZA . -20.14 -48.36 -4.93
C2 NAG ZA . -19.79 -49.80 -5.28
C3 NAG ZA . -18.93 -49.85 -6.54
C4 NAG ZA . -19.62 -49.08 -7.67
C5 NAG ZA . -20.02 -47.68 -7.20
C6 NAG ZA . -20.83 -46.93 -8.23
C7 NAG ZA . -19.75 -50.99 -3.13
C8 NAG ZA . -18.88 -51.64 -2.10
N2 NAG ZA . -19.11 -50.46 -4.18
O3 NAG ZA . -18.73 -51.20 -6.92
O4 NAG ZA . -18.73 -48.96 -8.77
O5 NAG ZA . -20.82 -47.77 -6.02
O6 NAG ZA . -20.16 -46.88 -9.48
O7 NAG ZA . -20.96 -50.94 -3.01
#